data_5ZSB
#
_entry.id   5ZSB
#
_cell.length_a   98.916
_cell.length_b   139.226
_cell.length_c   149.995
_cell.angle_alpha   90.00
_cell.angle_beta   90.00
_cell.angle_gamma   90.00
#
_symmetry.space_group_name_H-M   'P 21 21 21'
#
loop_
_entity.id
_entity.type
_entity.pdbx_description
1 polymer 'Toll-like receptor 7'
2 polymer "RNA (5'-R(*AP*UP*UP*AP*A)-3')"
3 branched 2-acetamido-2-deoxy-beta-D-glucopyranose-(1-4)-2-acetamido-2-deoxy-beta-D-glucopyranose
4 non-polymer 2-acetamido-2-deoxy-beta-D-glucopyranose
5 non-polymer 1-[[4-(aminomethyl)phenyl]methyl]-2-butyl-imidazo[4,5-c]quinolin-4-amine
6 non-polymer 'SULFATE ION'
7 water water
#
loop_
_entity_poly.entity_id
_entity_poly.type
_entity_poly.pdbx_seq_one_letter_code
_entity_poly.pdbx_strand_id
1 'polypeptide(L)'
;RSPWARWFPKTLPCDVTLDVSKNHVIVDCTDKHLTEIPGGIPTNTTNLTLTINHIPDISPASFHRLVHLVEIDFRCNCVP
IRLGSKSNMCPRRLQIKPRSFSGLTYLKSLYLDGNQLLEIPQGLPPSLQLLSLEANNIFSIRKEQLTELANIEILYLGQN
CYYRNPCYVSYSIEKDAFLNLTKLKVLSLKDNNVTTVPTVLPSTLTELYLYNNMIAEIQEDDFNNLNQLQILDLSGNCPR
CYNAPFPCTPCKNNSPLQIPVNAFDALTELKVLRLHSNSLQHVPPRWFKNINNLQELDLSQNFLAKEIGDAKFLHFLPNL
IQLDLSFNFELQVYRASMNLSQAFSSLKSLKILRIRGYVFKELKSFQLSPLHNLQNLEVLDLGTNFIKIANLSMFKQFKR
LKVIDLSVNKISPSGDSLVPRGSSNARTSVESYEPQVLEQLYYFRYDKYARSCRFKNKEASFTSVQESCYKYGQTLDLSK
NSIFFIKSSDFQHLSFLKCLNLSGNLISQTLNGSEFQPLAELRYLDFSNNRLDLLHSTAFEELRKLEVLDISSNSHYFQS
EGITHMLNFTKNLKVLQKLMMNDNDISSSTSRTMESESLRTLEFRGNHLDVLWRDGDNRYLQLFKNLLKLEELDISKNSL
SFLPSGVFDGMPPNLKNLSLAKNGLKSFIWEKLRYLKNLETLDLSHNQLTTVPERLSNCSRSLKNLILKNNQIRSLTKYF
LQDAFQLRYLDLSSNKIQMIQKTSFPENVLNNLKMLLLHHNRFLCTCDAVWFVWWVQHTEVTIPYLATDVTCVGPGAHKG
QSVISLDLYTCELDLTNEFLVPR
;
B,A
2 'polyribonucleotide' AAUUAA C,D
#
# COMPACT_ATOMS: atom_id res chain seq x y z
N ALA A 5 -18.93 39.79 13.24
CA ALA A 5 -18.94 40.51 11.97
C ALA A 5 -20.18 40.08 11.14
N ARG A 6 -20.99 39.19 11.70
CA ARG A 6 -22.23 38.73 11.08
C ARG A 6 -23.35 38.94 12.08
N TRP A 7 -24.41 39.61 11.65
CA TRP A 7 -25.52 39.82 12.58
C TRP A 7 -26.50 38.66 12.58
N PHE A 8 -26.60 37.92 11.46
CA PHE A 8 -27.48 36.76 11.34
C PHE A 8 -26.71 35.56 10.82
N PRO A 9 -26.35 34.61 11.69
CA PRO A 9 -25.59 33.44 11.24
C PRO A 9 -26.36 32.60 10.23
N LYS A 10 -25.63 32.04 9.25
CA LYS A 10 -26.26 31.16 8.28
C LYS A 10 -26.41 29.78 8.91
N THR A 11 -27.64 29.30 8.92
CA THR A 11 -28.04 28.07 9.55
C THR A 11 -28.48 27.00 8.55
N LEU A 12 -28.80 27.39 7.32
CA LEU A 12 -29.28 26.48 6.31
C LEU A 12 -28.15 25.53 5.90
N PRO A 13 -28.41 24.20 5.80
CA PRO A 13 -27.33 23.23 5.56
C PRO A 13 -26.82 23.19 4.13
N CYS A 14 -26.93 24.30 3.39
CA CYS A 14 -26.60 24.36 1.98
C CYS A 14 -25.62 25.50 1.70
N ASP A 15 -24.73 25.28 0.73
CA ASP A 15 -23.80 26.33 0.32
C ASP A 15 -24.56 27.33 -0.54
N VAL A 16 -24.70 28.57 -0.04
CA VAL A 16 -25.37 29.64 -0.75
C VAL A 16 -24.32 30.54 -1.38
N THR A 17 -24.58 30.99 -2.60
CA THR A 17 -23.60 31.68 -3.42
C THR A 17 -24.32 32.66 -4.33
N LEU A 18 -23.70 33.81 -4.58
CA LEU A 18 -24.29 34.86 -5.41
C LEU A 18 -23.39 35.16 -6.59
N ASP A 19 -23.96 35.10 -7.79
CA ASP A 19 -23.30 35.57 -9.00
C ASP A 19 -24.15 36.73 -9.50
N VAL A 20 -23.88 37.93 -8.98
CA VAL A 20 -24.77 39.07 -9.21
C VAL A 20 -24.71 39.53 -10.67
N SER A 21 -23.65 39.19 -11.39
CA SER A 21 -23.59 39.48 -12.82
C SER A 21 -24.74 38.81 -13.57
N LYS A 22 -24.85 37.48 -13.45
CA LYS A 22 -25.91 36.70 -14.07
C LYS A 22 -27.14 36.60 -13.18
N ASN A 23 -27.25 37.44 -12.15
CA ASN A 23 -28.28 37.38 -11.12
C ASN A 23 -28.75 35.97 -10.80
N HIS A 24 -27.80 35.11 -10.44
CA HIS A 24 -28.05 33.78 -9.93
C HIS A 24 -27.76 33.78 -8.42
N VAL A 25 -28.67 33.22 -7.64
CA VAL A 25 -28.33 32.89 -6.26
C VAL A 25 -28.37 31.36 -6.16
N ILE A 26 -27.21 30.78 -5.92
CA ILE A 26 -26.97 29.34 -6.02
C ILE A 26 -27.11 28.75 -4.64
N VAL A 27 -27.94 27.73 -4.52
CA VAL A 27 -28.16 27.04 -3.27
C VAL A 27 -27.84 25.57 -3.53
N ASP A 28 -26.73 25.07 -2.97
CA ASP A 28 -26.25 23.72 -3.25
C ASP A 28 -26.35 22.85 -2.01
N CYS A 29 -27.42 22.05 -1.93
CA CYS A 29 -27.61 21.10 -0.86
C CYS A 29 -27.20 19.69 -1.27
N THR A 30 -26.16 19.57 -2.09
CA THR A 30 -25.75 18.25 -2.54
C THR A 30 -25.29 17.41 -1.35
N ASP A 31 -25.85 16.21 -1.21
CA ASP A 31 -25.38 15.24 -0.24
C ASP A 31 -25.28 15.85 1.17
N LYS A 32 -26.45 16.15 1.73
CA LYS A 32 -26.55 16.68 3.09
C LYS A 32 -27.44 15.80 3.97
N HIS A 33 -27.62 14.53 3.59
CA HIS A 33 -28.47 13.59 4.33
C HIS A 33 -29.81 14.19 4.71
N LEU A 34 -30.42 14.89 3.76
CA LEU A 34 -31.69 15.55 3.99
C LEU A 34 -32.84 14.61 3.73
N THR A 35 -33.86 14.70 4.59
CA THR A 35 -35.11 13.98 4.44
C THR A 35 -36.27 14.90 4.09
N GLU A 36 -36.04 16.21 4.07
CA GLU A 36 -37.03 17.14 3.54
C GLU A 36 -36.27 18.34 3.02
N ILE A 37 -36.92 19.12 2.16
CA ILE A 37 -36.26 20.32 1.66
C ILE A 37 -36.07 21.21 2.87
N PRO A 38 -34.85 21.60 3.20
CA PRO A 38 -34.64 22.42 4.41
C PRO A 38 -35.41 23.72 4.29
N GLY A 39 -35.93 24.18 5.42
CA GLY A 39 -36.59 25.46 5.44
C GLY A 39 -35.60 26.61 5.39
N GLY A 40 -36.08 27.75 4.90
CA GLY A 40 -35.27 28.94 4.90
C GLY A 40 -34.41 29.13 3.68
N ILE A 41 -34.73 28.48 2.56
CA ILE A 41 -34.00 28.74 1.31
C ILE A 41 -34.36 30.13 0.81
N PRO A 42 -33.37 30.94 0.39
CA PRO A 42 -33.66 32.32 -0.02
C PRO A 42 -34.74 32.39 -1.08
N THR A 43 -35.71 33.29 -0.91
CA THR A 43 -36.78 33.34 -1.91
C THR A 43 -36.24 33.78 -3.26
N ASN A 44 -35.19 34.59 -3.26
CA ASN A 44 -34.53 34.92 -4.52
C ASN A 44 -33.80 33.68 -5.19
N THR A 45 -33.95 32.43 -4.73
CA THR A 45 -33.17 31.31 -5.25
C THR A 45 -33.47 31.05 -6.73
N THR A 46 -32.42 31.06 -7.55
CA THR A 46 -32.48 30.69 -8.96
C THR A 46 -32.12 29.22 -9.18
N ASN A 47 -30.88 28.80 -8.85
CA ASN A 47 -30.41 27.42 -8.96
C ASN A 47 -30.40 26.73 -7.58
N LEU A 48 -31.22 25.69 -7.42
CA LEU A 48 -31.28 24.87 -6.22
C LEU A 48 -30.90 23.42 -6.53
N THR A 49 -29.84 22.91 -5.89
CA THR A 49 -29.43 21.52 -6.07
C THR A 49 -29.65 20.71 -4.81
N LEU A 50 -30.35 19.59 -4.94
CA LEU A 50 -30.72 18.71 -3.85
C LEU A 50 -30.36 17.25 -4.16
N THR A 51 -29.35 17.03 -4.99
CA THR A 51 -28.98 15.67 -5.38
C THR A 51 -28.38 14.92 -4.20
N ILE A 52 -28.63 13.61 -4.20
CA ILE A 52 -28.11 12.69 -3.19
C ILE A 52 -28.63 13.10 -1.84
N ASN A 53 -29.93 12.98 -1.65
CA ASN A 53 -30.55 13.12 -0.36
C ASN A 53 -31.63 12.08 -0.34
N HIS A 54 -32.51 12.13 0.64
CA HIS A 54 -33.56 11.14 0.77
C HIS A 54 -34.88 11.82 1.05
N ILE A 55 -35.15 12.86 0.27
CA ILE A 55 -36.40 13.59 0.31
C ILE A 55 -37.45 12.72 -0.37
N PRO A 56 -38.45 12.22 0.35
CA PRO A 56 -39.34 11.19 -0.21
C PRO A 56 -40.41 11.71 -1.16
N ASP A 57 -40.68 13.01 -1.20
CA ASP A 57 -41.81 13.49 -1.98
C ASP A 57 -41.59 14.95 -2.33
N ILE A 58 -42.26 15.36 -3.40
CA ILE A 58 -42.32 16.75 -3.84
C ILE A 58 -43.79 17.14 -3.89
N SER A 59 -44.09 18.35 -3.48
CA SER A 59 -45.45 18.85 -3.39
C SER A 59 -45.43 20.33 -3.72
N PRO A 60 -46.59 20.97 -3.86
CA PRO A 60 -46.61 22.43 -4.05
C PRO A 60 -45.86 23.20 -2.96
N ALA A 61 -45.84 22.68 -1.73
CA ALA A 61 -45.04 23.29 -0.67
C ALA A 61 -43.54 23.19 -0.92
N SER A 62 -43.11 22.28 -1.80
CA SER A 62 -41.69 22.07 -2.02
C SER A 62 -41.00 23.35 -2.48
N PHE A 63 -41.56 24.00 -3.51
CA PHE A 63 -40.95 25.20 -4.07
C PHE A 63 -41.85 26.42 -3.93
N HIS A 64 -42.74 26.40 -2.94
CA HIS A 64 -43.84 27.37 -2.84
C HIS A 64 -43.37 28.82 -2.94
N ARG A 65 -42.40 29.21 -2.12
CA ARG A 65 -41.99 30.61 -2.15
C ARG A 65 -40.92 30.90 -3.20
N LEU A 66 -40.38 29.89 -3.88
CA LEU A 66 -39.19 30.03 -4.71
C LEU A 66 -39.54 30.23 -6.17
N VAL A 67 -40.28 31.31 -6.46
CA VAL A 67 -40.85 31.47 -7.80
C VAL A 67 -39.86 32.03 -8.80
N HIS A 68 -38.61 32.25 -8.41
CA HIS A 68 -37.60 32.71 -9.35
C HIS A 68 -36.71 31.57 -9.81
N LEU A 69 -37.09 30.32 -9.52
CA LEU A 69 -36.25 29.16 -9.81
C LEU A 69 -36.10 28.99 -11.31
N VAL A 70 -34.86 29.05 -11.81
CA VAL A 70 -34.60 28.72 -13.20
C VAL A 70 -34.21 27.25 -13.37
N GLU A 71 -33.46 26.69 -12.42
CA GLU A 71 -32.95 25.32 -12.49
C GLU A 71 -33.22 24.62 -11.18
N ILE A 72 -33.76 23.39 -11.26
CA ILE A 72 -33.90 22.52 -10.10
C ILE A 72 -33.15 21.24 -10.40
N ASP A 73 -32.17 20.91 -9.57
CA ASP A 73 -31.41 19.67 -9.68
C ASP A 73 -31.85 18.78 -8.53
N PHE A 74 -32.74 17.84 -8.81
CA PHE A 74 -33.32 16.97 -7.80
C PHE A 74 -33.06 15.50 -8.14
N ARG A 75 -31.80 15.15 -8.41
CA ARG A 75 -31.44 13.79 -8.79
C ARG A 75 -31.13 12.90 -7.58
N CYS A 76 -31.32 11.59 -7.79
CA CYS A 76 -30.83 10.56 -6.88
C CYS A 76 -31.28 10.80 -5.43
N ASN A 77 -32.57 11.01 -5.27
CA ASN A 77 -33.20 10.88 -3.98
C ASN A 77 -33.92 9.54 -3.84
N CYS A 78 -33.84 8.70 -4.86
CA CYS A 78 -34.30 7.32 -4.80
C CYS A 78 -33.68 6.55 -5.95
N VAL A 79 -32.36 6.40 -5.93
CA VAL A 79 -31.67 5.80 -7.07
C VAL A 79 -32.04 4.31 -7.15
N PRO A 80 -32.22 3.77 -8.36
CA PRO A 80 -32.66 2.37 -8.47
C PRO A 80 -31.74 1.39 -7.78
N ILE A 81 -32.34 0.27 -7.37
CA ILE A 81 -31.76 -0.75 -6.50
C ILE A 81 -30.30 -1.08 -6.79
N ARG A 82 -29.98 -1.44 -8.05
CA ARG A 82 -28.64 -1.92 -8.38
C ARG A 82 -27.65 -0.78 -8.55
N LEU A 83 -28.13 0.44 -8.70
CA LEU A 83 -27.27 1.57 -8.99
C LEU A 83 -26.84 2.30 -7.73
N GLY A 84 -27.67 2.26 -6.70
CA GLY A 84 -27.47 3.06 -5.51
C GLY A 84 -26.74 2.34 -4.39
N SER A 85 -26.77 2.98 -3.22
CA SER A 85 -26.18 2.42 -2.02
C SER A 85 -26.82 1.07 -1.72
N LYS A 86 -25.98 0.11 -1.31
CA LYS A 86 -26.51 -1.12 -0.74
C LYS A 86 -26.67 -1.04 0.77
N SER A 87 -26.03 -0.06 1.41
CA SER A 87 -26.25 0.19 2.83
C SER A 87 -27.47 1.07 3.08
N ASN A 88 -27.86 1.89 2.10
CA ASN A 88 -29.00 2.80 2.23
C ASN A 88 -29.87 2.71 0.97
N MET A 89 -30.53 1.57 0.78
CA MET A 89 -31.43 1.43 -0.34
C MET A 89 -32.65 2.34 -0.17
N CYS A 90 -33.11 2.90 -1.28
CA CYS A 90 -34.33 3.71 -1.24
C CYS A 90 -35.56 2.81 -1.16
N PRO A 91 -36.44 3.04 -0.18
CA PRO A 91 -37.57 2.12 0.03
C PRO A 91 -38.69 2.25 -0.99
N ARG A 92 -38.98 3.47 -1.45
CA ARG A 92 -40.11 3.65 -2.35
C ARG A 92 -39.87 4.86 -3.23
N ARG A 93 -40.44 4.80 -4.44
CA ARG A 93 -40.23 5.80 -5.48
C ARG A 93 -40.41 7.19 -4.92
N LEU A 94 -39.73 8.15 -5.56
CA LEU A 94 -40.04 9.53 -5.26
C LEU A 94 -41.45 9.86 -5.71
N GLN A 95 -42.18 10.63 -4.90
CA GLN A 95 -43.57 10.97 -5.20
C GLN A 95 -43.67 12.44 -5.55
N ILE A 96 -44.23 12.72 -6.72
CA ILE A 96 -44.40 14.08 -7.17
C ILE A 96 -45.90 14.37 -7.13
N LYS A 97 -46.31 15.22 -6.20
CA LYS A 97 -47.72 15.48 -6.12
C LYS A 97 -48.12 16.50 -7.18
N PRO A 98 -49.39 16.49 -7.61
CA PRO A 98 -49.84 17.44 -8.65
C PRO A 98 -49.50 18.88 -8.34
N ARG A 99 -49.16 19.63 -9.39
CA ARG A 99 -48.97 21.08 -9.38
C ARG A 99 -47.64 21.44 -8.75
N SER A 100 -46.75 20.46 -8.53
CA SER A 100 -45.50 20.73 -7.81
C SER A 100 -44.61 21.68 -8.58
N PHE A 101 -44.75 21.74 -9.90
CA PHE A 101 -43.91 22.58 -10.74
C PHE A 101 -44.67 23.62 -11.54
N SER A 102 -45.98 23.47 -11.70
CA SER A 102 -46.71 24.35 -12.61
C SER A 102 -46.57 25.82 -12.20
N GLY A 103 -46.34 26.08 -10.92
CA GLY A 103 -46.14 27.44 -10.45
C GLY A 103 -44.79 28.06 -10.73
N LEU A 104 -43.77 27.28 -11.14
CA LEU A 104 -42.42 27.81 -11.32
C LEU A 104 -42.27 28.39 -12.72
N THR A 105 -42.80 29.60 -12.88
CA THR A 105 -42.99 30.21 -14.18
C THR A 105 -41.69 30.47 -14.94
N TYR A 106 -40.54 30.50 -14.27
CA TYR A 106 -39.27 30.79 -14.94
C TYR A 106 -38.37 29.58 -15.09
N LEU A 107 -38.86 28.39 -14.74
CA LEU A 107 -38.04 27.19 -14.65
C LEU A 107 -37.59 26.75 -16.04
N LYS A 108 -36.29 26.81 -16.31
CA LYS A 108 -35.73 26.39 -17.59
C LYS A 108 -35.11 25.00 -17.59
N SER A 109 -34.61 24.50 -16.45
CA SER A 109 -33.91 23.21 -16.39
C SER A 109 -34.40 22.41 -15.21
N LEU A 110 -34.72 21.14 -15.44
CA LEU A 110 -35.25 20.27 -14.39
C LEU A 110 -34.61 18.89 -14.51
N TYR A 111 -33.82 18.52 -13.51
CA TYR A 111 -33.19 17.20 -13.44
C TYR A 111 -33.91 16.34 -12.42
N LEU A 112 -34.49 15.22 -12.86
CA LEU A 112 -35.11 14.27 -11.96
C LEU A 112 -34.53 12.87 -12.12
N ASP A 113 -33.24 12.79 -12.48
CA ASP A 113 -32.61 11.49 -12.70
C ASP A 113 -32.46 10.71 -11.40
N GLY A 114 -32.46 9.39 -11.52
CA GLY A 114 -32.19 8.52 -10.38
C GLY A 114 -33.22 8.56 -9.26
N ASN A 115 -34.52 8.60 -9.58
CA ASN A 115 -35.57 8.65 -8.55
C ASN A 115 -36.60 7.53 -8.67
N GLN A 116 -36.38 6.56 -9.56
CA GLN A 116 -37.21 5.38 -9.68
C GLN A 116 -38.62 5.71 -10.20
N LEU A 117 -38.73 6.81 -10.93
CA LEU A 117 -40.03 7.21 -11.47
C LEU A 117 -40.52 6.25 -12.54
N LEU A 118 -41.85 6.14 -12.66
CA LEU A 118 -42.50 5.22 -13.56
C LEU A 118 -43.06 5.90 -14.80
N GLU A 119 -43.14 7.23 -14.81
CA GLU A 119 -43.85 7.96 -15.85
C GLU A 119 -43.28 9.36 -15.97
N ILE A 120 -43.46 9.94 -17.15
CA ILE A 120 -43.00 11.31 -17.37
C ILE A 120 -43.84 12.26 -16.53
N PRO A 121 -43.23 12.96 -15.57
CA PRO A 121 -44.01 13.86 -14.69
C PRO A 121 -44.71 14.96 -15.48
N GLN A 122 -45.98 15.18 -15.16
CA GLN A 122 -46.82 16.14 -15.84
C GLN A 122 -46.88 17.46 -15.08
N GLY A 123 -47.60 18.43 -15.64
CA GLY A 123 -47.64 19.71 -15.00
C GLY A 123 -46.36 20.49 -15.14
N LEU A 124 -45.57 20.24 -16.23
CA LEU A 124 -44.37 21.06 -16.15
C LEU A 124 -44.60 22.38 -16.85
N PRO A 125 -43.94 23.43 -16.38
CA PRO A 125 -44.16 24.75 -16.95
C PRO A 125 -43.63 24.84 -18.37
N PRO A 126 -44.26 25.66 -19.21
CA PRO A 126 -43.82 25.78 -20.61
C PRO A 126 -42.52 26.52 -20.77
N SER A 127 -41.91 26.99 -19.68
CA SER A 127 -40.64 27.67 -19.80
C SER A 127 -39.50 26.70 -19.99
N LEU A 128 -39.77 25.41 -19.81
CA LEU A 128 -38.75 24.40 -19.62
C LEU A 128 -38.03 24.09 -20.92
N GLN A 129 -36.70 24.20 -20.90
CA GLN A 129 -35.87 23.82 -22.03
C GLN A 129 -35.10 22.53 -21.85
N LEU A 130 -34.76 22.13 -20.61
CA LEU A 130 -34.02 20.90 -20.35
C LEU A 130 -34.78 20.07 -19.34
N LEU A 131 -35.06 18.81 -19.67
CA LEU A 131 -35.67 17.85 -18.75
C LEU A 131 -34.84 16.58 -18.78
N SER A 132 -34.48 16.07 -17.60
CA SER A 132 -33.59 14.93 -17.49
C SER A 132 -34.21 13.82 -16.64
N LEU A 133 -34.31 12.62 -17.20
CA LEU A 133 -34.98 11.52 -16.51
C LEU A 133 -34.16 10.23 -16.55
N GLU A 134 -32.83 10.34 -16.68
CA GLU A 134 -31.97 9.15 -16.70
C GLU A 134 -32.14 8.33 -15.42
N ALA A 135 -31.91 7.03 -15.51
CA ALA A 135 -31.86 6.14 -14.34
C ALA A 135 -33.18 6.12 -13.57
N ASN A 136 -34.27 6.34 -14.27
CA ASN A 136 -35.57 6.08 -13.71
C ASN A 136 -36.10 4.76 -14.29
N ASN A 137 -37.40 4.55 -14.21
CA ASN A 137 -38.05 3.32 -14.68
C ASN A 137 -39.14 3.63 -15.70
N ILE A 138 -38.85 4.55 -16.61
CA ILE A 138 -39.78 5.00 -17.64
C ILE A 138 -39.34 4.33 -18.92
N PHE A 139 -40.12 3.36 -19.43
CA PHE A 139 -39.70 2.63 -20.62
C PHE A 139 -40.82 2.49 -21.64
N SER A 140 -41.70 3.49 -21.70
CA SER A 140 -42.75 3.53 -22.72
C SER A 140 -43.13 5.00 -22.90
N ILE A 141 -42.86 5.54 -24.10
CA ILE A 141 -43.05 6.96 -24.39
C ILE A 141 -44.30 7.14 -25.25
N ARG A 142 -45.22 7.99 -24.79
CA ARG A 142 -46.47 8.27 -25.48
C ARG A 142 -46.57 9.74 -25.86
N LYS A 143 -47.03 10.01 -27.09
CA LYS A 143 -47.08 11.38 -27.59
C LYS A 143 -47.86 12.31 -26.67
N GLU A 144 -48.88 11.77 -25.96
CA GLU A 144 -49.66 12.60 -25.04
C GLU A 144 -48.82 13.09 -23.86
N GLN A 145 -48.04 12.19 -23.25
CA GLN A 145 -47.19 12.55 -22.13
C GLN A 145 -46.17 13.62 -22.50
N LEU A 146 -45.99 13.89 -23.80
CA LEU A 146 -45.00 14.83 -24.31
C LEU A 146 -45.58 16.15 -24.75
N THR A 147 -46.90 16.28 -24.76
CA THR A 147 -47.49 17.54 -25.19
C THR A 147 -46.97 18.70 -24.36
N GLU A 148 -46.91 18.51 -23.03
CA GLU A 148 -46.47 19.55 -22.10
C GLU A 148 -45.08 20.10 -22.40
N LEU A 149 -44.26 19.39 -23.17
CA LEU A 149 -42.87 19.80 -23.38
C LEU A 149 -42.66 20.60 -24.66
N ALA A 150 -43.66 21.42 -25.05
CA ALA A 150 -43.62 22.10 -26.35
C ALA A 150 -42.29 22.81 -26.59
N ASN A 151 -41.85 23.63 -25.64
CA ASN A 151 -40.64 24.41 -25.83
C ASN A 151 -39.37 23.65 -25.44
N ILE A 152 -39.42 22.34 -25.30
CA ILE A 152 -38.26 21.65 -24.79
C ILE A 152 -37.19 21.57 -25.87
N GLU A 153 -35.93 21.66 -25.45
CA GLU A 153 -34.82 21.59 -26.39
C GLU A 153 -33.88 20.45 -26.07
N ILE A 154 -33.78 20.03 -24.82
CA ILE A 154 -32.83 19.00 -24.38
C ILE A 154 -33.58 18.00 -23.52
N LEU A 155 -33.51 16.72 -23.91
CA LEU A 155 -34.33 15.68 -23.31
C LEU A 155 -33.48 14.42 -23.14
N TYR A 156 -33.22 14.05 -21.89
CA TYR A 156 -32.44 12.88 -21.53
C TYR A 156 -33.40 11.83 -20.96
N LEU A 157 -33.53 10.70 -21.65
CA LEU A 157 -34.40 9.62 -21.19
C LEU A 157 -33.66 8.30 -21.04
N GLY A 158 -32.33 8.29 -21.18
CA GLY A 158 -31.56 7.08 -21.20
C GLY A 158 -31.42 6.37 -19.85
N GLN A 159 -30.76 5.21 -19.91
CA GLN A 159 -30.44 4.39 -18.73
C GLN A 159 -31.68 4.01 -17.92
N ASN A 160 -32.84 3.96 -18.57
CA ASN A 160 -34.07 3.55 -17.92
C ASN A 160 -34.41 2.08 -18.13
N CYS A 161 -33.62 1.34 -18.92
CA CYS A 161 -33.89 -0.07 -19.13
C CYS A 161 -32.61 -0.70 -19.69
N TYR A 162 -31.75 -1.17 -18.79
CA TYR A 162 -30.51 -1.86 -19.18
C TYR A 162 -30.08 -2.75 -18.02
N TYR A 163 -28.93 -3.41 -18.18
CA TYR A 163 -28.62 -4.54 -17.31
C TYR A 163 -28.53 -4.13 -15.84
N ARG A 164 -27.98 -2.95 -15.55
CA ARG A 164 -27.94 -2.46 -14.19
C ARG A 164 -29.28 -1.91 -13.71
N ASN A 165 -30.26 -1.75 -14.60
CA ASN A 165 -31.56 -1.16 -14.25
C ASN A 165 -32.61 -1.70 -15.20
N PRO A 166 -32.93 -2.99 -15.10
CA PRO A 166 -33.78 -3.64 -16.11
C PRO A 166 -35.24 -3.21 -16.07
N CYS A 167 -35.88 -3.22 -17.25
CA CYS A 167 -37.32 -3.17 -17.35
C CYS A 167 -37.95 -4.45 -17.89
N TYR A 168 -37.15 -5.41 -18.35
CA TYR A 168 -37.63 -6.74 -18.70
C TYR A 168 -38.57 -6.77 -19.89
N VAL A 169 -38.71 -5.65 -20.61
CA VAL A 169 -39.44 -5.60 -21.87
C VAL A 169 -38.62 -4.75 -22.83
N SER A 170 -39.13 -4.60 -24.05
CA SER A 170 -38.54 -3.66 -24.98
C SER A 170 -39.02 -2.25 -24.69
N TYR A 171 -38.19 -1.30 -25.04
CA TYR A 171 -38.57 0.09 -25.00
C TYR A 171 -39.59 0.36 -26.11
N SER A 172 -40.62 1.15 -25.79
CA SER A 172 -41.71 1.47 -26.71
C SER A 172 -41.80 2.97 -26.89
N ILE A 173 -41.87 3.40 -28.14
CA ILE A 173 -42.01 4.82 -28.45
C ILE A 173 -43.12 4.92 -29.49
N GLU A 174 -44.16 5.70 -29.20
CA GLU A 174 -45.24 5.82 -30.15
C GLU A 174 -44.75 6.53 -31.40
N LYS A 175 -45.37 6.18 -32.53
CA LYS A 175 -45.09 6.84 -33.78
C LYS A 175 -45.21 8.35 -33.60
N ASP A 176 -44.24 9.08 -34.16
CA ASP A 176 -44.20 10.55 -34.09
C ASP A 176 -44.29 11.10 -32.66
N ALA A 177 -43.96 10.29 -31.65
CA ALA A 177 -44.00 10.77 -30.27
C ALA A 177 -43.33 12.14 -30.12
N PHE A 178 -42.18 12.34 -30.75
CA PHE A 178 -41.35 13.53 -30.59
C PHE A 178 -41.57 14.58 -31.64
N LEU A 179 -42.39 14.31 -32.66
CA LEU A 179 -42.38 15.13 -33.86
C LEU A 179 -42.84 16.56 -33.59
N ASN A 180 -43.80 16.73 -32.67
CA ASN A 180 -44.29 18.06 -32.35
C ASN A 180 -43.44 18.79 -31.32
N LEU A 181 -42.36 18.18 -30.85
CA LEU A 181 -41.38 18.88 -30.04
C LEU A 181 -40.53 19.68 -31.02
N THR A 182 -41.07 20.83 -31.43
CA THR A 182 -40.55 21.60 -32.56
C THR A 182 -39.24 22.31 -32.25
N LYS A 183 -38.82 22.36 -31.00
CA LYS A 183 -37.57 23.02 -30.64
C LYS A 183 -36.51 22.02 -30.16
N LEU A 184 -36.84 20.72 -30.14
CA LEU A 184 -36.00 19.68 -29.58
C LEU A 184 -34.64 19.62 -30.26
N LYS A 185 -33.56 19.97 -29.55
CA LYS A 185 -32.25 19.95 -30.16
C LYS A 185 -31.45 18.70 -29.83
N VAL A 186 -31.57 18.19 -28.60
CA VAL A 186 -30.79 17.05 -28.13
C VAL A 186 -31.72 16.00 -27.56
N LEU A 187 -31.61 14.77 -28.06
CA LEU A 187 -32.45 13.65 -27.65
C LEU A 187 -31.54 12.49 -27.29
N SER A 188 -31.61 12.04 -26.04
CA SER A 188 -30.75 10.95 -25.59
C SER A 188 -31.63 9.78 -25.17
N LEU A 189 -31.53 8.67 -25.92
CA LEU A 189 -32.25 7.45 -25.63
C LEU A 189 -31.32 6.27 -25.42
N LYS A 190 -30.09 6.52 -24.98
CA LYS A 190 -29.06 5.51 -24.78
C LYS A 190 -29.43 4.54 -23.65
N ASP A 191 -28.83 3.35 -23.68
CA ASP A 191 -28.95 2.36 -22.59
C ASP A 191 -30.42 2.09 -22.24
N ASN A 192 -31.27 1.84 -23.25
CA ASN A 192 -32.69 1.77 -22.98
C ASN A 192 -33.43 0.55 -23.55
N ASN A 193 -32.75 -0.42 -24.18
CA ASN A 193 -33.44 -1.56 -24.79
C ASN A 193 -34.37 -1.11 -25.91
N VAL A 194 -33.97 -0.09 -26.67
CA VAL A 194 -34.73 0.37 -27.82
C VAL A 194 -34.52 -0.60 -28.98
N THR A 195 -35.57 -0.84 -29.80
CA THR A 195 -35.45 -1.81 -30.87
C THR A 195 -35.50 -1.23 -32.29
N THR A 196 -36.09 -0.05 -32.47
CA THR A 196 -35.98 0.67 -33.74
C THR A 196 -35.74 2.15 -33.49
N VAL A 197 -35.19 2.83 -34.49
CA VAL A 197 -35.04 4.29 -34.47
C VAL A 197 -36.43 4.87 -34.38
N PRO A 198 -36.79 5.60 -33.32
CA PRO A 198 -38.13 6.20 -33.28
C PRO A 198 -38.25 7.22 -34.41
N THR A 199 -39.42 7.23 -35.06
CA THR A 199 -39.69 8.11 -36.19
C THR A 199 -41.12 8.61 -36.04
N VAL A 200 -41.42 9.77 -36.60
CA VAL A 200 -40.50 10.68 -37.25
C VAL A 200 -39.90 11.60 -36.17
N LEU A 201 -38.67 12.03 -36.34
CA LEU A 201 -38.10 12.92 -35.35
C LEU A 201 -38.12 14.34 -35.87
N PRO A 202 -38.09 15.33 -34.98
CA PRO A 202 -38.12 16.72 -35.45
C PRO A 202 -36.80 17.13 -36.11
N SER A 203 -36.92 17.78 -37.28
CA SER A 203 -35.73 18.14 -38.05
C SER A 203 -34.87 19.17 -37.33
N THR A 204 -35.37 19.74 -36.25
CA THR A 204 -34.57 20.58 -35.39
C THR A 204 -33.42 19.85 -34.67
N LEU A 205 -33.40 18.51 -34.64
CA LEU A 205 -32.38 17.77 -33.89
C LEU A 205 -30.95 18.15 -34.26
N THR A 206 -30.10 18.39 -33.25
CA THR A 206 -28.67 18.52 -33.47
C THR A 206 -27.87 17.35 -32.98
N GLU A 207 -28.35 16.68 -31.94
CA GLU A 207 -27.64 15.57 -31.31
C GLU A 207 -28.62 14.44 -31.05
N LEU A 208 -28.28 13.25 -31.54
CA LEU A 208 -29.12 12.08 -31.37
C LEU A 208 -28.27 10.95 -30.83
N TYR A 209 -28.67 10.40 -29.68
CA TYR A 209 -27.90 9.41 -28.95
C TYR A 209 -28.77 8.17 -28.81
N LEU A 210 -28.45 7.12 -29.58
CA LEU A 210 -29.22 5.88 -29.61
C LEU A 210 -28.38 4.69 -29.19
N TYR A 211 -27.28 4.91 -28.48
CA TYR A 211 -26.32 3.84 -28.31
C TYR A 211 -26.69 2.90 -27.17
N ASN A 212 -26.06 1.72 -27.19
CA ASN A 212 -26.32 0.64 -26.25
C ASN A 212 -27.81 0.28 -26.21
N ASN A 213 -28.33 -0.18 -27.33
CA ASN A 213 -29.72 -0.59 -27.44
C ASN A 213 -29.78 -1.91 -28.20
N MET A 214 -30.97 -2.23 -28.68
CA MET A 214 -31.30 -3.44 -29.43
C MET A 214 -31.78 -3.11 -30.82
N ILE A 215 -31.16 -2.13 -31.46
CA ILE A 215 -31.50 -1.75 -32.82
C ILE A 215 -30.66 -2.59 -33.77
N ALA A 216 -31.29 -3.41 -34.59
CA ALA A 216 -30.53 -4.27 -35.49
C ALA A 216 -30.46 -3.75 -36.92
N GLU A 217 -31.41 -2.94 -37.37
CA GLU A 217 -31.37 -2.42 -38.72
C GLU A 217 -31.72 -0.95 -38.70
N ILE A 218 -31.03 -0.16 -39.51
CA ILE A 218 -31.46 1.21 -39.77
C ILE A 218 -32.32 1.20 -41.02
N GLN A 219 -33.45 1.88 -40.99
CA GLN A 219 -34.19 2.06 -42.22
C GLN A 219 -33.60 3.20 -43.03
N GLU A 220 -33.56 2.99 -44.35
CA GLU A 220 -33.22 3.98 -45.36
C GLU A 220 -33.59 5.40 -45.02
N ASP A 221 -34.76 5.63 -44.43
CA ASP A 221 -35.29 6.98 -44.21
C ASP A 221 -35.33 7.36 -42.74
N ASP A 222 -34.73 6.55 -41.86
CA ASP A 222 -34.78 6.82 -40.42
C ASP A 222 -34.27 8.22 -40.07
N PHE A 223 -33.32 8.76 -40.83
CA PHE A 223 -32.77 10.08 -40.57
C PHE A 223 -33.06 11.06 -41.72
N ASN A 224 -34.13 10.79 -42.48
CA ASN A 224 -34.41 11.52 -43.73
C ASN A 224 -34.46 13.02 -43.53
N ASN A 225 -35.04 13.48 -42.43
CA ASN A 225 -35.29 14.89 -42.28
C ASN A 225 -34.26 15.62 -41.42
N LEU A 226 -33.32 14.91 -40.78
CA LEU A 226 -32.47 15.55 -39.77
C LEU A 226 -31.31 16.27 -40.44
N ASN A 227 -31.65 17.34 -41.17
CA ASN A 227 -30.66 18.11 -41.89
C ASN A 227 -29.94 19.11 -41.00
N GLN A 228 -30.23 19.09 -39.69
CA GLN A 228 -29.44 19.85 -38.72
C GLN A 228 -28.64 18.95 -37.80
N LEU A 229 -28.68 17.64 -38.00
CA LEU A 229 -28.01 16.73 -37.09
C LEU A 229 -26.50 16.96 -37.16
N GLN A 230 -25.87 17.09 -36.00
CA GLN A 230 -24.42 17.30 -35.91
C GLN A 230 -23.69 16.14 -35.27
N ILE A 231 -24.33 15.47 -34.32
CA ILE A 231 -23.77 14.33 -33.62
C ILE A 231 -24.75 13.19 -33.76
N LEU A 232 -24.26 12.02 -34.16
CA LEU A 232 -25.07 10.83 -34.23
C LEU A 232 -24.30 9.66 -33.63
N ASP A 233 -24.85 9.07 -32.58
CA ASP A 233 -24.23 7.94 -31.92
C ASP A 233 -25.16 6.75 -31.98
N LEU A 234 -24.75 5.72 -32.71
CA LEU A 234 -25.49 4.47 -32.82
C LEU A 234 -24.71 3.31 -32.21
N SER A 235 -23.66 3.61 -31.47
CA SER A 235 -22.75 2.57 -31.01
C SER A 235 -23.46 1.51 -30.19
N GLY A 236 -22.90 0.30 -30.17
CA GLY A 236 -23.41 -0.67 -29.23
C GLY A 236 -24.77 -1.20 -29.56
N ASN A 237 -25.18 -1.15 -30.82
CA ASN A 237 -26.28 -1.95 -31.34
C ASN A 237 -25.64 -2.99 -32.23
N CYS A 238 -25.86 -4.28 -31.91
CA CYS A 238 -25.07 -5.39 -32.44
C CYS A 238 -23.63 -5.28 -31.94
N PRO A 239 -23.43 -5.38 -30.63
CA PRO A 239 -22.10 -5.16 -30.05
C PRO A 239 -21.10 -6.26 -30.38
N ARG A 240 -19.83 -5.87 -30.37
CA ARG A 240 -18.73 -6.81 -30.33
C ARG A 240 -18.52 -7.18 -28.87
N CYS A 241 -18.72 -8.44 -28.52
CA CYS A 241 -18.80 -8.85 -27.13
C CYS A 241 -17.54 -9.54 -26.61
N TYR A 242 -16.49 -9.70 -27.42
CA TYR A 242 -15.31 -10.40 -26.95
C TYR A 242 -14.61 -9.59 -25.85
N ASN A 243 -14.39 -10.25 -24.71
CA ASN A 243 -13.79 -9.65 -23.51
C ASN A 243 -14.59 -8.46 -22.98
N ALA A 244 -15.89 -8.42 -23.23
CA ALA A 244 -16.68 -7.33 -22.68
C ALA A 244 -16.79 -7.51 -21.17
N PRO A 245 -16.54 -6.50 -20.40
CA PRO A 245 -16.63 -6.66 -18.94
C PRO A 245 -18.02 -6.39 -18.39
N PHE A 246 -19.02 -6.39 -19.26
CA PHE A 246 -20.40 -6.26 -18.86
C PHE A 246 -21.19 -7.28 -19.66
N PRO A 247 -22.35 -7.72 -19.18
CA PRO A 247 -23.16 -8.70 -19.94
C PRO A 247 -23.52 -8.14 -21.30
N CYS A 248 -23.37 -8.96 -22.32
CA CYS A 248 -23.37 -8.50 -23.69
C CYS A 248 -24.04 -9.57 -24.53
N THR A 249 -25.09 -9.20 -25.25
CA THR A 249 -25.77 -10.11 -26.15
C THR A 249 -25.58 -9.65 -27.58
N PRO A 250 -24.92 -10.45 -28.41
CA PRO A 250 -24.71 -10.04 -29.80
C PRO A 250 -25.94 -10.33 -30.67
N CYS A 251 -26.01 -9.61 -31.78
CA CYS A 251 -27.01 -9.90 -32.81
C CYS A 251 -26.76 -11.31 -33.34
N LYS A 252 -27.84 -12.04 -33.63
CA LYS A 252 -27.73 -13.42 -34.11
C LYS A 252 -26.80 -13.51 -35.32
N ASN A 253 -26.19 -14.69 -35.49
CA ASN A 253 -25.43 -15.01 -36.70
C ASN A 253 -24.25 -14.07 -36.91
N ASN A 254 -23.73 -13.51 -35.83
CA ASN A 254 -22.66 -12.50 -35.91
C ASN A 254 -23.04 -11.38 -36.86
N SER A 255 -24.31 -11.02 -36.92
CA SER A 255 -24.72 -9.98 -37.83
C SER A 255 -24.20 -8.64 -37.35
N PRO A 256 -23.94 -7.71 -38.26
CA PRO A 256 -23.65 -6.33 -37.89
C PRO A 256 -24.92 -5.50 -37.89
N LEU A 257 -24.82 -4.32 -37.32
CA LEU A 257 -25.89 -3.35 -37.51
C LEU A 257 -26.01 -3.10 -39.01
N GLN A 258 -27.19 -3.31 -39.57
CA GLN A 258 -27.36 -3.14 -41.01
C GLN A 258 -27.75 -1.70 -41.25
N ILE A 259 -26.91 -0.98 -42.00
CA ILE A 259 -27.12 0.42 -42.32
C ILE A 259 -27.20 0.56 -43.84
N PRO A 260 -28.35 0.91 -44.38
CA PRO A 260 -28.43 1.15 -45.82
C PRO A 260 -27.42 2.21 -46.25
N VAL A 261 -26.91 2.03 -47.47
CA VAL A 261 -25.85 2.90 -47.99
C VAL A 261 -26.29 4.35 -48.10
N ASN A 262 -27.60 4.61 -48.17
CA ASN A 262 -28.10 5.98 -48.26
C ASN A 262 -28.67 6.52 -46.94
N ALA A 263 -28.47 5.79 -45.83
CA ALA A 263 -29.10 6.16 -44.56
C ALA A 263 -28.64 7.51 -44.03
N PHE A 264 -27.44 7.95 -44.39
CA PHE A 264 -26.90 9.20 -43.90
C PHE A 264 -27.07 10.34 -44.90
N ASP A 265 -27.74 10.11 -46.03
CA ASP A 265 -27.76 11.10 -47.11
C ASP A 265 -28.22 12.48 -46.63
N ALA A 266 -29.19 12.53 -45.73
CA ALA A 266 -29.70 13.83 -45.29
C ALA A 266 -28.78 14.60 -44.33
N LEU A 267 -27.78 13.94 -43.76
CA LEU A 267 -27.03 14.50 -42.64
C LEU A 267 -25.88 15.38 -43.14
N THR A 268 -26.23 16.47 -43.83
CA THR A 268 -25.16 17.30 -44.38
C THR A 268 -24.41 18.05 -43.31
N GLU A 269 -25.04 18.29 -42.15
CA GLU A 269 -24.38 19.00 -41.07
C GLU A 269 -23.62 18.10 -40.10
N LEU A 270 -23.58 16.78 -40.31
CA LEU A 270 -23.00 15.85 -39.36
C LEU A 270 -21.53 16.13 -39.09
N LYS A 271 -21.20 16.39 -37.83
CA LYS A 271 -19.80 16.53 -37.44
C LYS A 271 -19.25 15.29 -36.73
N VAL A 272 -20.08 14.60 -35.95
CA VAL A 272 -19.61 13.42 -35.21
C VAL A 272 -20.48 12.24 -35.55
N LEU A 273 -19.84 11.15 -35.96
CA LEU A 273 -20.51 9.89 -36.19
C LEU A 273 -19.79 8.84 -35.35
N ARG A 274 -20.54 8.19 -34.47
CA ARG A 274 -19.99 7.16 -33.60
C ARG A 274 -20.65 5.83 -33.91
N LEU A 275 -19.86 4.89 -34.45
CA LEU A 275 -20.29 3.54 -34.73
C LEU A 275 -19.35 2.59 -34.00
N HIS A 276 -19.26 2.73 -32.69
CA HIS A 276 -18.44 1.87 -31.87
C HIS A 276 -19.20 0.60 -31.50
N SER A 277 -18.54 -0.56 -31.59
CA SER A 277 -19.15 -1.82 -31.17
C SER A 277 -20.49 -2.05 -31.89
N ASN A 278 -20.41 -2.03 -33.22
CA ASN A 278 -21.55 -2.39 -34.06
C ASN A 278 -21.25 -3.60 -34.92
N SER A 279 -20.16 -4.31 -34.65
CA SER A 279 -19.81 -5.56 -35.31
C SER A 279 -19.72 -5.39 -36.83
N LEU A 280 -19.31 -4.22 -37.29
CA LEU A 280 -19.24 -4.01 -38.73
C LEU A 280 -18.02 -4.68 -39.32
N GLN A 281 -18.17 -5.15 -40.55
CA GLN A 281 -17.07 -5.74 -41.31
C GLN A 281 -16.70 -4.94 -42.53
N HIS A 282 -17.54 -4.03 -42.96
CA HIS A 282 -17.25 -3.17 -44.09
C HIS A 282 -17.73 -1.78 -43.75
N VAL A 283 -17.08 -0.80 -44.38
CA VAL A 283 -17.48 0.59 -44.23
C VAL A 283 -17.72 1.10 -45.65
N PRO A 284 -18.94 1.01 -46.16
CA PRO A 284 -19.18 1.37 -47.54
C PRO A 284 -18.91 2.84 -47.78
N PRO A 285 -18.05 3.16 -48.74
CA PRO A 285 -17.85 4.57 -49.13
C PRO A 285 -19.14 5.31 -49.42
N ARG A 286 -20.16 4.60 -49.90
CA ARG A 286 -21.42 5.26 -50.22
C ARG A 286 -21.97 6.00 -49.00
N TRP A 287 -21.71 5.50 -47.77
CA TRP A 287 -22.19 6.17 -46.56
C TRP A 287 -21.86 7.66 -46.54
N PHE A 288 -20.68 8.05 -47.01
CA PHE A 288 -20.18 9.41 -46.81
C PHE A 288 -20.29 10.29 -48.04
N LYS A 289 -21.21 9.98 -48.97
CA LYS A 289 -21.27 10.74 -50.22
C LYS A 289 -21.74 12.18 -49.99
N ASN A 290 -22.70 12.40 -49.11
CA ASN A 290 -23.21 13.75 -48.88
C ASN A 290 -22.90 14.27 -47.49
N ILE A 291 -21.94 13.69 -46.80
CA ILE A 291 -21.40 14.31 -45.61
C ILE A 291 -20.00 14.69 -45.98
N ASN A 292 -19.74 15.99 -46.07
CA ASN A 292 -18.39 16.43 -46.33
C ASN A 292 -17.79 17.12 -45.12
N ASN A 293 -18.58 17.35 -44.08
CA ASN A 293 -18.15 18.07 -42.90
C ASN A 293 -17.68 17.17 -41.75
N LEU A 294 -17.75 15.84 -41.91
CA LEU A 294 -17.47 14.94 -40.78
C LEU A 294 -16.09 15.21 -40.18
N GLN A 295 -16.06 15.40 -38.87
CA GLN A 295 -14.81 15.69 -38.17
C GLN A 295 -14.34 14.58 -37.24
N GLU A 296 -15.27 13.86 -36.64
CA GLU A 296 -14.98 12.82 -35.67
C GLU A 296 -15.67 11.54 -36.10
N LEU A 297 -14.92 10.44 -36.16
CA LEU A 297 -15.45 9.15 -36.56
C LEU A 297 -14.87 8.06 -35.68
N ASP A 298 -15.73 7.44 -34.87
CA ASP A 298 -15.35 6.30 -34.05
C ASP A 298 -15.81 5.01 -34.71
N LEU A 299 -14.85 4.15 -35.07
CA LEU A 299 -15.12 2.83 -35.61
C LEU A 299 -14.45 1.73 -34.77
N SER A 300 -14.29 1.99 -33.48
CA SER A 300 -13.67 1.04 -32.57
C SER A 300 -14.62 -0.10 -32.19
N GLN A 301 -14.03 -1.25 -31.86
CA GLN A 301 -14.77 -2.44 -31.45
C GLN A 301 -15.66 -2.96 -32.58
N ASN A 302 -15.13 -3.02 -33.78
CA ASN A 302 -15.87 -3.71 -34.82
C ASN A 302 -15.04 -4.89 -35.32
N PHE A 303 -15.25 -5.29 -36.58
CA PHE A 303 -14.46 -6.33 -37.21
C PHE A 303 -13.91 -5.78 -38.52
N LEU A 304 -13.20 -4.66 -38.42
CA LEU A 304 -12.67 -3.96 -39.59
C LEU A 304 -11.20 -4.24 -39.83
N ALA A 305 -10.69 -5.35 -39.29
CA ALA A 305 -9.28 -5.69 -39.49
C ALA A 305 -8.89 -5.68 -40.96
N LYS A 306 -9.65 -6.38 -41.82
CA LYS A 306 -9.35 -6.39 -43.25
C LYS A 306 -9.61 -5.03 -43.89
N GLU A 307 -10.73 -4.39 -43.53
CA GLU A 307 -11.11 -3.11 -44.12
C GLU A 307 -10.04 -2.05 -43.89
N ILE A 308 -9.27 -2.15 -42.80
CA ILE A 308 -8.23 -1.16 -42.55
C ILE A 308 -7.21 -1.18 -43.67
N GLY A 309 -7.00 -2.35 -44.29
CA GLY A 309 -6.08 -2.46 -45.40
C GLY A 309 -6.64 -2.05 -46.74
N ASP A 310 -7.94 -1.77 -46.81
CA ASP A 310 -8.59 -1.35 -48.05
C ASP A 310 -9.09 0.09 -47.89
N ALA A 311 -10.20 0.26 -47.17
CA ALA A 311 -10.61 1.56 -46.61
C ALA A 311 -10.79 2.65 -47.66
N LYS A 312 -11.50 2.32 -48.74
CA LYS A 312 -11.82 3.32 -49.75
C LYS A 312 -12.62 4.47 -49.17
N PHE A 313 -13.41 4.23 -48.12
CA PHE A 313 -14.25 5.31 -47.59
C PHE A 313 -13.44 6.52 -47.14
N LEU A 314 -12.15 6.35 -46.84
CA LEU A 314 -11.36 7.48 -46.35
C LEU A 314 -11.19 8.56 -47.41
N HIS A 315 -11.38 8.23 -48.69
CA HIS A 315 -11.32 9.21 -49.77
C HIS A 315 -12.44 10.22 -49.71
N PHE A 316 -13.52 9.94 -48.97
CA PHE A 316 -14.65 10.85 -48.85
C PHE A 316 -14.59 11.70 -47.58
N LEU A 317 -13.48 11.67 -46.84
CA LEU A 317 -13.42 12.31 -45.52
C LEU A 317 -12.25 13.29 -45.43
N PRO A 318 -12.11 14.21 -46.39
CA PRO A 318 -10.95 15.12 -46.36
C PRO A 318 -10.93 16.06 -45.17
N ASN A 319 -12.06 16.29 -44.49
CA ASN A 319 -12.12 17.24 -43.38
C ASN A 319 -12.06 16.56 -42.01
N LEU A 320 -11.80 15.26 -41.96
CA LEU A 320 -11.88 14.49 -40.73
C LEU A 320 -10.72 14.86 -39.80
N ILE A 321 -11.04 15.16 -38.53
CA ILE A 321 -10.03 15.49 -37.53
C ILE A 321 -9.57 14.27 -36.74
N GLN A 322 -10.53 13.47 -36.23
CA GLN A 322 -10.26 12.30 -35.41
C GLN A 322 -10.78 11.04 -36.07
N LEU A 323 -9.97 9.99 -36.08
CA LEU A 323 -10.38 8.69 -36.59
C LEU A 323 -9.94 7.63 -35.60
N ASP A 324 -10.89 6.83 -35.10
CA ASP A 324 -10.58 5.78 -34.14
C ASP A 324 -10.95 4.43 -34.74
N LEU A 325 -9.94 3.57 -34.93
CA LEU A 325 -10.10 2.24 -35.53
C LEU A 325 -9.66 1.16 -34.55
N SER A 326 -9.72 1.45 -33.26
CA SER A 326 -9.17 0.57 -32.25
C SER A 326 -10.00 -0.69 -32.06
N PHE A 327 -9.32 -1.77 -31.73
CA PHE A 327 -9.95 -3.04 -31.35
C PHE A 327 -10.84 -3.61 -32.45
N ASN A 328 -10.22 -3.82 -33.62
CA ASN A 328 -10.83 -4.49 -34.75
C ASN A 328 -10.17 -5.81 -35.08
N PHE A 329 -9.23 -6.28 -34.25
CA PHE A 329 -8.49 -7.49 -34.59
C PHE A 329 -9.45 -8.66 -34.79
N GLU A 330 -9.07 -9.59 -35.66
CA GLU A 330 -9.79 -10.84 -35.78
C GLU A 330 -9.42 -11.78 -34.63
N LEU A 331 -10.41 -12.45 -34.05
CA LEU A 331 -10.15 -13.24 -32.86
C LEU A 331 -9.14 -14.34 -33.16
N GLN A 332 -8.24 -14.58 -32.18
CA GLN A 332 -7.20 -15.61 -32.20
C GLN A 332 -6.18 -15.43 -33.30
N VAL A 333 -6.09 -14.23 -33.85
CA VAL A 333 -5.15 -13.93 -34.92
C VAL A 333 -4.11 -12.95 -34.40
N TYR A 334 -2.83 -13.27 -34.60
CA TYR A 334 -1.70 -12.42 -34.27
C TYR A 334 -1.00 -12.03 -35.58
N ARG A 335 -1.50 -10.98 -36.23
CA ARG A 335 -0.96 -10.62 -37.53
C ARG A 335 0.55 -10.36 -37.49
N ALA A 336 1.19 -10.47 -38.66
CA ALA A 336 2.62 -10.24 -38.74
C ALA A 336 2.97 -8.75 -38.73
N SER A 337 2.10 -7.89 -39.26
CA SER A 337 2.45 -6.50 -39.46
C SER A 337 1.15 -5.72 -39.63
N MET A 338 1.27 -4.41 -39.79
CA MET A 338 0.09 -3.56 -39.90
C MET A 338 -0.03 -3.11 -41.35
N ASN A 339 -1.09 -3.57 -41.99
CA ASN A 339 -1.43 -3.19 -43.36
C ASN A 339 -2.36 -1.98 -43.28
N LEU A 340 -1.79 -0.78 -43.46
CA LEU A 340 -2.55 0.47 -43.54
C LEU A 340 -2.72 0.85 -45.00
N SER A 341 -3.96 0.85 -45.48
CA SER A 341 -4.27 1.21 -46.86
C SER A 341 -3.67 2.56 -47.22
N GLN A 342 -3.31 2.71 -48.49
CA GLN A 342 -2.84 4.00 -48.97
C GLN A 342 -3.89 5.07 -48.84
N ALA A 343 -5.17 4.69 -48.70
CA ALA A 343 -6.24 5.68 -48.65
C ALA A 343 -6.07 6.64 -47.50
N PHE A 344 -5.40 6.20 -46.42
CA PHE A 344 -5.12 7.08 -45.29
C PHE A 344 -4.47 8.38 -45.74
N SER A 345 -3.64 8.34 -46.78
CA SER A 345 -2.98 9.56 -47.24
C SER A 345 -3.97 10.65 -47.64
N SER A 346 -5.24 10.32 -47.85
CA SER A 346 -6.21 11.33 -48.25
C SER A 346 -6.90 12.01 -47.06
N LEU A 347 -6.41 11.79 -45.83
CA LEU A 347 -7.04 12.37 -44.64
C LEU A 347 -6.35 13.68 -44.26
N LYS A 348 -6.40 14.64 -45.20
CA LYS A 348 -5.60 15.88 -45.10
C LYS A 348 -5.75 16.61 -43.77
N SER A 349 -6.91 16.52 -43.12
CA SER A 349 -7.16 17.25 -41.88
C SER A 349 -6.86 16.42 -40.63
N LEU A 350 -6.55 15.14 -40.77
CA LEU A 350 -6.45 14.26 -39.61
C LEU A 350 -5.48 14.79 -38.57
N LYS A 351 -5.97 14.97 -37.34
CA LYS A 351 -5.13 15.33 -36.20
C LYS A 351 -4.87 14.15 -35.27
N ILE A 352 -5.81 13.20 -35.18
CA ILE A 352 -5.72 12.13 -34.20
C ILE A 352 -6.07 10.80 -34.87
N LEU A 353 -5.15 9.86 -34.83
CA LEU A 353 -5.42 8.53 -35.35
C LEU A 353 -5.14 7.53 -34.25
N ARG A 354 -6.10 6.65 -33.98
CA ARG A 354 -5.99 5.68 -32.91
C ARG A 354 -6.27 4.29 -33.49
N ILE A 355 -5.29 3.41 -33.39
CA ILE A 355 -5.48 2.02 -33.82
C ILE A 355 -4.88 1.11 -32.76
N ARG A 356 -5.40 1.21 -31.55
CA ARG A 356 -5.11 0.20 -30.55
C ARG A 356 -5.76 -1.12 -30.95
N GLY A 357 -5.24 -2.21 -30.40
CA GLY A 357 -5.91 -3.49 -30.54
C GLY A 357 -6.07 -3.97 -31.97
N TYR A 358 -5.10 -3.62 -32.85
CA TYR A 358 -4.99 -4.27 -34.14
C TYR A 358 -4.31 -5.62 -34.01
N VAL A 359 -3.27 -5.71 -33.15
CA VAL A 359 -2.58 -6.92 -32.73
C VAL A 359 -1.66 -7.44 -33.84
N PHE A 360 -0.37 -7.15 -33.73
CA PHE A 360 0.57 -7.55 -34.77
C PHE A 360 1.98 -7.54 -34.20
N LYS A 361 2.88 -8.34 -34.81
CA LYS A 361 4.16 -8.64 -34.16
C LYS A 361 5.19 -7.56 -34.42
N GLU A 362 5.19 -6.98 -35.60
CA GLU A 362 6.31 -6.17 -36.06
C GLU A 362 5.81 -4.93 -36.77
N LEU A 363 6.24 -3.77 -36.29
CA LEU A 363 5.94 -2.51 -36.97
C LEU A 363 7.21 -2.00 -37.63
N LYS A 364 7.13 -1.69 -38.92
CA LYS A 364 8.27 -1.24 -39.70
C LYS A 364 7.89 0.03 -40.44
N SER A 365 8.92 0.83 -40.72
CA SER A 365 8.70 2.24 -41.04
C SER A 365 7.79 2.43 -42.25
N PHE A 366 8.05 1.71 -43.34
CA PHE A 366 7.22 1.85 -44.54
C PHE A 366 5.73 1.69 -44.21
N GLN A 367 5.38 0.77 -43.30
CA GLN A 367 3.96 0.51 -43.04
C GLN A 367 3.19 1.75 -42.58
N LEU A 368 3.88 2.76 -42.07
CA LEU A 368 3.25 4.02 -41.68
C LEU A 368 3.31 5.05 -42.79
N SER A 369 3.86 4.69 -43.95
CA SER A 369 4.07 5.67 -45.02
C SER A 369 2.79 6.35 -45.48
N PRO A 370 1.60 5.69 -45.53
CA PRO A 370 0.38 6.41 -45.85
C PRO A 370 0.15 7.63 -44.98
N LEU A 371 0.84 7.69 -43.83
CA LEU A 371 0.72 8.78 -42.88
C LEU A 371 1.76 9.89 -43.05
N HIS A 372 2.78 9.71 -43.92
CA HIS A 372 3.96 10.57 -43.89
C HIS A 372 3.64 12.03 -44.19
N ASN A 373 2.71 12.28 -45.10
CA ASN A 373 2.40 13.63 -45.53
C ASN A 373 1.07 14.15 -44.96
N LEU A 374 0.52 13.47 -43.95
CA LEU A 374 -0.62 14.03 -43.23
C LEU A 374 -0.12 15.20 -42.38
N GLN A 375 -0.19 16.41 -42.96
CA GLN A 375 0.55 17.51 -42.36
C GLN A 375 0.01 17.88 -40.99
N ASN A 376 -1.26 17.64 -40.75
CA ASN A 376 -1.89 18.07 -39.51
C ASN A 376 -1.84 17.01 -38.41
N LEU A 377 -1.18 15.88 -38.63
CA LEU A 377 -1.21 14.77 -37.69
C LEU A 377 -0.51 15.14 -36.38
N GLU A 378 -1.22 15.05 -35.26
CA GLU A 378 -0.66 15.36 -33.96
C GLU A 378 -0.47 14.15 -33.05
N VAL A 379 -1.34 13.16 -33.12
CA VAL A 379 -1.35 12.04 -32.19
C VAL A 379 -1.46 10.75 -32.99
N LEU A 380 -0.54 9.82 -32.76
CA LEU A 380 -0.61 8.49 -33.33
C LEU A 380 -0.61 7.48 -32.18
N ASP A 381 -1.72 6.78 -32.02
CA ASP A 381 -1.93 5.89 -30.88
C ASP A 381 -1.92 4.44 -31.37
N LEU A 382 -0.81 3.73 -31.14
CA LEU A 382 -0.71 2.32 -31.51
C LEU A 382 -0.57 1.43 -30.28
N GLY A 383 -1.22 1.81 -29.17
CA GLY A 383 -1.11 1.08 -27.93
C GLY A 383 -1.89 -0.25 -27.95
N THR A 384 -1.62 -1.06 -26.92
CA THR A 384 -2.24 -2.36 -26.73
C THR A 384 -2.31 -3.14 -28.05
N ASN A 385 -1.14 -3.30 -28.67
CA ASN A 385 -1.04 -4.01 -29.92
C ASN A 385 -0.10 -5.20 -29.88
N PHE A 386 0.54 -5.49 -28.74
CA PHE A 386 1.45 -6.64 -28.62
C PHE A 386 2.55 -6.58 -29.68
N ILE A 387 2.98 -5.38 -30.02
CA ILE A 387 4.10 -5.27 -30.93
C ILE A 387 5.33 -5.82 -30.24
N LYS A 388 6.06 -6.71 -30.93
CA LYS A 388 7.28 -7.26 -30.36
C LYS A 388 8.54 -6.58 -30.85
N ILE A 389 8.50 -5.93 -32.01
CA ILE A 389 9.68 -5.40 -32.68
C ILE A 389 9.36 -4.03 -33.26
N ALA A 390 10.16 -3.01 -32.91
CA ALA A 390 9.96 -1.68 -33.50
C ALA A 390 11.23 -0.83 -33.51
N ASN A 391 11.70 -0.47 -34.71
CA ASN A 391 12.82 0.46 -34.83
C ASN A 391 12.30 1.86 -34.55
N LEU A 392 12.60 2.38 -33.36
CA LEU A 392 12.08 3.68 -32.95
C LEU A 392 12.54 4.81 -33.86
N SER A 393 13.60 4.60 -34.63
CA SER A 393 14.12 5.66 -35.50
C SER A 393 13.14 5.99 -36.62
N MET A 394 12.14 5.16 -36.86
CA MET A 394 11.17 5.47 -37.90
C MET A 394 10.43 6.77 -37.61
N PHE A 395 10.36 7.19 -36.35
CA PHE A 395 9.56 8.36 -36.03
C PHE A 395 10.28 9.65 -36.32
N LYS A 396 11.49 9.58 -36.89
CA LYS A 396 12.15 10.77 -37.40
C LYS A 396 11.33 11.45 -38.50
N GLN A 397 10.45 10.72 -39.16
CA GLN A 397 9.47 11.30 -40.07
C GLN A 397 8.21 11.76 -39.37
N PHE A 398 8.21 11.87 -38.05
CA PHE A 398 6.99 12.31 -37.39
C PHE A 398 7.30 13.35 -36.32
N LYS A 399 8.32 14.20 -36.56
CA LYS A 399 8.68 15.25 -35.60
C LYS A 399 7.52 16.22 -35.37
N ARG A 400 6.63 16.37 -36.35
CA ARG A 400 5.51 17.27 -36.20
C ARG A 400 4.49 16.74 -35.22
N LEU A 401 4.51 15.44 -34.94
CA LEU A 401 3.55 14.86 -34.03
C LEU A 401 3.81 15.32 -32.60
N LYS A 402 2.72 15.45 -31.82
CA LYS A 402 2.80 15.84 -30.42
C LYS A 402 2.93 14.65 -29.48
N VAL A 403 2.27 13.53 -29.79
CA VAL A 403 2.35 12.31 -28.98
C VAL A 403 2.40 11.11 -29.92
N ILE A 404 3.42 10.26 -29.73
CA ILE A 404 3.49 8.95 -30.35
C ILE A 404 3.34 7.93 -29.23
N ASP A 405 2.21 7.21 -29.24
CA ASP A 405 1.81 6.37 -28.11
C ASP A 405 1.99 4.90 -28.46
N LEU A 406 3.03 4.28 -27.92
CA LEU A 406 3.24 2.84 -28.05
C LEU A 406 3.05 2.13 -26.71
N SER A 407 2.27 2.74 -25.82
CA SER A 407 1.97 2.20 -24.50
C SER A 407 1.35 0.80 -24.56
N VAL A 408 1.75 -0.07 -23.64
CA VAL A 408 1.21 -1.43 -23.51
C VAL A 408 1.52 -2.21 -24.77
N ASN A 409 2.79 -2.51 -24.98
CA ASN A 409 3.17 -3.36 -26.09
C ASN A 409 4.23 -4.32 -25.55
N LYS A 410 4.83 -5.10 -26.43
CA LYS A 410 5.83 -6.08 -26.02
C LYS A 410 7.20 -5.73 -26.59
N ILE A 411 7.46 -4.44 -26.80
CA ILE A 411 8.68 -4.04 -27.49
C ILE A 411 9.90 -4.32 -26.63
N SER A 412 10.96 -4.84 -27.26
CA SER A 412 12.19 -5.20 -26.55
C SER A 412 13.33 -5.28 -27.56
N PRO A 413 14.59 -5.34 -27.10
CA PRO A 413 15.68 -5.57 -28.08
C PRO A 413 15.94 -7.06 -28.30
N VAL A 437 -5.07 12.58 -22.65
CA VAL A 437 -4.94 11.20 -22.16
C VAL A 437 -6.32 10.52 -22.06
N LEU A 438 -6.36 9.21 -22.31
CA LEU A 438 -7.59 8.44 -22.16
C LEU A 438 -7.59 7.64 -20.86
N GLU A 439 -8.80 7.36 -20.35
CA GLU A 439 -8.97 6.64 -19.10
C GLU A 439 -8.35 5.25 -19.15
N GLN A 440 -7.98 4.74 -17.96
CA GLN A 440 -7.49 3.37 -17.82
C GLN A 440 -8.43 2.37 -18.49
N LEU A 441 -9.73 2.53 -18.30
CA LEU A 441 -10.76 1.73 -18.94
C LEU A 441 -11.57 2.65 -19.83
N TYR A 442 -11.56 2.37 -21.13
CA TYR A 442 -12.02 3.35 -22.10
C TYR A 442 -12.72 2.66 -23.26
N TYR A 443 -11.97 1.83 -23.99
CA TYR A 443 -12.58 1.10 -25.09
C TYR A 443 -13.48 -0.03 -24.61
N PHE A 444 -13.36 -0.44 -23.35
CA PHE A 444 -14.11 -1.61 -22.90
C PHE A 444 -15.12 -1.26 -21.81
N ARG A 445 -15.52 -0.01 -21.67
CA ARG A 445 -16.55 0.17 -20.68
C ARG A 445 -17.91 0.29 -21.35
N TYR A 446 -18.94 0.12 -20.55
CA TYR A 446 -20.30 0.12 -21.06
C TYR A 446 -20.70 1.48 -21.63
N ASP A 447 -20.74 2.51 -20.80
CA ASP A 447 -21.12 3.86 -21.24
C ASP A 447 -20.06 4.85 -20.74
N LYS A 448 -19.07 5.14 -21.59
CA LYS A 448 -17.99 6.04 -21.21
C LYS A 448 -18.48 7.45 -20.90
N TYR A 449 -19.70 7.81 -21.32
CA TYR A 449 -20.26 9.15 -21.12
C TYR A 449 -21.33 9.18 -20.05
N ALA A 450 -21.44 8.15 -19.22
CA ALA A 450 -22.52 8.15 -18.26
C ALA A 450 -22.30 9.26 -17.24
N ARG A 451 -23.39 9.94 -16.89
CA ARG A 451 -23.38 10.98 -15.88
C ARG A 451 -23.46 10.37 -14.48
N SER A 452 -22.85 11.05 -13.51
CA SER A 452 -22.86 10.62 -12.13
C SER A 452 -23.85 11.46 -11.32
N CYS A 453 -24.23 10.96 -10.14
CA CYS A 453 -25.28 11.63 -9.38
C CYS A 453 -24.89 13.05 -8.98
N ARG A 454 -23.62 13.30 -8.65
CA ARG A 454 -23.18 14.67 -8.49
C ARG A 454 -22.52 15.15 -9.79
N PHE A 455 -22.71 16.43 -10.11
CA PHE A 455 -22.14 17.13 -11.29
C PHE A 455 -22.99 16.99 -12.54
N SER A 468 1.33 14.60 -16.43
CA SER A 468 1.64 14.34 -17.84
C SER A 468 2.69 15.28 -18.38
N CYS A 469 3.37 14.81 -19.43
CA CYS A 469 4.48 15.53 -20.02
C CYS A 469 4.19 16.02 -21.43
N TYR A 470 2.96 15.82 -21.93
CA TYR A 470 2.59 16.32 -23.26
C TYR A 470 2.90 17.81 -23.37
N LYS A 471 2.77 18.55 -22.27
CA LYS A 471 3.05 19.98 -22.23
C LYS A 471 4.46 20.32 -22.73
N TYR A 472 5.42 19.43 -22.53
CA TYR A 472 6.82 19.75 -22.80
C TYR A 472 7.19 19.74 -24.29
N GLY A 473 6.35 19.19 -25.17
CA GLY A 473 6.68 19.04 -26.57
C GLY A 473 6.46 17.61 -27.01
N GLN A 474 7.15 17.23 -28.08
CA GLN A 474 7.03 15.89 -28.66
C GLN A 474 7.29 14.79 -27.64
N THR A 475 6.36 13.84 -27.55
CA THR A 475 6.36 12.76 -26.58
C THR A 475 6.35 11.39 -27.23
N LEU A 476 7.32 10.56 -26.88
CA LEU A 476 7.35 9.16 -27.27
C LEU A 476 6.99 8.33 -26.05
N ASP A 477 5.77 7.78 -26.02
CA ASP A 477 5.32 6.96 -24.91
C ASP A 477 5.68 5.49 -25.16
N LEU A 478 6.72 5.01 -24.50
CA LEU A 478 7.07 3.58 -24.54
C LEU A 478 6.69 2.86 -23.25
N SER A 479 5.83 3.47 -22.44
CA SER A 479 5.52 2.87 -21.14
C SER A 479 4.84 1.51 -21.28
N LYS A 480 5.07 0.66 -20.27
CA LYS A 480 4.47 -0.66 -20.17
C LYS A 480 4.84 -1.52 -21.37
N ASN A 481 6.12 -1.62 -21.62
CA ASN A 481 6.65 -2.49 -22.65
C ASN A 481 7.61 -3.47 -21.99
N SER A 482 8.40 -4.17 -22.81
CA SER A 482 9.32 -5.19 -22.32
C SER A 482 10.77 -4.81 -22.53
N ILE A 483 11.06 -3.51 -22.54
CA ILE A 483 12.44 -3.05 -22.72
C ILE A 483 13.22 -3.38 -21.44
N PHE A 484 14.25 -4.21 -21.57
CA PHE A 484 15.08 -4.54 -20.42
C PHE A 484 16.49 -3.98 -20.54
N PHE A 485 16.92 -3.57 -21.73
CA PHE A 485 18.23 -2.97 -21.91
C PHE A 485 18.14 -1.89 -22.97
N ILE A 486 18.68 -0.71 -22.68
CA ILE A 486 18.69 0.40 -23.62
C ILE A 486 20.13 0.76 -23.94
N LYS A 487 20.37 1.05 -25.22
CA LYS A 487 21.64 1.58 -25.69
C LYS A 487 21.37 2.82 -26.53
N SER A 488 22.39 3.68 -26.62
CA SER A 488 22.22 4.97 -27.29
C SER A 488 21.64 4.84 -28.69
N SER A 489 22.12 3.86 -29.46
CA SER A 489 21.64 3.68 -30.83
C SER A 489 20.11 3.49 -30.91
N ASP A 490 19.49 2.96 -29.85
CA ASP A 490 18.04 2.71 -29.89
C ASP A 490 17.24 3.98 -30.14
N PHE A 491 17.82 5.15 -29.89
CA PHE A 491 17.20 6.44 -30.07
C PHE A 491 17.83 7.23 -31.21
N GLN A 492 18.53 6.55 -32.11
CA GLN A 492 19.15 7.26 -33.21
C GLN A 492 18.06 7.99 -33.99
N HIS A 493 18.37 9.22 -34.40
CA HIS A 493 17.50 10.07 -35.21
C HIS A 493 16.32 10.64 -34.43
N LEU A 494 16.32 10.62 -33.10
CA LEU A 494 15.22 11.19 -32.33
C LEU A 494 15.66 12.34 -31.45
N SER A 495 16.59 13.18 -31.91
CA SER A 495 17.02 14.30 -31.07
C SER A 495 15.87 15.27 -30.79
N PHE A 496 14.83 15.27 -31.63
CA PHE A 496 13.74 16.21 -31.47
C PHE A 496 12.86 15.93 -30.26
N LEU A 497 12.92 14.71 -29.69
CA LEU A 497 12.00 14.37 -28.62
C LEU A 497 12.19 15.27 -27.41
N LYS A 498 11.07 15.72 -26.85
CA LYS A 498 11.09 16.50 -25.63
C LYS A 498 10.73 15.66 -24.40
N CYS A 499 9.85 14.68 -24.52
CA CYS A 499 9.50 13.82 -23.39
C CYS A 499 9.54 12.36 -23.81
N LEU A 500 10.15 11.51 -22.99
CA LEU A 500 10.20 10.09 -23.26
C LEU A 500 9.66 9.36 -22.05
N ASN A 501 8.64 8.54 -22.25
CA ASN A 501 8.02 7.78 -21.17
C ASN A 501 8.50 6.33 -21.30
N LEU A 502 9.44 5.95 -20.44
CA LEU A 502 9.87 4.57 -20.33
C LEU A 502 9.26 3.90 -19.11
N SER A 503 8.19 4.48 -18.56
CA SER A 503 7.64 3.94 -17.32
C SER A 503 7.20 2.49 -17.48
N GLY A 504 7.43 1.71 -16.43
CA GLY A 504 6.87 0.38 -16.39
C GLY A 504 7.47 -0.57 -17.39
N ASN A 505 8.75 -0.43 -17.69
CA ASN A 505 9.44 -1.42 -18.50
C ASN A 505 10.19 -2.42 -17.61
N LEU A 506 11.27 -3.01 -18.09
CA LEU A 506 12.00 -3.98 -17.31
C LEU A 506 13.45 -3.58 -17.17
N ILE A 507 13.74 -2.28 -17.24
CA ILE A 507 15.12 -1.84 -17.33
C ILE A 507 15.81 -2.08 -15.99
N SER A 508 16.82 -2.93 -16.00
CA SER A 508 17.45 -3.42 -14.81
C SER A 508 18.97 -3.32 -15.03
N GLN A 509 19.46 -2.09 -15.06
CA GLN A 509 20.72 -1.77 -15.71
C GLN A 509 21.38 -0.65 -14.93
N THR A 510 22.71 -0.62 -14.93
CA THR A 510 23.41 0.54 -14.40
C THR A 510 23.61 1.53 -15.54
N LEU A 511 22.97 2.68 -15.46
CA LEU A 511 23.16 3.72 -16.47
C LEU A 511 24.42 4.51 -16.10
N ASN A 512 25.34 4.66 -17.06
CA ASN A 512 26.56 5.43 -16.83
C ASN A 512 26.65 6.69 -17.70
N GLY A 513 25.53 7.17 -18.21
CA GLY A 513 25.55 8.35 -19.06
C GLY A 513 25.72 8.08 -20.53
N SER A 514 25.78 6.84 -20.95
CA SER A 514 25.99 6.52 -22.34
C SER A 514 24.75 6.03 -23.05
N GLU A 515 23.60 5.96 -22.37
CA GLU A 515 22.46 5.25 -22.93
C GLU A 515 21.50 6.14 -23.70
N PHE A 516 21.48 7.45 -23.43
CA PHE A 516 20.51 8.36 -24.02
C PHE A 516 21.18 9.41 -24.89
N GLN A 517 22.36 9.13 -25.41
CA GLN A 517 23.17 10.18 -26.04
C GLN A 517 22.42 10.99 -27.10
N PRO A 518 21.63 10.40 -28.00
CA PRO A 518 20.99 11.22 -29.04
C PRO A 518 19.92 12.18 -28.55
N LEU A 519 19.44 12.06 -27.30
CA LEU A 519 18.26 12.80 -26.86
C LEU A 519 18.66 14.18 -26.34
N ALA A 520 19.22 14.95 -27.26
CA ALA A 520 19.82 16.23 -26.94
C ALA A 520 18.80 17.27 -26.48
N GLU A 521 17.51 17.09 -26.78
CA GLU A 521 16.53 18.11 -26.40
C GLU A 521 15.55 17.62 -25.36
N LEU A 522 15.76 16.42 -24.81
CA LEU A 522 14.84 15.83 -23.86
C LEU A 522 14.69 16.70 -22.62
N ARG A 523 13.43 17.03 -22.28
CA ARG A 523 13.11 17.80 -21.09
C ARG A 523 12.51 16.97 -19.97
N TYR A 524 11.85 15.87 -20.30
CA TYR A 524 11.17 15.05 -19.32
C TYR A 524 11.41 13.58 -19.62
N LEU A 525 11.99 12.85 -18.67
CA LEU A 525 12.17 11.40 -18.76
C LEU A 525 11.41 10.77 -17.61
N ASP A 526 10.41 9.96 -17.93
CA ASP A 526 9.69 9.17 -16.93
C ASP A 526 10.34 7.79 -16.94
N PHE A 527 11.07 7.48 -15.88
CA PHE A 527 11.78 6.23 -15.74
C PHE A 527 11.23 5.43 -14.56
N SER A 528 10.02 5.73 -14.14
CA SER A 528 9.47 5.06 -12.99
C SER A 528 9.10 3.60 -13.33
N ASN A 529 8.97 2.79 -12.29
CA ASN A 529 8.64 1.37 -12.42
C ASN A 529 9.60 0.65 -13.34
N ASN A 530 10.88 0.76 -12.98
CA ASN A 530 11.91 -0.04 -13.60
C ASN A 530 12.79 -0.56 -12.48
N ARG A 531 13.99 -0.99 -12.84
CA ARG A 531 14.96 -1.48 -11.87
C ARG A 531 16.26 -0.72 -12.07
N LEU A 532 16.18 0.60 -11.97
CA LEU A 532 17.36 1.43 -12.07
C LEU A 532 18.39 1.04 -11.03
N ASP A 533 19.64 0.89 -11.46
CA ASP A 533 20.76 0.59 -10.59
C ASP A 533 21.69 1.79 -10.59
N LEU A 534 21.56 2.64 -9.57
CA LEU A 534 22.37 3.86 -9.46
C LEU A 534 23.78 3.58 -8.94
N LEU A 535 24.47 2.69 -9.65
CA LEU A 535 25.89 2.47 -9.38
C LEU A 535 26.73 3.70 -9.71
N HIS A 536 26.46 4.36 -10.84
CA HIS A 536 27.32 5.42 -11.34
C HIS A 536 26.68 6.77 -11.14
N SER A 537 27.41 7.70 -10.53
CA SER A 537 26.87 9.04 -10.35
C SER A 537 26.88 9.85 -11.63
N THR A 538 27.31 9.26 -12.74
CA THR A 538 27.16 9.84 -14.08
C THR A 538 25.91 9.35 -14.78
N ALA A 539 25.02 8.68 -14.07
CA ALA A 539 23.77 8.27 -14.68
C ALA A 539 23.03 9.50 -15.17
N PHE A 540 22.40 9.38 -16.33
CA PHE A 540 21.53 10.43 -16.89
C PHE A 540 22.27 11.70 -17.27
N GLU A 541 23.59 11.79 -17.09
CA GLU A 541 24.24 13.07 -17.34
C GLU A 541 24.26 13.45 -18.82
N GLU A 542 24.08 12.49 -19.73
CA GLU A 542 24.04 12.85 -21.13
C GLU A 542 22.77 13.63 -21.49
N LEU A 543 21.73 13.62 -20.64
CA LEU A 543 20.48 14.32 -20.97
C LEU A 543 20.58 15.78 -20.51
N ARG A 544 21.37 16.55 -21.26
CA ARG A 544 21.80 17.86 -20.79
C ARG A 544 20.72 18.92 -20.82
N LYS A 545 19.52 18.63 -21.31
CA LYS A 545 18.46 19.63 -21.24
C LYS A 545 17.34 19.22 -20.28
N LEU A 546 17.54 18.15 -19.51
CA LEU A 546 16.51 17.52 -18.68
C LEU A 546 16.05 18.43 -17.56
N GLU A 547 14.75 18.72 -17.53
CA GLU A 547 14.21 19.51 -16.43
C GLU A 547 13.50 18.67 -15.39
N VAL A 548 12.91 17.54 -15.78
CA VAL A 548 12.15 16.69 -14.86
C VAL A 548 12.58 15.24 -15.06
N LEU A 549 12.89 14.56 -13.96
CA LEU A 549 13.31 13.16 -14.00
C LEU A 549 12.52 12.39 -12.96
N ASP A 550 11.77 11.39 -13.40
CA ASP A 550 11.04 10.53 -12.48
C ASP A 550 11.75 9.17 -12.42
N ILE A 551 12.39 8.88 -11.29
CA ILE A 551 12.94 7.54 -11.07
C ILE A 551 12.21 6.90 -9.90
N SER A 552 10.91 7.19 -9.78
CA SER A 552 10.12 6.59 -8.71
C SER A 552 9.85 5.09 -8.94
N SER A 553 9.65 4.36 -7.87
CA SER A 553 9.32 2.93 -7.95
C SER A 553 10.39 2.18 -8.74
N ASN A 554 11.64 2.44 -8.38
CA ASN A 554 12.79 1.67 -8.82
C ASN A 554 13.46 1.08 -7.58
N SER A 555 12.68 0.42 -6.74
CA SER A 555 13.15 0.03 -5.42
C SER A 555 14.02 -1.22 -5.40
N HIS A 556 13.93 -2.05 -6.45
CA HIS A 556 14.60 -3.36 -6.49
C HIS A 556 16.01 -3.35 -5.93
N TYR A 557 16.93 -2.61 -6.56
CA TYR A 557 18.31 -2.70 -6.09
C TYR A 557 18.52 -2.01 -4.76
N PHE A 558 17.62 -1.10 -4.36
CA PHE A 558 17.72 -0.49 -3.05
C PHE A 558 17.23 -1.44 -1.96
N GLN A 559 16.59 -2.55 -2.33
CA GLN A 559 16.02 -3.48 -1.37
C GLN A 559 17.01 -4.55 -0.91
N SER A 560 18.22 -4.59 -1.47
CA SER A 560 19.18 -5.65 -1.16
C SER A 560 20.42 -5.04 -0.52
N GLU A 561 20.80 -5.56 0.63
CA GLU A 561 21.84 -4.96 1.46
C GLU A 561 23.21 -4.95 0.77
N GLY A 562 23.98 -3.91 1.06
CA GLY A 562 25.38 -3.92 0.70
C GLY A 562 25.69 -3.45 -0.69
N ILE A 563 24.70 -3.02 -1.44
CA ILE A 563 24.89 -2.61 -2.82
C ILE A 563 25.13 -1.11 -2.85
N THR A 564 26.02 -0.66 -3.73
CA THR A 564 26.37 0.75 -3.81
C THR A 564 25.32 1.54 -4.58
N HIS A 565 24.85 2.63 -3.98
CA HIS A 565 23.93 3.55 -4.63
C HIS A 565 24.51 4.95 -4.57
N MET A 566 24.61 5.59 -5.72
CA MET A 566 25.13 6.95 -5.81
C MET A 566 23.95 7.89 -5.97
N LEU A 567 23.57 8.53 -4.86
CA LEU A 567 22.52 9.54 -4.90
C LEU A 567 23.02 10.92 -5.28
N ASN A 568 24.34 11.14 -5.34
CA ASN A 568 24.83 12.45 -5.76
C ASN A 568 24.92 12.61 -7.27
N PHE A 569 24.18 11.79 -8.00
CA PHE A 569 24.12 11.89 -9.45
C PHE A 569 23.46 13.18 -9.93
N THR A 570 22.80 13.93 -9.05
CA THR A 570 22.13 15.16 -9.46
C THR A 570 23.08 16.27 -9.86
N LYS A 571 24.34 16.23 -9.41
CA LYS A 571 25.28 17.31 -9.67
C LYS A 571 25.43 17.59 -11.15
N ASN A 572 25.31 16.56 -11.98
CA ASN A 572 25.63 16.68 -13.40
C ASN A 572 24.50 17.26 -14.23
N LEU A 573 23.27 17.30 -13.71
CA LEU A 573 22.12 17.78 -14.47
C LEU A 573 21.90 19.25 -14.17
N LYS A 574 22.40 20.12 -15.05
CA LYS A 574 22.49 21.55 -14.77
C LYS A 574 21.20 22.32 -14.98
N VAL A 575 20.18 21.73 -15.59
CA VAL A 575 18.90 22.43 -15.69
C VAL A 575 17.75 21.66 -15.05
N LEU A 576 18.07 20.65 -14.23
CA LEU A 576 17.06 19.84 -13.58
C LEU A 576 16.31 20.67 -12.55
N GLN A 577 14.98 20.77 -12.69
CA GLN A 577 14.12 21.45 -11.73
C GLN A 577 13.50 20.49 -10.74
N LYS A 578 12.99 19.35 -11.22
CA LYS A 578 12.14 18.47 -10.45
C LYS A 578 12.66 17.04 -10.54
N LEU A 579 12.83 16.42 -9.38
CA LEU A 579 13.27 15.04 -9.27
C LEU A 579 12.27 14.29 -8.40
N MET A 580 11.71 13.21 -8.94
CA MET A 580 10.83 12.33 -8.20
C MET A 580 11.53 10.99 -7.96
N MET A 581 11.84 10.69 -6.70
CA MET A 581 12.35 9.36 -6.38
C MET A 581 11.53 8.75 -5.25
N ASN A 582 10.22 8.74 -5.45
CA ASN A 582 9.26 8.17 -4.50
C ASN A 582 9.26 6.64 -4.53
N ASP A 583 8.94 6.05 -3.38
CA ASP A 583 8.61 4.63 -3.29
C ASP A 583 9.76 3.76 -3.75
N ASN A 584 10.97 4.20 -3.42
CA ASN A 584 12.17 3.49 -3.81
C ASN A 584 12.74 2.67 -2.68
N ASP A 585 12.19 2.80 -1.47
CA ASP A 585 12.65 2.00 -0.35
C ASP A 585 14.10 2.31 0.05
N ILE A 586 14.60 3.50 -0.28
CA ILE A 586 15.99 3.85 0.00
C ILE A 586 16.22 3.87 1.51
N SER A 587 17.16 3.05 1.97
CA SER A 587 17.55 2.97 3.36
C SER A 587 19.04 3.14 3.57
N SER A 588 19.81 3.31 2.49
CA SER A 588 21.26 3.35 2.56
C SER A 588 21.73 4.19 1.40
N SER A 589 22.92 4.76 1.52
CA SER A 589 23.43 5.57 0.43
C SER A 589 24.95 5.67 0.55
N THR A 590 25.65 5.31 -0.52
CA THR A 590 27.11 5.42 -0.49
C THR A 590 27.54 6.87 -0.37
N SER A 591 26.91 7.77 -1.10
CA SER A 591 27.22 9.19 -0.98
C SER A 591 26.40 9.83 0.14
N ARG A 592 26.98 10.85 0.75
CA ARG A 592 26.31 11.42 1.92
C ARG A 592 25.54 12.69 1.62
N THR A 593 25.79 13.35 0.48
CA THR A 593 25.05 14.56 0.14
C THR A 593 24.62 14.51 -1.32
N MET A 594 23.43 15.00 -1.59
CA MET A 594 22.99 15.28 -2.94
C MET A 594 23.26 16.74 -3.27
N GLU A 595 23.66 16.99 -4.52
CA GLU A 595 24.17 18.29 -4.96
C GLU A 595 23.36 18.74 -6.16
N SER A 596 22.90 19.99 -6.13
CA SER A 596 22.29 20.59 -7.31
C SER A 596 22.30 22.09 -7.19
N GLU A 597 22.57 22.76 -8.29
CA GLU A 597 22.48 24.20 -8.33
C GLU A 597 21.19 24.67 -8.99
N SER A 598 20.36 23.73 -9.48
CA SER A 598 19.14 24.06 -10.18
C SER A 598 17.88 23.47 -9.57
N LEU A 599 17.99 22.34 -8.89
CA LEU A 599 16.83 21.55 -8.48
C LEU A 599 15.90 22.33 -7.56
N ARG A 600 14.62 22.37 -7.90
CA ARG A 600 13.62 23.08 -7.12
C ARG A 600 12.64 22.21 -6.36
N THR A 601 12.36 20.98 -6.83
CA THR A 601 11.38 20.10 -6.21
C THR A 601 11.98 18.72 -6.10
N LEU A 602 11.94 18.15 -4.90
CA LEU A 602 12.40 16.80 -4.67
C LEU A 602 11.30 16.02 -3.97
N GLU A 603 10.79 14.99 -4.65
CA GLU A 603 9.82 14.07 -4.10
C GLU A 603 10.60 12.84 -3.65
N PHE A 604 10.63 12.63 -2.33
CA PHE A 604 11.42 11.59 -1.69
C PHE A 604 10.54 10.76 -0.79
N ARG A 605 9.31 10.55 -1.23
CA ARG A 605 8.28 9.98 -0.39
C ARG A 605 8.34 8.46 -0.48
N GLY A 606 8.00 7.78 0.61
CA GLY A 606 8.05 6.33 0.53
C GLY A 606 9.45 5.74 0.50
N ASN A 607 10.35 6.24 1.34
CA ASN A 607 11.72 5.73 1.44
C ASN A 607 11.97 5.49 2.92
N HIS A 608 13.23 5.39 3.33
CA HIS A 608 13.53 5.04 4.71
C HIS A 608 14.53 6.01 5.32
N LEU A 609 14.16 7.29 5.28
CA LEU A 609 14.96 8.28 5.99
C LEU A 609 15.03 7.97 7.48
N ASP A 610 14.07 7.21 8.01
CA ASP A 610 14.19 6.79 9.41
C ASP A 610 15.47 5.99 9.60
N VAL A 611 15.84 5.19 8.60
CA VAL A 611 17.05 4.38 8.71
C VAL A 611 18.30 5.22 8.46
N LEU A 612 18.28 6.07 7.44
CA LEU A 612 19.44 6.94 7.18
C LEU A 612 19.72 7.91 8.33
N TRP A 613 18.67 8.40 8.98
CA TRP A 613 18.80 9.37 10.05
C TRP A 613 18.66 8.73 11.42
N ARG A 614 18.96 7.45 11.50
CA ARG A 614 18.89 6.72 12.76
C ARG A 614 19.65 7.46 13.85
N ASP A 615 18.99 7.61 14.99
CA ASP A 615 19.58 8.36 16.10
C ASP A 615 20.97 7.82 16.42
N GLY A 616 21.95 8.73 16.45
CA GLY A 616 23.33 8.36 16.65
C GLY A 616 24.15 8.34 15.36
N ASP A 617 23.51 8.18 14.21
CA ASP A 617 24.19 8.19 12.93
C ASP A 617 24.06 9.59 12.36
N ASN A 618 25.14 10.36 12.36
CA ASN A 618 25.10 11.73 11.89
C ASN A 618 25.41 11.89 10.42
N ARG A 619 25.74 10.80 9.70
CA ARG A 619 26.37 10.99 8.39
C ARG A 619 25.42 11.48 7.29
N TYR A 620 24.11 11.34 7.43
CA TYR A 620 23.22 11.76 6.36
C TYR A 620 22.36 12.97 6.73
N LEU A 621 22.65 13.66 7.82
CA LEU A 621 21.80 14.77 8.24
C LEU A 621 21.88 15.99 7.31
N GLN A 622 22.82 16.01 6.38
CA GLN A 622 22.91 17.10 5.40
C GLN A 622 22.69 16.58 3.99
N LEU A 623 21.95 15.47 3.88
CA LEU A 623 21.70 14.84 2.59
C LEU A 623 21.13 15.81 1.56
N PHE A 624 20.22 16.70 1.97
CA PHE A 624 19.62 17.66 1.05
C PHE A 624 20.20 19.08 1.16
N LYS A 625 21.20 19.31 2.02
CA LYS A 625 21.65 20.67 2.31
C LYS A 625 22.19 21.39 1.07
N ASN A 626 22.86 20.65 0.16
CA ASN A 626 23.47 21.25 -1.01
C ASN A 626 22.55 21.26 -2.24
N LEU A 627 21.26 21.03 -2.03
CA LEU A 627 20.26 21.34 -3.05
C LEU A 627 19.90 22.80 -2.87
N LEU A 628 20.80 23.69 -3.34
CA LEU A 628 20.74 25.09 -2.90
C LEU A 628 19.46 25.79 -3.33
N LYS A 629 18.90 25.43 -4.46
CA LYS A 629 17.72 26.12 -4.93
C LYS A 629 16.41 25.41 -4.60
N LEU A 630 16.46 24.32 -3.83
CA LEU A 630 15.27 23.51 -3.55
C LEU A 630 14.24 24.32 -2.75
N GLU A 631 13.00 24.32 -3.21
CA GLU A 631 11.93 25.00 -2.50
C GLU A 631 10.86 24.06 -1.98
N GLU A 632 10.71 22.87 -2.56
CA GLU A 632 9.66 21.93 -2.19
C GLU A 632 10.28 20.57 -1.91
N LEU A 633 10.06 20.06 -0.69
CA LEU A 633 10.59 18.77 -0.28
C LEU A 633 9.43 17.92 0.25
N ASP A 634 9.25 16.74 -0.32
CA ASP A 634 8.23 15.81 0.13
C ASP A 634 8.95 14.62 0.77
N ILE A 635 8.93 14.56 2.10
CA ILE A 635 9.48 13.40 2.77
C ILE A 635 8.40 12.80 3.67
N SER A 636 7.18 12.79 3.16
CA SER A 636 6.11 12.01 3.75
C SER A 636 6.43 10.53 3.62
N LYS A 637 5.69 9.70 4.38
CA LYS A 637 5.79 8.23 4.28
C LYS A 637 7.23 7.77 4.32
N ASN A 638 7.95 8.19 5.36
CA ASN A 638 9.34 7.79 5.53
C ASN A 638 9.57 7.18 6.90
N SER A 639 8.51 6.77 7.59
CA SER A 639 8.63 6.10 8.90
C SER A 639 9.34 6.96 9.92
N LEU A 640 9.25 8.27 9.77
CA LEU A 640 9.91 9.18 10.70
C LEU A 640 8.99 9.40 11.90
N SER A 641 9.08 8.50 12.88
CA SER A 641 8.31 8.67 14.11
C SER A 641 8.88 9.76 15.00
N PHE A 642 10.13 10.15 14.76
CA PHE A 642 10.72 11.33 15.38
C PHE A 642 11.76 11.84 14.42
N LEU A 643 12.15 13.10 14.60
CA LEU A 643 13.16 13.70 13.74
C LEU A 643 14.41 13.94 14.57
N PRO A 644 15.52 13.29 14.23
CA PRO A 644 16.76 13.52 14.97
C PRO A 644 17.19 14.97 14.87
N SER A 645 17.78 15.48 15.94
CA SER A 645 18.34 16.82 15.91
C SER A 645 19.41 16.89 14.82
N GLY A 646 19.38 18.00 14.09
CA GLY A 646 20.24 18.22 12.94
C GLY A 646 19.49 18.19 11.64
N VAL A 647 18.27 17.63 11.63
CA VAL A 647 17.52 17.48 10.40
C VAL A 647 17.14 18.85 9.84
N PHE A 648 16.65 19.75 10.68
CA PHE A 648 16.20 21.03 10.16
C PHE A 648 17.40 21.92 9.80
N ASP A 649 18.41 21.95 10.65
CA ASP A 649 19.66 22.63 10.32
C ASP A 649 20.26 22.12 9.00
N GLY A 650 20.09 20.85 8.71
CA GLY A 650 20.61 20.30 7.48
C GLY A 650 19.80 20.61 6.25
N MET A 651 18.64 21.23 6.37
CA MET A 651 17.82 21.48 5.21
C MET A 651 18.44 22.60 4.37
N PRO A 652 18.22 22.59 3.05
CA PRO A 652 18.72 23.69 2.20
C PRO A 652 18.04 25.01 2.55
N PRO A 653 18.69 26.14 2.25
CA PRO A 653 18.25 27.43 2.83
C PRO A 653 16.96 27.97 2.28
N ASN A 654 16.52 27.52 1.11
CA ASN A 654 15.32 28.08 0.49
C ASN A 654 14.11 27.18 0.59
N LEU A 655 14.12 26.21 1.51
CA LEU A 655 12.98 25.31 1.63
C LEU A 655 11.74 26.11 1.99
N LYS A 656 10.71 25.99 1.17
CA LYS A 656 9.46 26.72 1.32
C LYS A 656 8.30 25.83 1.74
N ASN A 657 8.27 24.62 1.20
CA ASN A 657 7.10 23.76 1.29
C ASN A 657 7.61 22.37 1.64
N LEU A 658 7.28 21.91 2.85
CA LEU A 658 7.84 20.68 3.42
C LEU A 658 6.72 19.78 3.88
N SER A 659 6.65 18.56 3.36
CA SER A 659 5.70 17.57 3.83
C SER A 659 6.39 16.53 4.69
N LEU A 660 5.91 16.38 5.92
CA LEU A 660 6.32 15.29 6.79
C LEU A 660 5.13 14.40 7.08
N ALA A 661 4.15 14.40 6.19
CA ALA A 661 2.91 13.69 6.42
C ALA A 661 3.12 12.18 6.46
N LYS A 662 2.17 11.50 7.08
CA LYS A 662 2.07 10.03 7.04
C LYS A 662 3.36 9.37 7.50
N ASN A 663 3.89 9.84 8.62
CA ASN A 663 5.17 9.38 9.15
C ASN A 663 5.05 8.70 10.51
N GLY A 664 3.86 8.64 11.10
CA GLY A 664 3.74 8.22 12.48
C GLY A 664 4.54 9.08 13.41
N LEU A 665 4.67 10.37 13.10
CA LEU A 665 5.36 11.28 14.00
C LEU A 665 4.69 11.32 15.37
N LYS A 666 5.37 10.83 16.39
CA LYS A 666 4.81 10.88 17.72
C LYS A 666 5.20 12.13 18.48
N SER A 667 6.18 12.89 17.97
CA SER A 667 6.65 14.07 18.71
C SER A 667 7.35 15.01 17.76
N PHE A 668 7.34 16.29 18.12
CA PHE A 668 7.83 17.33 17.23
C PHE A 668 8.26 18.52 18.07
N ILE A 669 9.52 18.90 17.98
CA ILE A 669 10.05 20.07 18.66
C ILE A 669 9.83 21.27 17.75
N TRP A 670 8.75 22.01 18.00
CA TRP A 670 8.33 23.08 17.09
C TRP A 670 9.39 24.17 16.97
N GLU A 671 10.20 24.39 18.02
CA GLU A 671 11.23 25.43 17.97
C GLU A 671 12.18 25.23 16.80
N LYS A 672 12.41 23.99 16.39
CA LYS A 672 13.38 23.77 15.33
C LYS A 672 12.94 24.36 13.99
N LEU A 673 11.68 24.79 13.85
CA LEU A 673 11.26 25.46 12.64
C LEU A 673 12.01 26.77 12.43
N ARG A 674 12.65 27.30 13.47
CA ARG A 674 13.44 28.50 13.33
C ARG A 674 14.56 28.33 12.31
N TYR A 675 15.10 27.11 12.17
CA TYR A 675 16.14 26.91 11.18
C TYR A 675 15.63 27.16 9.76
N LEU A 676 14.35 26.90 9.50
CA LEU A 676 13.83 26.93 8.12
C LEU A 676 13.30 28.33 7.85
N LYS A 677 14.22 29.22 7.46
CA LYS A 677 13.87 30.63 7.46
C LYS A 677 13.00 31.05 6.27
N ASN A 678 12.72 30.16 5.32
CA ASN A 678 11.81 30.50 4.24
C ASN A 678 10.62 29.56 4.16
N LEU A 679 10.35 28.85 5.27
CA LEU A 679 9.25 27.90 5.34
C LEU A 679 7.93 28.63 5.23
N GLU A 680 7.16 28.28 4.22
CA GLU A 680 5.82 28.84 4.05
C GLU A 680 4.72 27.82 4.28
N THR A 681 4.89 26.57 3.82
CA THR A 681 3.92 25.48 4.00
C THR A 681 4.56 24.35 4.77
N LEU A 682 3.90 23.91 5.84
CA LEU A 682 4.35 22.76 6.64
C LEU A 682 3.20 21.76 6.70
N ASP A 683 3.37 20.62 6.08
CA ASP A 683 2.34 19.59 6.08
C ASP A 683 2.74 18.50 7.07
N LEU A 684 2.01 18.42 8.19
CA LEU A 684 2.20 17.37 9.19
C LEU A 684 0.98 16.44 9.29
N SER A 685 0.19 16.33 8.23
CA SER A 685 -1.02 15.55 8.30
C SER A 685 -0.72 14.08 8.55
N HIS A 686 -1.71 13.39 9.11
CA HIS A 686 -1.68 11.94 9.29
C HIS A 686 -0.45 11.51 10.07
N ASN A 687 -0.34 12.05 11.28
CA ASN A 687 0.74 11.71 12.17
C ASN A 687 0.10 11.46 13.53
N GLN A 688 0.93 11.49 14.57
CA GLN A 688 0.51 11.16 15.92
C GLN A 688 0.82 12.32 16.88
N LEU A 689 0.83 13.53 16.38
CA LEU A 689 1.12 14.67 17.25
C LEU A 689 -0.02 14.89 18.22
N THR A 690 0.33 15.19 19.47
CA THR A 690 -0.68 15.45 20.49
C THR A 690 -0.71 16.90 20.99
N THR A 691 0.26 17.74 20.63
CA THR A 691 0.24 19.13 21.08
C THR A 691 0.68 20.04 19.94
N VAL A 692 0.29 21.32 20.06
CA VAL A 692 0.75 22.37 19.15
C VAL A 692 1.73 23.25 19.93
N PRO A 693 2.51 24.12 19.29
CA PRO A 693 3.48 24.92 20.05
C PRO A 693 2.78 25.94 20.93
N GLU A 694 3.47 26.35 22.00
CA GLU A 694 2.89 27.32 22.91
C GLU A 694 2.61 28.66 22.21
N ARG A 695 3.55 29.12 21.36
CA ARG A 695 3.35 30.30 20.52
C ARG A 695 3.95 30.04 19.15
N LEU A 696 3.09 29.83 18.15
CA LEU A 696 3.56 29.48 16.82
C LEU A 696 4.39 30.58 16.20
N SER A 697 4.09 31.84 16.52
CA SER A 697 4.90 32.97 16.08
C SER A 697 6.36 32.80 16.49
N ASN A 698 6.60 32.33 17.71
CA ASN A 698 7.96 32.23 18.21
C ASN A 698 8.74 31.08 17.58
N CYS A 699 8.13 30.35 16.65
CA CYS A 699 8.72 29.18 16.01
C CYS A 699 9.10 29.41 14.57
N SER A 700 8.30 30.19 13.88
CA SER A 700 8.49 30.44 12.47
C SER A 700 7.87 31.80 12.17
N ARG A 701 8.67 32.69 11.59
CA ARG A 701 8.21 34.01 11.25
C ARG A 701 7.78 34.06 9.82
N SER A 702 7.83 32.93 9.15
CA SER A 702 7.50 32.84 7.74
C SER A 702 6.31 31.96 7.46
N LEU A 703 5.96 31.07 8.39
CA LEU A 703 4.97 30.04 8.13
C LEU A 703 3.60 30.63 7.79
N LYS A 704 3.09 30.27 6.63
CA LYS A 704 1.81 30.70 6.06
C LYS A 704 0.73 29.63 6.09
N ASN A 705 1.10 28.39 5.83
CA ASN A 705 0.18 27.27 5.68
C ASN A 705 0.62 26.14 6.59
N LEU A 706 -0.15 25.90 7.63
CA LEU A 706 0.14 24.86 8.61
C LEU A 706 -0.94 23.80 8.50
N ILE A 707 -0.56 22.58 8.15
CA ILE A 707 -1.50 21.49 7.97
C ILE A 707 -1.26 20.49 9.09
N LEU A 708 -2.26 20.34 9.97
CA LEU A 708 -2.16 19.45 11.11
C LEU A 708 -3.27 18.41 11.13
N LYS A 709 -3.94 18.20 10.01
CA LYS A 709 -5.10 17.34 10.00
C LYS A 709 -4.71 15.90 10.28
N ASN A 710 -5.67 15.15 10.80
CA ASN A 710 -5.53 13.75 11.20
C ASN A 710 -4.32 13.54 12.10
N ASN A 711 -4.41 14.14 13.28
CA ASN A 711 -3.46 13.88 14.35
C ASN A 711 -4.28 13.57 15.61
N GLN A 712 -3.64 13.65 16.76
CA GLN A 712 -4.24 13.26 18.02
C GLN A 712 -4.36 14.44 18.96
N ILE A 713 -4.48 15.66 18.42
CA ILE A 713 -4.43 16.86 19.24
C ILE A 713 -5.73 16.97 20.04
N ARG A 714 -5.59 17.10 21.37
CA ARG A 714 -6.74 17.13 22.25
C ARG A 714 -7.04 18.51 22.78
N SER A 715 -6.13 19.47 22.62
CA SER A 715 -6.34 20.83 23.09
C SER A 715 -5.32 21.78 22.46
N LEU A 716 -5.65 23.06 22.42
CA LEU A 716 -4.72 24.07 21.91
C LEU A 716 -4.07 24.82 23.08
N THR A 717 -2.81 25.19 22.90
CA THR A 717 -2.08 25.96 23.90
C THR A 717 -2.75 27.31 24.13
N LYS A 718 -2.52 27.89 25.31
CA LYS A 718 -3.26 29.09 25.68
C LYS A 718 -3.12 30.21 24.63
N TYR A 719 -1.90 30.46 24.14
CA TYR A 719 -1.63 31.58 23.24
C TYR A 719 -1.19 31.14 21.83
N PHE A 720 -1.57 29.92 21.45
CA PHE A 720 -1.21 29.28 20.20
C PHE A 720 -0.94 30.24 19.04
N LEU A 721 -1.96 30.96 18.54
CA LEU A 721 -1.79 31.75 17.32
C LEU A 721 -1.44 33.20 17.59
N GLN A 722 -1.01 33.54 18.79
CA GLN A 722 -0.79 34.94 19.15
C GLN A 722 0.32 35.58 18.29
N ASP A 723 -0.02 36.67 17.60
CA ASP A 723 0.89 37.41 16.72
C ASP A 723 1.42 36.57 15.57
N ALA A 724 0.72 35.53 15.16
CA ALA A 724 1.16 34.74 14.01
C ALA A 724 0.75 35.45 12.71
N PHE A 725 1.29 36.65 12.51
CA PHE A 725 0.72 37.53 11.49
C PHE A 725 0.84 36.97 10.09
N GLN A 726 1.75 36.01 9.86
CA GLN A 726 1.92 35.49 8.52
C GLN A 726 0.96 34.36 8.19
N LEU A 727 0.34 33.76 9.21
CA LEU A 727 -0.55 32.63 9.03
C LEU A 727 -1.73 32.98 8.13
N ARG A 728 -1.98 32.11 7.14
CA ARG A 728 -3.08 32.27 6.21
C ARG A 728 -3.94 31.03 6.05
N TYR A 729 -3.47 29.85 6.44
CA TYR A 729 -4.23 28.62 6.23
C TYR A 729 -3.88 27.66 7.36
N LEU A 730 -4.89 27.14 8.03
CA LEU A 730 -4.69 26.29 9.21
C LEU A 730 -5.70 25.16 9.19
N ASP A 731 -5.23 23.94 9.10
CA ASP A 731 -6.10 22.78 9.09
C ASP A 731 -5.87 22.05 10.39
N LEU A 732 -6.87 22.08 11.25
CA LEU A 732 -6.85 21.31 12.48
C LEU A 732 -7.91 20.22 12.46
N SER A 733 -8.40 19.87 11.28
CA SER A 733 -9.51 18.93 11.21
C SER A 733 -9.04 17.51 11.55
N SER A 734 -10.00 16.67 11.92
CA SER A 734 -9.74 15.27 12.27
C SER A 734 -8.73 15.18 13.40
N ASN A 735 -9.03 15.85 14.50
CA ASN A 735 -8.25 15.67 15.71
C ASN A 735 -9.26 15.33 16.82
N LYS A 736 -8.88 15.55 18.07
CA LYS A 736 -9.73 15.21 19.19
C LYS A 736 -9.91 16.44 20.10
N ILE A 737 -9.95 17.63 19.51
CA ILE A 737 -10.05 18.87 20.28
C ILE A 737 -11.43 18.99 20.91
N GLN A 738 -11.48 19.37 22.17
CA GLN A 738 -12.76 19.59 22.85
C GLN A 738 -13.14 21.06 23.00
N MET A 739 -12.17 21.94 23.16
CA MET A 739 -12.39 23.32 23.55
C MET A 739 -11.44 24.20 22.76
N ILE A 740 -11.90 25.38 22.40
CA ILE A 740 -11.02 26.41 21.87
C ILE A 740 -11.38 27.71 22.57
N GLN A 741 -10.39 28.35 23.20
CA GLN A 741 -10.59 29.61 23.89
C GLN A 741 -10.04 30.76 23.06
N LYS A 742 -10.53 31.97 23.35
CA LYS A 742 -10.23 33.15 22.54
C LYS A 742 -8.73 33.46 22.51
N THR A 743 -8.05 33.25 23.64
CA THR A 743 -6.61 33.44 23.71
C THR A 743 -5.89 32.68 22.61
N SER A 744 -6.33 31.45 22.32
CA SER A 744 -5.63 30.67 21.31
C SER A 744 -5.85 31.23 19.91
N PHE A 745 -6.97 31.92 19.67
CA PHE A 745 -7.40 32.36 18.35
C PHE A 745 -7.59 33.89 18.31
N PRO A 746 -6.51 34.67 18.41
CA PRO A 746 -6.68 36.13 18.34
C PRO A 746 -7.32 36.57 17.04
N GLU A 747 -8.26 37.50 17.15
CA GLU A 747 -9.07 37.83 16.00
C GLU A 747 -8.30 38.65 14.97
N ASN A 748 -7.19 39.27 15.34
CA ASN A 748 -6.35 39.87 14.30
C ASN A 748 -5.62 38.82 13.47
N VAL A 749 -5.50 37.59 13.98
CA VAL A 749 -4.93 36.51 13.19
C VAL A 749 -6.00 35.80 12.40
N LEU A 750 -7.22 35.73 12.93
CA LEU A 750 -8.25 34.99 12.21
C LEU A 750 -8.76 35.75 11.01
N ASN A 751 -8.72 37.09 11.01
CA ASN A 751 -9.21 37.81 9.84
C ASN A 751 -8.26 37.78 8.65
N ASN A 752 -6.97 37.46 8.88
CA ASN A 752 -6.07 37.12 7.78
C ASN A 752 -6.41 35.78 7.12
N LEU A 753 -6.96 34.81 7.88
CA LEU A 753 -6.95 33.44 7.42
C LEU A 753 -7.89 33.29 6.23
N LYS A 754 -7.35 32.82 5.09
CA LYS A 754 -8.20 32.44 3.97
C LYS A 754 -9.05 31.22 4.31
N MET A 755 -8.53 30.29 5.09
CA MET A 755 -9.33 29.14 5.46
C MET A 755 -8.88 28.59 6.80
N LEU A 756 -9.84 28.04 7.54
CA LEU A 756 -9.59 27.50 8.88
C LEU A 756 -10.45 26.26 9.01
N LEU A 757 -9.82 25.09 9.05
CA LEU A 757 -10.53 23.82 9.03
C LEU A 757 -10.63 23.28 10.46
N LEU A 758 -11.85 22.94 10.86
CA LEU A 758 -12.03 22.43 12.22
C LEU A 758 -12.93 21.21 12.27
N HIS A 759 -13.33 20.67 11.13
CA HIS A 759 -14.35 19.65 11.19
C HIS A 759 -13.79 18.37 11.78
N HIS A 760 -14.68 17.53 12.29
CA HIS A 760 -14.34 16.22 12.80
C HIS A 760 -13.34 16.30 13.97
N ASN A 761 -13.73 17.03 15.01
CA ASN A 761 -13.03 17.07 16.28
C ASN A 761 -14.00 16.55 17.36
N ARG A 762 -13.65 16.70 18.62
CA ARG A 762 -14.54 16.20 19.68
C ARG A 762 -15.13 17.34 20.49
N PHE A 763 -15.73 18.31 19.80
CA PHE A 763 -16.12 19.57 20.43
C PHE A 763 -17.14 19.34 21.53
N LEU A 764 -16.93 19.98 22.67
CA LEU A 764 -17.74 19.77 23.85
C LEU A 764 -18.54 21.03 24.14
N CYS A 765 -19.85 20.93 24.05
CA CYS A 765 -20.73 22.10 23.96
C CYS A 765 -21.38 22.42 25.30
N THR A 766 -20.54 22.57 26.31
CA THR A 766 -20.99 23.04 27.61
C THR A 766 -20.92 24.57 27.59
N CYS A 767 -21.32 25.19 28.70
CA CYS A 767 -21.26 26.64 28.79
C CYS A 767 -19.84 27.17 28.72
N ASP A 768 -18.84 26.34 29.03
CA ASP A 768 -17.44 26.74 28.87
C ASP A 768 -17.11 27.07 27.42
N ALA A 769 -17.92 26.59 26.49
CA ALA A 769 -17.65 26.70 25.07
C ALA A 769 -18.32 27.89 24.45
N VAL A 770 -18.74 28.87 25.26
CA VAL A 770 -19.66 29.90 24.78
C VAL A 770 -19.00 30.79 23.74
N TRP A 771 -17.73 31.16 23.96
CA TRP A 771 -17.06 32.03 23.00
C TRP A 771 -16.90 31.32 21.66
N PHE A 772 -16.44 30.07 21.68
CA PHE A 772 -16.22 29.33 20.45
C PHE A 772 -17.52 29.15 19.68
N VAL A 773 -18.59 28.73 20.35
CA VAL A 773 -19.86 28.54 19.65
C VAL A 773 -20.33 29.86 19.06
N TRP A 774 -20.22 30.96 19.82
CA TRP A 774 -20.61 32.26 19.27
C TRP A 774 -19.77 32.62 18.05
N TRP A 775 -18.45 32.43 18.14
CA TRP A 775 -17.56 32.85 17.06
C TRP A 775 -17.79 32.04 15.78
N VAL A 776 -17.92 30.71 15.88
CA VAL A 776 -18.18 29.90 14.70
C VAL A 776 -19.44 30.37 13.99
N GLN A 777 -20.47 30.71 14.76
CA GLN A 777 -21.75 31.11 14.17
C GLN A 777 -21.68 32.48 13.52
N HIS A 778 -20.83 33.37 14.03
CA HIS A 778 -20.80 34.76 13.59
C HIS A 778 -19.57 35.13 12.77
N THR A 779 -18.67 34.19 12.52
CA THR A 779 -17.41 34.55 11.87
C THR A 779 -17.57 34.60 10.36
N GLU A 780 -16.76 35.48 9.76
CA GLU A 780 -16.61 35.58 8.31
C GLU A 780 -15.60 34.59 7.77
N VAL A 781 -14.71 34.06 8.62
CA VAL A 781 -13.69 33.12 8.18
C VAL A 781 -14.32 31.91 7.52
N THR A 782 -13.68 31.42 6.47
CA THR A 782 -14.18 30.24 5.75
C THR A 782 -13.90 28.97 6.55
N ILE A 783 -14.95 28.21 6.86
CA ILE A 783 -14.80 27.00 7.65
C ILE A 783 -15.61 25.95 6.92
N PRO A 784 -14.98 25.06 6.16
CA PRO A 784 -15.75 24.05 5.44
C PRO A 784 -16.47 23.10 6.38
N TYR A 785 -17.60 22.57 5.89
CA TYR A 785 -18.38 21.51 6.53
C TYR A 785 -19.08 21.93 7.84
N LEU A 786 -19.37 23.22 8.04
CA LEU A 786 -20.17 23.62 9.20
C LEU A 786 -21.53 22.91 9.22
N ALA A 787 -22.10 22.65 8.05
CA ALA A 787 -23.39 21.97 7.96
C ALA A 787 -23.31 20.51 8.36
N THR A 788 -22.16 19.88 8.19
CA THR A 788 -22.08 18.43 8.22
C THR A 788 -21.05 17.84 9.18
N ASP A 789 -19.98 18.56 9.57
CA ASP A 789 -18.98 17.88 10.38
C ASP A 789 -18.32 18.78 11.43
N VAL A 790 -18.97 19.85 11.86
CA VAL A 790 -18.52 20.64 13.01
C VAL A 790 -19.61 20.50 14.07
N THR A 791 -19.39 19.60 15.02
CA THR A 791 -20.46 18.92 15.74
C THR A 791 -20.11 18.80 17.21
N CYS A 792 -21.14 18.76 18.06
CA CYS A 792 -20.93 18.45 19.47
C CYS A 792 -20.82 16.96 19.70
N VAL A 793 -19.85 16.57 20.52
CA VAL A 793 -19.84 15.21 21.03
C VAL A 793 -20.70 15.09 22.28
N GLY A 794 -20.84 16.19 23.02
CA GLY A 794 -21.65 16.23 24.22
C GLY A 794 -21.87 17.67 24.65
N PRO A 795 -22.54 17.87 25.79
CA PRO A 795 -23.04 16.83 26.71
C PRO A 795 -24.42 16.28 26.35
N GLY A 796 -24.53 14.95 26.32
CA GLY A 796 -25.77 14.21 26.15
C GLY A 796 -26.91 14.90 25.42
N ALA A 797 -27.40 15.99 26.01
CA ALA A 797 -28.49 16.76 25.40
C ALA A 797 -28.16 17.15 23.97
N HIS A 798 -26.94 17.66 23.76
CA HIS A 798 -26.52 18.18 22.46
C HIS A 798 -25.76 17.18 21.57
N LYS A 799 -25.63 15.90 21.95
CA LYS A 799 -24.79 15.02 21.14
C LYS A 799 -25.31 14.92 19.71
N GLY A 800 -24.37 14.88 18.77
CA GLY A 800 -24.65 14.88 17.34
C GLY A 800 -25.23 16.16 16.79
N GLN A 801 -25.35 17.21 17.58
CA GLN A 801 -25.88 18.45 17.08
C GLN A 801 -24.77 19.28 16.45
N SER A 802 -25.13 20.09 15.45
CA SER A 802 -24.15 20.97 14.83
C SER A 802 -23.90 22.18 15.71
N VAL A 803 -22.63 22.59 15.80
CA VAL A 803 -22.29 23.76 16.60
C VAL A 803 -22.94 25.00 16.01
N ILE A 804 -23.13 25.05 14.70
CA ILE A 804 -23.67 26.26 14.07
C ILE A 804 -25.11 26.53 14.53
N SER A 805 -25.87 25.47 14.82
CA SER A 805 -27.26 25.60 15.26
C SER A 805 -27.44 25.73 16.78
N LEU A 806 -26.37 25.74 17.56
CA LEU A 806 -26.48 25.63 19.00
C LEU A 806 -27.09 26.90 19.62
N ASP A 807 -27.99 26.71 20.58
CA ASP A 807 -28.58 27.80 21.36
C ASP A 807 -28.09 27.67 22.78
N LEU A 808 -27.27 28.65 23.22
CA LEU A 808 -26.69 28.58 24.55
C LEU A 808 -27.18 29.68 25.48
N TYR A 809 -28.44 30.11 25.31
CA TYR A 809 -28.97 31.21 26.13
C TYR A 809 -29.04 30.82 27.61
N THR A 810 -29.25 29.55 27.90
CA THR A 810 -29.29 29.10 29.30
C THR A 810 -28.02 29.44 30.04
N CYS A 811 -26.92 29.70 29.34
CA CYS A 811 -25.69 30.15 29.95
C CYS A 811 -25.69 31.65 30.26
N GLU A 812 -26.76 32.38 29.93
CA GLU A 812 -26.82 33.83 30.11
C GLU A 812 -28.00 34.32 30.96
N LEU A 813 -28.63 33.46 31.74
CA LEU A 813 -29.80 33.92 32.49
C LEU A 813 -29.43 34.77 33.72
N ALA B 5 -17.95 -17.41 38.24
CA ALA B 5 -17.20 -18.66 38.30
C ALA B 5 -15.89 -18.47 39.05
N ARG B 6 -15.59 -17.22 39.44
CA ARG B 6 -14.39 -16.86 40.17
C ARG B 6 -14.79 -16.07 41.41
N TRP B 7 -14.28 -16.44 42.56
CA TRP B 7 -14.72 -15.75 43.77
C TRP B 7 -13.94 -14.47 44.05
N PHE B 8 -12.70 -14.35 43.58
CA PHE B 8 -11.92 -13.15 43.78
C PHE B 8 -11.33 -12.65 42.46
N PRO B 9 -11.85 -11.55 41.91
CA PRO B 9 -11.36 -11.08 40.60
C PRO B 9 -9.88 -10.74 40.67
N LYS B 10 -9.17 -11.05 39.59
CA LYS B 10 -7.79 -10.62 39.51
C LYS B 10 -7.78 -9.16 39.11
N THR B 11 -7.11 -8.35 39.90
CA THR B 11 -7.01 -6.93 39.64
C THR B 11 -5.59 -6.52 39.28
N LEU B 12 -4.64 -7.42 39.52
CA LEU B 12 -3.25 -7.12 39.23
C LEU B 12 -3.04 -6.98 37.74
N PRO B 13 -2.43 -5.91 37.27
CA PRO B 13 -2.33 -5.66 35.81
C PRO B 13 -1.25 -6.49 35.14
N CYS B 14 -0.97 -7.65 35.71
CA CYS B 14 0.07 -8.52 35.21
C CYS B 14 -0.52 -9.90 34.95
N ASP B 15 -0.02 -10.55 33.94
CA ASP B 15 -0.45 -11.90 33.66
C ASP B 15 0.23 -12.81 34.68
N VAL B 16 -0.57 -13.46 35.52
CA VAL B 16 -0.06 -14.43 36.49
C VAL B 16 -0.28 -15.82 35.91
N THR B 17 0.73 -16.67 36.08
CA THR B 17 0.75 -17.97 35.44
C THR B 17 1.49 -18.93 36.35
N LEU B 18 0.97 -20.17 36.43
CA LEU B 18 1.50 -21.17 37.35
C LEU B 18 1.89 -22.40 36.57
N ASP B 19 3.15 -22.82 36.72
CA ASP B 19 3.64 -24.09 36.20
C ASP B 19 4.05 -24.92 37.41
N VAL B 20 3.10 -25.69 37.95
CA VAL B 20 3.31 -26.36 39.24
C VAL B 20 4.39 -27.41 39.19
N SER B 21 4.72 -27.93 38.00
CA SER B 21 5.80 -28.90 37.85
C SER B 21 7.13 -28.33 38.35
N LYS B 22 7.56 -27.21 37.78
CA LYS B 22 8.79 -26.54 38.20
C LYS B 22 8.55 -25.59 39.36
N ASN B 23 7.40 -25.73 40.04
CA ASN B 23 6.95 -24.83 41.09
C ASN B 23 7.38 -23.39 40.85
N HIS B 24 7.06 -22.89 39.66
CA HIS B 24 7.27 -21.50 39.29
C HIS B 24 5.93 -20.78 39.29
N VAL B 25 5.88 -19.60 39.92
CA VAL B 25 4.77 -18.67 39.77
C VAL B 25 5.30 -17.47 38.97
N ILE B 26 4.85 -17.34 37.73
CA ILE B 26 5.37 -16.35 36.78
C ILE B 26 4.41 -15.18 36.71
N VAL B 27 4.92 -13.98 36.96
CA VAL B 27 4.13 -12.75 36.94
C VAL B 27 4.76 -11.80 35.93
N ASP B 28 4.07 -11.57 34.81
CA ASP B 28 4.60 -10.86 33.66
C ASP B 28 3.88 -9.52 33.53
N CYS B 29 4.52 -8.45 33.99
CA CYS B 29 4.03 -7.09 33.84
C CYS B 29 4.69 -6.36 32.68
N THR B 30 5.01 -7.06 31.60
CA THR B 30 5.71 -6.38 30.53
C THR B 30 4.80 -5.32 29.93
N ASP B 31 5.32 -4.10 29.78
CA ASP B 31 4.70 -3.02 29.03
C ASP B 31 3.26 -2.78 29.49
N LYS B 32 3.16 -2.31 30.74
CA LYS B 32 1.87 -2.01 31.35
C LYS B 32 1.80 -0.55 31.81
N HIS B 33 2.65 0.30 31.27
CA HIS B 33 2.67 1.73 31.62
C HIS B 33 2.62 1.90 33.14
N LEU B 34 3.39 1.08 33.83
CA LEU B 34 3.45 1.16 35.29
C LEU B 34 4.52 2.15 35.73
N THR B 35 4.20 2.92 36.76
CA THR B 35 5.12 3.86 37.42
C THR B 35 5.51 3.43 38.81
N GLU B 36 4.95 2.33 39.32
CA GLU B 36 5.39 1.67 40.54
C GLU B 36 5.19 0.18 40.38
N ILE B 37 5.89 -0.59 41.21
CA ILE B 37 5.67 -2.03 41.21
C ILE B 37 4.27 -2.21 41.79
N PRO B 38 3.35 -2.88 41.11
CA PRO B 38 2.01 -3.03 41.67
C PRO B 38 2.06 -3.78 42.98
N GLY B 39 1.21 -3.37 43.92
CA GLY B 39 1.05 -4.13 45.14
C GLY B 39 0.24 -5.38 44.86
N GLY B 40 0.41 -6.39 45.73
CA GLY B 40 -0.39 -7.57 45.62
C GLY B 40 0.15 -8.64 44.68
N ILE B 41 1.43 -8.60 44.37
CA ILE B 41 2.03 -9.68 43.57
C ILE B 41 2.04 -10.94 44.40
N PRO B 42 1.67 -12.10 43.86
CA PRO B 42 1.63 -13.32 44.67
C PRO B 42 2.95 -13.51 45.39
N THR B 43 2.86 -13.83 46.69
CA THR B 43 4.06 -13.96 47.50
C THR B 43 4.92 -15.13 47.05
N ASN B 44 4.30 -16.21 46.58
CA ASN B 44 5.00 -17.38 46.00
C ASN B 44 5.71 -17.11 44.66
N THR B 45 5.77 -15.86 44.16
CA THR B 45 6.23 -15.60 42.79
C THR B 45 7.70 -15.94 42.60
N THR B 46 7.93 -16.69 41.53
CA THR B 46 9.21 -17.18 41.03
C THR B 46 9.89 -16.24 40.06
N ASN B 47 9.30 -16.05 38.86
CA ASN B 47 9.80 -15.12 37.86
C ASN B 47 8.92 -13.89 37.91
N LEU B 48 9.53 -12.74 38.13
CA LEU B 48 8.84 -11.47 38.03
C LEU B 48 9.45 -10.68 36.88
N THR B 49 8.64 -10.36 35.88
CA THR B 49 9.08 -9.54 34.75
C THR B 49 8.43 -8.16 34.75
N LEU B 50 9.26 -7.12 34.66
CA LEU B 50 8.80 -5.74 34.72
C LEU B 50 9.38 -4.90 33.59
N THR B 51 9.75 -5.54 32.49
CA THR B 51 10.41 -4.83 31.41
C THR B 51 9.44 -3.88 30.69
N ILE B 52 9.97 -2.74 30.24
CA ILE B 52 9.25 -1.67 29.54
C ILE B 52 8.15 -1.09 30.42
N ASN B 53 8.54 -0.38 31.48
CA ASN B 53 7.66 0.38 32.34
C ASN B 53 8.43 1.65 32.70
N HIS B 54 7.93 2.40 33.66
CA HIS B 54 8.59 3.65 34.04
C HIS B 54 8.71 3.75 35.55
N ILE B 55 9.13 2.65 36.16
CA ILE B 55 9.38 2.59 37.59
C ILE B 55 10.71 3.28 37.89
N PRO B 56 10.69 4.38 38.64
CA PRO B 56 11.90 5.21 38.76
C PRO B 56 12.94 4.68 39.72
N ASP B 57 12.61 3.72 40.57
CA ASP B 57 13.54 3.30 41.61
C ASP B 57 13.20 1.91 42.10
N ILE B 58 14.21 1.26 42.69
CA ILE B 58 14.07 -0.01 43.39
C ILE B 58 14.54 0.20 44.81
N SER B 59 13.88 -0.44 45.77
CA SER B 59 14.22 -0.27 47.18
C SER B 59 13.98 -1.58 47.89
N PRO B 60 14.43 -1.71 49.15
CA PRO B 60 14.17 -2.95 49.89
C PRO B 60 12.69 -3.30 49.94
N ALA B 61 11.83 -2.28 49.91
CA ALA B 61 10.38 -2.49 49.86
C ALA B 61 9.90 -3.14 48.56
N SER B 62 10.71 -3.03 47.48
CA SER B 62 10.28 -3.51 46.17
C SER B 62 9.95 -4.99 46.19
N PHE B 63 10.86 -5.82 46.69
CA PHE B 63 10.65 -7.27 46.67
C PHE B 63 10.49 -7.83 48.08
N HIS B 64 10.08 -6.99 49.04
CA HIS B 64 10.10 -7.31 50.46
C HIS B 64 9.45 -8.65 50.76
N ARG B 65 8.24 -8.85 50.26
CA ARG B 65 7.53 -10.09 50.56
C ARG B 65 7.83 -11.20 49.57
N LEU B 66 8.56 -10.93 48.50
CA LEU B 66 8.70 -11.89 47.40
C LEU B 66 10.00 -12.67 47.52
N VAL B 67 10.19 -13.35 48.65
CA VAL B 67 11.50 -13.92 48.93
C VAL B 67 11.72 -15.24 48.22
N HIS B 68 10.78 -15.66 47.38
CA HIS B 68 10.91 -16.87 46.58
C HIS B 68 11.36 -16.58 45.14
N LEU B 69 11.76 -15.35 44.85
CA LEU B 69 12.11 -14.94 43.49
C LEU B 69 13.37 -15.63 43.00
N VAL B 70 13.29 -16.37 41.92
CA VAL B 70 14.52 -16.85 41.30
C VAL B 70 15.00 -15.90 40.20
N GLU B 71 14.08 -15.26 39.47
CA GLU B 71 14.42 -14.38 38.36
C GLU B 71 13.72 -13.03 38.51
N ILE B 72 14.46 -11.94 38.33
CA ILE B 72 13.89 -10.60 38.23
C ILE B 72 14.31 -10.02 36.89
N ASP B 73 13.32 -9.69 36.05
CA ASP B 73 13.54 -9.07 34.74
C ASP B 73 13.07 -7.63 34.86
N PHE B 74 14.01 -6.70 35.04
CA PHE B 74 13.70 -5.29 35.25
C PHE B 74 14.41 -4.43 34.21
N ARG B 75 14.25 -4.77 32.92
CA ARG B 75 14.93 -4.07 31.84
C ARG B 75 14.12 -2.89 31.32
N CYS B 76 14.84 -1.91 30.76
CA CYS B 76 14.24 -0.82 30.00
C CYS B 76 13.16 -0.11 30.81
N ASN B 77 13.52 0.28 32.03
CA ASN B 77 12.74 1.27 32.75
C ASN B 77 13.39 2.65 32.70
N CYS B 78 14.53 2.75 32.02
CA CYS B 78 15.14 4.03 31.73
C CYS B 78 16.13 3.84 30.59
N VAL B 79 15.60 3.62 29.40
CA VAL B 79 16.43 3.32 28.23
C VAL B 79 17.31 4.52 27.93
N PRO B 80 18.56 4.36 27.51
CA PRO B 80 19.35 5.53 27.15
C PRO B 80 18.69 6.32 26.04
N ILE B 81 18.90 7.63 26.07
CA ILE B 81 18.23 8.61 25.22
C ILE B 81 18.06 8.16 23.76
N ARG B 82 19.15 7.75 23.11
CA ARG B 82 19.11 7.46 21.68
C ARG B 82 18.51 6.09 21.36
N LEU B 83 18.35 5.22 22.35
CA LEU B 83 17.81 3.88 22.17
C LEU B 83 16.31 3.77 22.44
N GLY B 84 15.76 4.62 23.30
CA GLY B 84 14.38 4.50 23.72
C GLY B 84 13.45 5.38 22.90
N SER B 85 12.20 5.45 23.37
CA SER B 85 11.22 6.31 22.74
C SER B 85 11.67 7.76 22.79
N LYS B 86 11.48 8.50 21.69
CA LYS B 86 11.70 9.93 21.78
C LYS B 86 10.43 10.69 22.16
N SER B 87 9.26 10.05 22.09
CA SER B 87 8.06 10.73 22.56
C SER B 87 7.94 10.65 24.08
N ASN B 88 8.56 9.63 24.69
CA ASN B 88 8.57 9.46 26.14
C ASN B 88 10.01 9.15 26.58
N MET B 89 10.87 10.14 26.51
CA MET B 89 12.23 9.97 27.00
C MET B 89 12.20 9.78 28.51
N CYS B 90 13.08 8.93 29.00
CA CYS B 90 13.24 8.76 30.44
C CYS B 90 14.00 9.96 31.01
N PRO B 91 13.47 10.63 32.02
CA PRO B 91 14.10 11.85 32.54
C PRO B 91 15.32 11.66 33.46
N ARG B 92 15.38 10.58 34.25
CA ARG B 92 16.47 10.41 35.20
C ARG B 92 16.69 8.91 35.42
N ARG B 93 17.97 8.51 35.52
CA ARG B 93 18.35 7.10 35.60
C ARG B 93 17.61 6.37 36.72
N LEU B 94 17.42 5.06 36.54
CA LEU B 94 16.84 4.25 37.60
C LEU B 94 17.76 4.26 38.82
N GLN B 95 17.16 4.34 40.02
CA GLN B 95 17.89 4.44 41.28
C GLN B 95 17.66 3.18 42.11
N ILE B 96 18.73 2.49 42.45
CA ILE B 96 18.67 1.22 43.18
C ILE B 96 19.22 1.47 44.57
N LYS B 97 18.34 1.44 45.58
CA LYS B 97 18.73 1.77 46.95
C LYS B 97 19.47 0.59 47.56
N PRO B 98 20.33 0.86 48.55
CA PRO B 98 20.97 -0.24 49.28
C PRO B 98 19.93 -1.21 49.85
N ARG B 99 20.30 -2.49 49.80
CA ARG B 99 19.73 -3.80 50.21
C ARG B 99 18.74 -4.31 49.18
N SER B 100 18.56 -3.68 48.03
CA SER B 100 17.36 -4.02 47.26
C SER B 100 17.30 -5.50 46.92
N PHE B 101 18.45 -6.16 46.86
CA PHE B 101 18.50 -7.56 46.45
C PHE B 101 19.05 -8.50 47.51
N SER B 102 19.69 -7.98 48.57
CA SER B 102 20.35 -8.87 49.53
C SER B 102 19.37 -9.83 50.18
N GLY B 103 18.10 -9.45 50.29
CA GLY B 103 17.12 -10.36 50.85
C GLY B 103 16.65 -11.47 49.94
N LEU B 104 16.91 -11.38 48.64
CA LEU B 104 16.37 -12.36 47.69
C LEU B 104 17.34 -13.53 47.64
N THR B 105 17.27 -14.35 48.68
CA THR B 105 18.23 -15.42 48.94
C THR B 105 18.21 -16.52 47.88
N TYR B 106 17.17 -16.59 47.05
CA TYR B 106 17.05 -17.61 46.03
C TYR B 106 17.26 -17.05 44.63
N LEU B 107 17.60 -15.75 44.52
CA LEU B 107 17.62 -15.04 43.24
C LEU B 107 18.76 -15.54 42.38
N LYS B 108 18.44 -16.17 41.26
CA LYS B 108 19.49 -16.67 40.38
C LYS B 108 19.76 -15.78 39.17
N SER B 109 18.77 -15.03 38.68
CA SER B 109 18.89 -14.25 37.45
C SER B 109 18.41 -12.82 37.67
N LEU B 110 19.21 -11.84 37.26
CA LEU B 110 18.85 -10.45 37.47
C LEU B 110 19.16 -9.70 36.18
N TYR B 111 18.12 -9.20 35.52
CA TYR B 111 18.26 -8.40 34.31
C TYR B 111 18.01 -6.93 34.66
N LEU B 112 19.04 -6.10 34.50
CA LEU B 112 18.87 -4.66 34.68
C LEU B 112 19.32 -3.87 33.46
N ASP B 113 19.15 -4.45 32.27
CA ASP B 113 19.60 -3.77 31.06
C ASP B 113 18.78 -2.52 30.76
N GLY B 114 19.39 -1.56 30.07
CA GLY B 114 18.64 -0.44 29.58
C GLY B 114 18.04 0.43 30.65
N ASN B 115 18.77 0.65 31.74
CA ASN B 115 18.29 1.45 32.85
C ASN B 115 19.18 2.63 33.14
N GLN B 116 20.18 2.88 32.30
CA GLN B 116 21.05 4.05 32.39
C GLN B 116 21.88 4.04 33.65
N LEU B 117 22.14 2.85 34.18
CA LEU B 117 22.90 2.75 35.42
C LEU B 117 24.34 3.15 35.18
N LEU B 118 24.98 3.64 36.23
CA LEU B 118 26.35 4.12 36.11
C LEU B 118 27.37 3.14 36.65
N GLU B 119 26.95 2.17 37.45
CA GLU B 119 27.86 1.32 38.19
C GLU B 119 27.22 -0.05 38.38
N ILE B 120 28.05 -1.04 38.64
CA ILE B 120 27.55 -2.39 38.85
C ILE B 120 26.77 -2.43 40.16
N PRO B 121 25.46 -2.70 40.15
CA PRO B 121 24.71 -2.68 41.42
C PRO B 121 25.34 -3.67 42.39
N GLN B 122 25.60 -3.18 43.60
CA GLN B 122 26.22 -3.96 44.65
C GLN B 122 25.14 -4.53 45.57
N GLY B 123 25.58 -5.37 46.50
CA GLY B 123 24.63 -6.04 47.35
C GLY B 123 23.92 -7.19 46.67
N LEU B 124 24.53 -7.77 45.70
CA LEU B 124 23.73 -8.84 45.14
C LEU B 124 23.96 -10.14 45.90
N PRO B 125 22.95 -11.00 45.93
CA PRO B 125 23.04 -12.25 46.69
C PRO B 125 24.07 -13.21 46.13
N PRO B 126 24.60 -14.11 46.95
CA PRO B 126 25.55 -15.11 46.47
C PRO B 126 24.91 -16.22 45.64
N SER B 127 23.59 -16.25 45.51
CA SER B 127 22.94 -17.27 44.69
C SER B 127 22.98 -16.93 43.20
N LEU B 128 23.42 -15.73 42.83
CA LEU B 128 23.19 -15.20 41.49
C LEU B 128 24.10 -15.89 40.47
N GLN B 129 23.50 -16.46 39.43
CA GLN B 129 24.28 -17.09 38.35
C GLN B 129 24.32 -16.30 37.05
N LEU B 130 23.29 -15.47 36.77
CA LEU B 130 23.24 -14.65 35.57
C LEU B 130 22.99 -13.20 35.94
N LEU B 131 23.84 -12.30 35.48
CA LEU B 131 23.67 -10.87 35.68
C LEU B 131 23.77 -10.17 34.33
N SER B 132 22.79 -9.31 34.02
CA SER B 132 22.70 -8.65 32.72
C SER B 132 22.65 -7.15 32.92
N LEU B 133 23.59 -6.44 32.30
CA LEU B 133 23.71 -4.99 32.47
C LEU B 133 23.90 -4.28 31.14
N GLU B 134 23.43 -4.89 30.04
CA GLU B 134 23.54 -4.28 28.71
C GLU B 134 22.81 -2.94 28.63
N ALA B 135 23.29 -2.06 27.75
CA ALA B 135 22.60 -0.81 27.45
C ALA B 135 22.49 0.09 28.67
N ASN B 136 23.43 -0.03 29.59
CA ASN B 136 23.59 0.94 30.66
C ASN B 136 24.75 1.88 30.32
N ASN B 137 25.29 2.57 31.33
CA ASN B 137 26.36 3.52 31.14
C ASN B 137 27.56 3.16 31.98
N ILE B 138 27.89 1.86 31.99
CA ILE B 138 28.95 1.29 32.79
C ILE B 138 30.12 1.00 31.87
N PHE B 139 31.20 1.77 31.97
CA PHE B 139 32.32 1.59 31.05
C PHE B 139 33.65 1.55 31.78
N SER B 140 33.64 1.04 33.01
CA SER B 140 34.85 0.84 33.79
C SER B 140 34.59 -0.28 34.78
N ILE B 141 35.29 -1.40 34.60
CA ILE B 141 35.09 -2.60 35.39
C ILE B 141 36.24 -2.70 36.40
N ARG B 142 35.90 -2.81 37.67
CA ARG B 142 36.88 -2.92 38.72
C ARG B 142 36.73 -4.25 39.41
N LYS B 143 37.86 -4.90 39.71
CA LYS B 143 37.81 -6.21 40.36
C LYS B 143 37.04 -6.13 41.67
N GLU B 144 37.09 -5.00 42.34
CA GLU B 144 36.39 -4.85 43.61
C GLU B 144 34.89 -4.96 43.41
N GLN B 145 34.35 -4.24 42.40
CA GLN B 145 32.93 -4.27 42.10
C GLN B 145 32.45 -5.66 41.69
N LEU B 146 33.36 -6.60 41.43
CA LEU B 146 32.97 -7.92 40.98
C LEU B 146 33.05 -8.99 42.07
N THR B 147 33.57 -8.69 43.27
CA THR B 147 33.67 -9.73 44.31
C THR B 147 32.32 -10.38 44.56
N GLU B 148 31.28 -9.57 44.75
CA GLU B 148 29.94 -10.05 45.09
C GLU B 148 29.44 -11.11 44.12
N LEU B 149 30.05 -11.22 42.94
CA LEU B 149 29.58 -12.11 41.89
C LEU B 149 30.34 -13.43 41.89
N ALA B 150 30.70 -13.93 43.07
CA ALA B 150 31.54 -15.13 43.17
C ALA B 150 30.98 -16.29 42.35
N ASN B 151 29.71 -16.61 42.54
CA ASN B 151 29.12 -17.78 41.91
C ASN B 151 28.57 -17.51 40.51
N ILE B 152 28.99 -16.42 39.88
CA ILE B 152 28.36 -16.01 38.63
C ILE B 152 28.86 -16.88 37.49
N GLU B 153 27.97 -17.15 36.54
CA GLU B 153 28.24 -17.99 35.38
C GLU B 153 27.99 -17.30 34.05
N ILE B 154 27.06 -16.34 34.01
CA ILE B 154 26.68 -15.62 32.79
C ILE B 154 26.66 -14.15 33.13
N LEU B 155 27.41 -13.34 32.39
CA LEU B 155 27.58 -11.92 32.73
C LEU B 155 27.52 -11.11 31.44
N TYR B 156 26.49 -10.27 31.28
CA TYR B 156 26.29 -9.50 30.05
C TYR B 156 26.59 -8.02 30.33
N LEU B 157 27.65 -7.50 29.70
CA LEU B 157 28.06 -6.11 29.92
C LEU B 157 28.14 -5.28 28.64
N GLY B 158 27.66 -5.80 27.51
CA GLY B 158 27.80 -5.10 26.24
C GLY B 158 26.90 -3.88 26.08
N GLN B 159 27.08 -3.20 24.94
CA GLN B 159 26.25 -2.06 24.52
C GLN B 159 26.22 -0.94 25.56
N ASN B 160 27.28 -0.87 26.36
CA ASN B 160 27.40 0.21 27.33
C ASN B 160 28.20 1.38 26.81
N CYS B 161 28.83 1.25 25.63
CA CYS B 161 29.60 2.35 25.06
C CYS B 161 29.78 2.09 23.54
N TYR B 162 28.85 2.61 22.74
CA TYR B 162 28.94 2.53 21.29
C TYR B 162 28.15 3.69 20.68
N TYR B 163 28.06 3.70 19.34
CA TYR B 163 27.60 4.93 18.68
C TYR B 163 26.18 5.31 19.10
N ARG B 164 25.30 4.33 19.29
CA ARG B 164 23.95 4.62 19.78
C ARG B 164 23.89 4.92 21.27
N ASN B 165 24.97 4.68 22.02
CA ASN B 165 24.97 4.88 23.47
C ASN B 165 26.38 5.25 23.90
N PRO B 166 26.85 6.43 23.52
CA PRO B 166 28.28 6.74 23.68
C PRO B 166 28.68 6.98 25.12
N CYS B 167 29.93 6.59 25.44
CA CYS B 167 30.54 7.00 26.69
C CYS B 167 31.72 7.96 26.50
N TYR B 168 32.17 8.18 25.27
CA TYR B 168 33.14 9.21 24.89
C TYR B 168 34.55 8.97 25.44
N VAL B 169 34.83 7.80 25.99
CA VAL B 169 36.17 7.41 26.38
C VAL B 169 36.35 5.92 26.03
N SER B 170 37.53 5.40 26.31
CA SER B 170 37.74 3.98 26.13
C SER B 170 37.15 3.21 27.29
N TYR B 171 36.70 2.00 26.99
CA TYR B 171 36.29 1.09 28.03
C TYR B 171 37.52 0.69 28.85
N SER B 172 37.36 0.58 30.17
CA SER B 172 38.47 0.28 31.08
C SER B 172 38.16 -0.98 31.89
N ILE B 173 39.10 -1.92 31.88
CA ILE B 173 38.96 -3.18 32.62
C ILE B 173 40.25 -3.45 33.39
N GLU B 174 40.16 -3.51 34.71
CA GLU B 174 41.34 -3.74 35.56
C GLU B 174 41.94 -5.11 35.32
N LYS B 175 43.25 -5.24 35.58
CA LYS B 175 43.79 -6.51 35.17
C LYS B 175 43.25 -7.57 36.14
N ASP B 176 43.02 -8.77 35.62
CA ASP B 176 42.48 -9.92 36.36
C ASP B 176 41.15 -9.62 37.03
N ALA B 177 40.46 -8.53 36.64
CA ALA B 177 39.13 -8.25 37.19
C ALA B 177 38.23 -9.49 37.16
N PHE B 178 38.29 -10.29 36.10
CA PHE B 178 37.37 -11.42 36.00
C PHE B 178 37.94 -12.74 36.50
N LEU B 179 39.22 -12.77 36.87
CA LEU B 179 39.89 -14.05 37.10
C LEU B 179 39.34 -14.80 38.30
N ASN B 180 38.95 -14.09 39.37
CA ASN B 180 38.41 -14.77 40.55
C ASN B 180 36.94 -15.16 40.43
N LEU B 181 36.30 -14.87 39.29
CA LEU B 181 34.96 -15.38 39.00
C LEU B 181 35.14 -16.82 38.52
N THR B 182 35.34 -17.72 39.49
CA THR B 182 35.81 -19.07 39.20
C THR B 182 34.78 -19.93 38.50
N LYS B 183 33.52 -19.51 38.42
CA LYS B 183 32.49 -20.30 37.76
C LYS B 183 32.01 -19.68 36.45
N LEU B 184 32.54 -18.51 36.08
CA LEU B 184 32.11 -17.68 34.95
C LEU B 184 32.22 -18.38 33.61
N LYS B 185 31.10 -18.68 32.96
CA LYS B 185 31.08 -19.45 31.72
C LYS B 185 30.96 -18.60 30.45
N VAL B 186 30.16 -17.52 30.45
CA VAL B 186 30.00 -16.69 29.25
C VAL B 186 30.14 -15.22 29.62
N LEU B 187 30.99 -14.51 28.87
CA LEU B 187 31.29 -13.11 29.12
C LEU B 187 31.11 -12.33 27.82
N SER B 188 30.21 -11.35 27.84
CA SER B 188 29.84 -10.57 26.66
C SER B 188 30.26 -9.14 26.91
N LEU B 189 31.21 -8.64 26.13
CA LEU B 189 31.69 -7.26 26.24
C LEU B 189 31.58 -6.55 24.90
N LYS B 190 30.61 -6.97 24.09
CA LYS B 190 30.40 -6.43 22.75
C LYS B 190 29.99 -4.96 22.78
N ASP B 191 30.22 -4.27 21.67
CA ASP B 191 29.73 -2.92 21.47
C ASP B 191 30.13 -2.01 22.62
N ASN B 192 31.42 -2.02 22.97
CA ASN B 192 31.84 -1.38 24.21
C ASN B 192 33.03 -0.45 24.13
N ASN B 193 33.63 -0.22 22.97
CA ASN B 193 34.80 0.65 22.88
C ASN B 193 35.94 0.07 23.74
N VAL B 194 36.05 -1.27 23.76
CA VAL B 194 37.13 -1.98 24.43
C VAL B 194 38.38 -1.90 23.55
N THR B 195 39.56 -1.78 24.17
CA THR B 195 40.79 -1.60 23.40
C THR B 195 41.80 -2.73 23.49
N THR B 196 41.75 -3.59 24.51
CA THR B 196 42.54 -4.81 24.49
C THR B 196 41.72 -5.95 25.09
N VAL B 197 42.07 -7.17 24.69
CA VAL B 197 41.50 -8.37 25.28
C VAL B 197 41.83 -8.37 26.77
N PRO B 198 40.82 -8.35 27.64
CA PRO B 198 41.11 -8.34 29.08
C PRO B 198 41.79 -9.62 29.54
N THR B 199 42.78 -9.47 30.42
CA THR B 199 43.56 -10.60 30.92
C THR B 199 43.79 -10.41 32.42
N VAL B 200 43.93 -11.51 33.15
CA VAL B 200 43.76 -12.87 32.66
C VAL B 200 42.28 -13.22 32.82
N LEU B 201 41.78 -14.09 31.96
CA LEU B 201 40.40 -14.48 32.12
C LEU B 201 40.33 -15.84 32.80
N PRO B 202 39.20 -16.15 33.44
CA PRO B 202 39.08 -17.45 34.11
C PRO B 202 38.91 -18.56 33.08
N SER B 203 39.71 -19.61 33.23
CA SER B 203 39.80 -20.70 32.27
C SER B 203 38.51 -21.51 32.16
N THR B 204 37.59 -21.30 33.10
CA THR B 204 36.24 -21.83 33.03
C THR B 204 35.42 -21.33 31.83
N LEU B 205 35.82 -20.22 31.19
CA LEU B 205 35.01 -19.61 30.13
C LEU B 205 34.68 -20.59 29.01
N THR B 206 33.42 -20.59 28.57
CA THR B 206 32.97 -21.32 27.38
C THR B 206 32.64 -20.41 26.20
N GLU B 207 32.14 -19.21 26.46
CA GLU B 207 31.69 -18.28 25.42
C GLU B 207 32.25 -16.90 25.75
N LEU B 208 32.95 -16.31 24.80
CA LEU B 208 33.56 -14.99 24.98
C LEU B 208 33.26 -14.15 23.76
N TYR B 209 32.62 -13.00 24.01
CA TYR B 209 32.09 -12.10 22.98
C TYR B 209 32.76 -10.74 23.11
N LEU B 210 33.64 -10.41 22.15
CA LEU B 210 34.37 -9.16 22.16
C LEU B 210 34.13 -8.36 20.88
N TYR B 211 33.03 -8.61 20.20
CA TYR B 211 32.91 -8.04 18.88
C TYR B 211 32.45 -6.58 18.94
N ASN B 212 32.67 -5.89 17.83
CA ASN B 212 32.40 -4.46 17.69
C ASN B 212 33.07 -3.67 18.81
N ASN B 213 34.39 -3.70 18.80
CA ASN B 213 35.18 -2.96 19.77
C ASN B 213 36.31 -2.26 19.03
N MET B 214 37.31 -1.80 19.80
CA MET B 214 38.46 -1.09 19.27
C MET B 214 39.73 -1.87 19.56
N ILE B 215 39.65 -3.19 19.44
CA ILE B 215 40.81 -4.02 19.67
C ILE B 215 41.62 -4.06 18.38
N ALA B 216 42.85 -3.56 18.44
CA ALA B 216 43.70 -3.51 17.26
C ALA B 216 44.65 -4.68 17.17
N GLU B 217 45.02 -5.26 18.32
CA GLU B 217 45.92 -6.40 18.31
C GLU B 217 45.53 -7.44 19.35
N ILE B 218 45.65 -8.69 18.96
CA ILE B 218 45.58 -9.83 19.86
C ILE B 218 47.00 -10.14 20.31
N GLN B 219 47.20 -10.32 21.62
CA GLN B 219 48.49 -10.77 22.11
C GLN B 219 48.58 -12.28 22.03
N GLU B 220 49.77 -12.75 21.72
CA GLU B 220 50.17 -14.15 21.71
C GLU B 220 49.45 -15.00 22.75
N ASP B 221 49.36 -14.47 23.97
CA ASP B 221 48.88 -15.22 25.14
C ASP B 221 47.52 -14.75 25.68
N ASP B 222 46.80 -13.89 24.94
CA ASP B 222 45.51 -13.38 25.37
C ASP B 222 44.50 -14.50 25.68
N PHE B 223 44.58 -15.65 25.02
CA PHE B 223 43.64 -16.75 25.20
C PHE B 223 44.32 -18.01 25.73
N ASN B 224 45.43 -17.83 26.45
CA ASN B 224 46.32 -18.92 26.83
C ASN B 224 45.62 -20.00 27.66
N ASN B 225 44.76 -19.60 28.60
CA ASN B 225 44.22 -20.56 29.57
C ASN B 225 42.81 -21.05 29.23
N LEU B 226 42.14 -20.46 28.23
CA LEU B 226 40.72 -20.72 28.04
C LEU B 226 40.53 -21.98 27.21
N ASN B 227 40.91 -23.11 27.81
CA ASN B 227 40.85 -24.43 27.19
C ASN B 227 39.47 -25.05 27.30
N GLN B 228 38.49 -24.33 27.81
CA GLN B 228 37.10 -24.74 27.73
C GLN B 228 36.32 -23.82 26.81
N LEU B 229 36.98 -22.89 26.13
CA LEU B 229 36.26 -21.99 25.26
C LEU B 229 35.67 -22.77 24.09
N GLN B 230 34.39 -22.51 23.84
CA GLN B 230 33.69 -23.12 22.73
C GLN B 230 33.30 -22.11 21.65
N ILE B 231 33.00 -20.87 22.04
CA ILE B 231 32.63 -19.80 21.12
C ILE B 231 33.54 -18.58 21.37
N LEU B 232 34.12 -18.04 20.32
CA LEU B 232 34.89 -16.81 20.44
C LEU B 232 34.51 -15.88 19.30
N ASP B 233 34.04 -14.68 19.62
CA ASP B 233 33.65 -13.69 18.60
C ASP B 233 34.54 -12.46 18.75
N LEU B 234 35.38 -12.20 17.76
CA LEU B 234 36.25 -11.02 17.70
C LEU B 234 35.84 -10.09 16.56
N SER B 235 34.66 -10.31 15.97
CA SER B 235 34.26 -9.60 14.77
C SER B 235 34.19 -8.10 14.97
N GLY B 236 34.36 -7.36 13.88
CA GLY B 236 34.13 -5.95 14.00
C GLY B 236 35.16 -5.24 14.83
N ASN B 237 36.36 -5.80 14.95
CA ASN B 237 37.54 -5.09 15.40
C ASN B 237 38.42 -4.88 14.18
N CYS B 238 38.74 -3.62 13.88
CA CYS B 238 39.27 -3.22 12.58
C CYS B 238 38.24 -3.53 11.50
N PRO B 239 37.05 -2.95 11.58
CA PRO B 239 35.98 -3.35 10.67
C PRO B 239 36.24 -2.92 9.24
N ARG B 240 35.68 -3.68 8.31
CA ARG B 240 35.58 -3.27 6.91
C ARG B 240 34.36 -2.37 6.76
N CYS B 241 34.58 -1.12 6.37
CA CYS B 241 33.56 -0.10 6.46
C CYS B 241 32.88 0.24 5.14
N TYR B 242 33.20 -0.43 4.04
CA TYR B 242 32.60 -0.05 2.76
C TYR B 242 31.09 -0.30 2.77
N ASN B 243 30.31 0.75 2.52
CA ASN B 243 28.84 0.63 2.56
C ASN B 243 28.32 0.18 3.93
N ALA B 244 29.01 0.51 5.00
CA ALA B 244 28.51 0.19 6.33
C ALA B 244 27.31 1.09 6.62
N PRO B 245 26.19 0.54 7.07
CA PRO B 245 25.00 1.37 7.26
C PRO B 245 24.91 1.95 8.65
N PHE B 246 26.03 1.92 9.35
CA PHE B 246 26.17 2.53 10.66
C PHE B 246 27.49 3.25 10.64
N PRO B 247 27.69 4.25 11.51
CA PRO B 247 29.00 4.91 11.57
C PRO B 247 30.08 3.88 11.89
N CYS B 248 31.17 3.95 11.13
CA CYS B 248 32.19 2.90 11.09
C CYS B 248 33.55 3.55 10.95
N THR B 249 34.43 3.28 11.91
CA THR B 249 35.79 3.79 11.88
C THR B 249 36.80 2.65 11.71
N PRO B 250 37.54 2.63 10.61
CA PRO B 250 38.48 1.54 10.37
C PRO B 250 39.76 1.74 11.15
N CYS B 251 40.50 0.64 11.33
CA CYS B 251 41.83 0.74 11.89
C CYS B 251 42.73 1.52 10.95
N LYS B 252 43.56 2.38 11.53
CA LYS B 252 44.47 3.20 10.74
C LYS B 252 45.36 2.33 9.86
N ASN B 253 45.85 2.94 8.80
CA ASN B 253 46.84 2.35 7.88
C ASN B 253 46.26 1.16 7.13
N ASN B 254 44.94 1.11 6.97
CA ASN B 254 44.22 -0.06 6.41
C ASN B 254 44.62 -1.35 7.08
N SER B 255 44.95 -1.29 8.34
CA SER B 255 45.45 -2.44 9.06
C SER B 255 44.31 -3.39 9.38
N PRO B 256 44.60 -4.69 9.45
CA PRO B 256 43.63 -5.66 9.96
C PRO B 256 43.79 -5.87 11.45
N LEU B 257 42.80 -6.54 12.04
CA LEU B 257 43.00 -7.05 13.39
C LEU B 257 44.18 -8.00 13.35
N GLN B 258 45.21 -7.72 14.15
CA GLN B 258 46.43 -8.51 14.13
C GLN B 258 46.33 -9.65 15.15
N ILE B 259 46.38 -10.88 14.66
CA ILE B 259 46.29 -12.08 15.49
C ILE B 259 47.56 -12.91 15.30
N PRO B 260 48.46 -12.98 16.28
CA PRO B 260 49.67 -13.82 16.14
C PRO B 260 49.25 -15.25 15.86
N VAL B 261 50.06 -15.94 15.03
CA VAL B 261 49.63 -17.21 14.44
C VAL B 261 49.34 -18.29 15.46
N ASN B 262 49.89 -18.19 16.66
CA ASN B 262 49.68 -19.20 17.69
C ASN B 262 48.62 -18.78 18.71
N ALA B 263 47.86 -17.71 18.43
CA ALA B 263 46.99 -17.11 19.44
C ALA B 263 45.89 -18.05 19.92
N PHE B 264 45.47 -19.01 19.08
CA PHE B 264 44.37 -19.92 19.38
C PHE B 264 44.84 -21.27 19.89
N ASP B 265 46.14 -21.45 20.11
CA ASP B 265 46.72 -22.76 20.40
C ASP B 265 46.01 -23.47 21.55
N ALA B 266 45.65 -22.74 22.59
CA ALA B 266 44.97 -23.32 23.73
C ALA B 266 43.51 -23.68 23.44
N LEU B 267 42.93 -23.21 22.34
CA LEU B 267 41.48 -23.28 22.18
C LEU B 267 41.10 -24.62 21.57
N THR B 268 41.36 -25.67 22.35
CA THR B 268 41.18 -27.03 21.87
C THR B 268 39.72 -27.38 21.76
N GLU B 269 38.88 -26.77 22.60
CA GLU B 269 37.45 -27.02 22.62
C GLU B 269 36.65 -26.08 21.72
N LEU B 270 37.29 -25.14 21.05
CA LEU B 270 36.61 -24.13 20.25
C LEU B 270 35.80 -24.79 19.15
N LYS B 271 34.48 -24.54 19.15
CA LYS B 271 33.62 -24.97 18.05
C LYS B 271 33.24 -23.85 17.08
N VAL B 272 33.12 -22.60 17.56
CA VAL B 272 32.70 -21.47 16.75
C VAL B 272 33.73 -20.35 16.85
N LEU B 273 34.20 -19.86 15.70
CA LEU B 273 35.10 -18.73 15.66
C LEU B 273 34.51 -17.68 14.70
N ARG B 274 34.34 -16.46 15.19
CA ARG B 274 33.75 -15.40 14.38
C ARG B 274 34.75 -14.28 14.20
N LEU B 275 35.26 -14.14 12.98
CA LEU B 275 36.14 -13.06 12.59
C LEU B 275 35.52 -12.32 11.41
N HIS B 276 34.30 -11.85 11.61
CA HIS B 276 33.56 -11.09 10.62
C HIS B 276 33.98 -9.62 10.69
N SER B 277 34.23 -9.01 9.55
CA SER B 277 34.55 -7.58 9.51
C SER B 277 35.74 -7.26 10.42
N ASN B 278 36.87 -7.88 10.11
CA ASN B 278 38.14 -7.57 10.76
C ASN B 278 39.19 -7.08 9.78
N SER B 279 38.80 -6.78 8.54
CA SER B 279 39.72 -6.32 7.49
C SER B 279 40.86 -7.31 7.21
N LEU B 280 40.63 -8.61 7.31
CA LEU B 280 41.72 -9.55 7.06
C LEU B 280 42.00 -9.65 5.56
N GLN B 281 43.27 -9.87 5.23
CA GLN B 281 43.69 -10.14 3.86
C GLN B 281 44.29 -11.53 3.71
N HIS B 282 44.63 -12.18 4.83
CA HIS B 282 45.21 -13.51 4.80
C HIS B 282 44.61 -14.30 5.93
N VAL B 283 44.55 -15.61 5.74
CA VAL B 283 44.10 -16.53 6.78
C VAL B 283 45.20 -17.57 6.95
N PRO B 284 46.13 -17.35 7.90
CA PRO B 284 47.28 -18.26 8.07
C PRO B 284 46.86 -19.63 8.57
N PRO B 285 47.23 -20.71 7.89
CA PRO B 285 46.92 -22.05 8.40
C PRO B 285 47.35 -22.30 9.84
N ARG B 286 48.43 -21.65 10.28
CA ARG B 286 48.98 -21.89 11.61
C ARG B 286 47.95 -21.65 12.71
N TRP B 287 47.02 -20.71 12.48
CA TRP B 287 45.96 -20.44 13.46
C TRP B 287 45.28 -21.73 13.89
N PHE B 288 45.04 -22.65 12.96
CA PHE B 288 44.19 -23.82 13.17
C PHE B 288 44.99 -25.10 13.41
N LYS B 289 46.23 -24.99 13.89
CA LYS B 289 47.05 -26.19 14.08
C LYS B 289 46.54 -27.08 15.22
N ASN B 290 46.05 -26.47 16.31
CA ASN B 290 45.63 -27.23 17.48
C ASN B 290 44.14 -27.07 17.76
N ILE B 291 43.35 -26.65 16.78
CA ILE B 291 41.90 -26.77 16.87
C ILE B 291 41.48 -27.70 15.75
N ASN B 292 41.02 -28.89 16.12
CA ASN B 292 40.44 -29.79 15.14
C ASN B 292 38.94 -29.94 15.34
N ASN B 293 38.38 -29.30 16.35
CA ASN B 293 36.97 -29.42 16.64
C ASN B 293 36.14 -28.31 16.00
N LEU B 294 36.79 -27.36 15.32
CA LEU B 294 36.07 -26.21 14.80
C LEU B 294 34.96 -26.63 13.86
N GLN B 295 33.77 -26.11 14.11
CA GLN B 295 32.59 -26.42 13.30
C GLN B 295 32.05 -25.23 12.52
N GLU B 296 32.15 -24.03 13.09
CA GLU B 296 31.56 -22.83 12.51
C GLU B 296 32.62 -21.74 12.43
N LEU B 297 32.85 -21.21 11.22
CA LEU B 297 33.86 -20.18 11.02
C LEU B 297 33.32 -19.08 10.14
N ASP B 298 33.21 -17.85 10.69
CA ASP B 298 32.75 -16.68 9.95
C ASP B 298 33.95 -15.84 9.54
N LEU B 299 34.17 -15.73 8.21
CA LEU B 299 35.19 -14.85 7.66
C LEU B 299 34.59 -13.86 6.67
N SER B 300 33.32 -13.50 6.89
CA SER B 300 32.65 -12.54 6.03
C SER B 300 33.04 -11.11 6.38
N GLN B 301 32.98 -10.24 5.37
CA GLN B 301 33.33 -8.82 5.50
C GLN B 301 34.79 -8.63 5.83
N ASN B 302 35.64 -9.35 5.12
CA ASN B 302 37.05 -9.05 5.14
C ASN B 302 37.51 -8.70 3.74
N PHE B 303 38.80 -8.91 3.46
CA PHE B 303 39.36 -8.70 2.14
C PHE B 303 40.09 -9.97 1.73
N LEU B 304 39.34 -11.07 1.69
CA LEU B 304 39.89 -12.39 1.38
C LEU B 304 39.63 -12.80 -0.06
N ALA B 305 39.48 -11.83 -0.97
CA ALA B 305 39.18 -12.14 -2.37
C ALA B 305 40.22 -13.10 -2.96
N LYS B 306 41.51 -12.74 -2.90
CA LYS B 306 42.53 -13.65 -3.43
C LYS B 306 42.67 -14.88 -2.54
N GLU B 307 42.64 -14.71 -1.22
CA GLU B 307 42.82 -15.83 -0.32
C GLU B 307 41.81 -16.96 -0.61
N ILE B 308 40.66 -16.62 -1.18
CA ILE B 308 39.67 -17.65 -1.53
C ILE B 308 40.20 -18.60 -2.59
N GLY B 309 41.07 -18.12 -3.48
CA GLY B 309 41.69 -18.96 -4.51
C GLY B 309 42.93 -19.72 -4.05
N ASP B 310 43.39 -19.46 -2.84
CA ASP B 310 44.57 -20.07 -2.24
C ASP B 310 44.13 -20.93 -1.07
N ALA B 311 43.85 -20.31 0.08
CA ALA B 311 43.07 -20.92 1.18
C ALA B 311 43.67 -22.23 1.67
N LYS B 312 44.98 -22.24 1.92
CA LYS B 312 45.62 -23.41 2.50
C LYS B 312 45.04 -23.75 3.86
N PHE B 313 44.63 -22.73 4.62
CA PHE B 313 44.18 -22.95 5.99
C PHE B 313 43.05 -23.96 6.07
N LEU B 314 42.30 -24.16 4.97
CA LEU B 314 41.16 -25.07 4.97
C LEU B 314 41.57 -26.51 5.18
N HIS B 315 42.81 -26.86 4.86
CA HIS B 315 43.26 -28.24 5.07
C HIS B 315 43.28 -28.61 6.53
N PHE B 316 43.26 -27.63 7.44
CA PHE B 316 43.27 -27.87 8.87
C PHE B 316 41.87 -27.94 9.46
N LEU B 317 40.82 -28.00 8.64
CA LEU B 317 39.45 -27.85 9.12
C LEU B 317 38.54 -29.01 8.71
N PRO B 318 38.98 -30.25 8.91
CA PRO B 318 38.16 -31.39 8.42
C PRO B 318 36.81 -31.53 9.12
N ASN B 319 36.62 -30.94 10.29
CA ASN B 319 35.35 -31.10 11.02
C ASN B 319 34.38 -29.95 10.79
N LEU B 320 34.69 -29.04 9.87
CA LEU B 320 33.95 -27.79 9.72
C LEU B 320 32.57 -28.02 9.15
N ILE B 321 31.55 -27.48 9.82
CA ILE B 321 30.16 -27.60 9.36
C ILE B 321 29.73 -26.41 8.52
N GLN B 322 29.99 -25.18 9.00
CA GLN B 322 29.63 -23.92 8.34
C GLN B 322 30.86 -23.10 8.03
N LEU B 323 30.90 -22.55 6.82
CA LEU B 323 31.97 -21.64 6.41
C LEU B 323 31.35 -20.48 5.63
N ASP B 324 31.60 -19.26 6.13
CA ASP B 324 31.07 -18.04 5.53
C ASP B 324 32.20 -17.14 5.05
N LEU B 325 32.24 -16.90 3.74
CA LEU B 325 33.24 -16.05 3.14
C LEU B 325 32.63 -14.86 2.43
N SER B 326 31.42 -14.44 2.84
CA SER B 326 30.66 -13.47 2.09
C SER B 326 31.23 -12.07 2.20
N PHE B 327 31.09 -11.31 1.12
CA PHE B 327 31.47 -9.91 1.08
C PHE B 327 32.96 -9.75 1.38
N ASN B 328 33.78 -10.38 0.56
CA ASN B 328 35.22 -10.17 0.59
C ASN B 328 35.72 -9.50 -0.67
N PHE B 329 34.82 -9.07 -1.54
CA PHE B 329 35.25 -8.54 -2.82
C PHE B 329 36.19 -7.37 -2.64
N GLU B 330 37.15 -7.24 -3.55
CA GLU B 330 37.96 -6.04 -3.56
C GLU B 330 37.17 -4.93 -4.23
N LEU B 331 37.25 -3.74 -3.64
CA LEU B 331 36.44 -2.63 -4.10
C LEU B 331 36.74 -2.34 -5.56
N GLN B 332 35.68 -2.01 -6.31
CA GLN B 332 35.74 -1.63 -7.71
C GLN B 332 36.19 -2.73 -8.67
N VAL B 333 36.16 -4.00 -8.26
CA VAL B 333 36.56 -5.11 -9.11
C VAL B 333 35.36 -5.99 -9.44
N TYR B 334 35.16 -6.23 -10.73
CA TYR B 334 34.12 -7.12 -11.23
C TYR B 334 34.79 -8.31 -11.90
N ARG B 335 35.17 -9.31 -11.12
CA ARG B 335 35.91 -10.46 -11.63
C ARG B 335 35.16 -11.16 -12.74
N ALA B 336 35.90 -11.88 -13.56
CA ALA B 336 35.30 -12.65 -14.65
C ALA B 336 34.60 -13.89 -14.15
N SER B 337 35.08 -14.47 -13.05
CA SER B 337 34.66 -15.78 -12.62
C SER B 337 35.15 -15.98 -11.19
N MET B 338 34.81 -17.14 -10.61
CA MET B 338 35.16 -17.46 -9.23
C MET B 338 36.29 -18.49 -9.15
N ASN B 339 37.44 -18.05 -8.65
CA ASN B 339 38.61 -18.89 -8.44
C ASN B 339 38.46 -19.44 -7.02
N LEU B 340 37.94 -20.66 -6.92
CA LEU B 340 37.85 -21.42 -5.67
C LEU B 340 39.00 -22.44 -5.59
N SER B 341 39.89 -22.25 -4.63
CA SER B 341 41.00 -23.17 -4.43
C SER B 341 40.53 -24.62 -4.28
N GLN B 342 41.37 -25.56 -4.74
CA GLN B 342 41.08 -26.98 -4.54
C GLN B 342 41.01 -27.33 -3.06
N ALA B 343 41.58 -26.49 -2.20
CA ALA B 343 41.62 -26.80 -0.78
C ALA B 343 40.23 -27.00 -0.20
N PHE B 344 39.23 -26.38 -0.82
CA PHE B 344 37.84 -26.58 -0.40
C PHE B 344 37.45 -28.05 -0.38
N SER B 345 38.01 -28.85 -1.28
CA SER B 345 37.72 -30.28 -1.37
C SER B 345 38.05 -31.04 -0.09
N SER B 346 38.83 -30.47 0.82
CA SER B 346 39.21 -31.12 2.07
C SER B 346 38.24 -30.85 3.21
N LEU B 347 37.08 -30.28 2.91
CA LEU B 347 36.11 -29.94 3.96
C LEU B 347 35.07 -31.04 4.10
N LYS B 348 35.57 -32.24 4.44
CA LYS B 348 34.75 -33.45 4.44
C LYS B 348 33.45 -33.30 5.25
N SER B 349 33.43 -32.45 6.27
CA SER B 349 32.23 -32.33 7.10
C SER B 349 31.28 -31.22 6.67
N LEU B 350 31.68 -30.34 5.75
CA LEU B 350 30.95 -29.10 5.42
C LEU B 350 29.50 -29.33 5.01
N LYS B 351 28.57 -28.68 5.72
CA LYS B 351 27.16 -28.68 5.35
C LYS B 351 26.67 -27.38 4.70
N ILE B 352 27.21 -26.23 5.10
CA ILE B 352 26.77 -24.91 4.67
C ILE B 352 27.98 -24.10 4.24
N LEU B 353 27.97 -23.64 2.99
CA LEU B 353 29.01 -22.80 2.43
C LEU B 353 28.34 -21.56 1.88
N ARG B 354 28.83 -20.38 2.26
CA ARG B 354 28.22 -19.11 1.89
C ARG B 354 29.27 -18.18 1.32
N ILE B 355 29.09 -17.77 0.05
CA ILE B 355 30.01 -16.84 -0.59
C ILE B 355 29.20 -15.77 -1.32
N ARG B 356 28.38 -15.04 -0.60
CA ARG B 356 27.78 -13.83 -1.16
C ARG B 356 28.85 -12.77 -1.36
N GLY B 357 28.58 -11.83 -2.26
CA GLY B 357 29.45 -10.67 -2.40
C GLY B 357 30.88 -10.98 -2.78
N TYR B 358 31.09 -12.08 -3.51
CA TYR B 358 32.35 -12.28 -4.19
C TYR B 358 32.46 -11.39 -5.42
N VAL B 359 31.36 -11.26 -6.18
CA VAL B 359 31.18 -10.33 -7.28
C VAL B 359 31.96 -10.75 -8.53
N PHE B 360 31.28 -11.42 -9.47
CA PHE B 360 31.92 -11.96 -10.66
C PHE B 360 30.89 -12.19 -11.75
N LYS B 361 31.34 -12.15 -13.01
CA LYS B 361 30.41 -12.03 -14.14
C LYS B 361 29.80 -13.36 -14.54
N GLU B 362 30.57 -14.43 -14.49
CA GLU B 362 30.14 -15.66 -15.11
C GLU B 362 30.49 -16.80 -14.15
N LEU B 363 29.49 -17.61 -13.78
CA LEU B 363 29.68 -18.83 -13.01
C LEU B 363 29.44 -20.00 -13.96
N LYS B 364 30.39 -20.91 -14.05
CA LYS B 364 30.35 -22.09 -14.95
C LYS B 364 30.84 -23.31 -14.19
N SER B 365 30.33 -24.49 -14.57
CA SER B 365 30.37 -25.70 -13.75
C SER B 365 31.76 -26.05 -13.16
N PHE B 366 32.83 -26.00 -13.97
CA PHE B 366 34.22 -26.15 -13.50
C PHE B 366 34.57 -25.34 -12.25
N GLN B 367 34.08 -24.11 -12.11
CA GLN B 367 34.50 -23.35 -10.92
C GLN B 367 34.08 -24.02 -9.63
N LEU B 368 33.03 -24.84 -9.65
CA LEU B 368 32.50 -25.50 -8.47
C LEU B 368 33.07 -26.91 -8.21
N SER B 369 34.00 -27.38 -9.04
CA SER B 369 34.45 -28.76 -8.93
C SER B 369 35.02 -29.09 -7.56
N PRO B 370 35.80 -28.21 -6.88
CA PRO B 370 36.26 -28.54 -5.51
C PRO B 370 35.16 -28.96 -4.55
N LEU B 371 33.92 -28.65 -4.90
CA LEU B 371 32.77 -28.96 -4.07
C LEU B 371 32.15 -30.30 -4.42
N HIS B 372 32.65 -30.97 -5.46
CA HIS B 372 31.94 -32.10 -6.04
C HIS B 372 31.81 -33.24 -5.04
N ASN B 373 32.85 -33.50 -4.25
CA ASN B 373 32.86 -34.66 -3.36
C ASN B 373 32.64 -34.32 -1.90
N LEU B 374 32.23 -33.10 -1.57
CA LEU B 374 31.81 -32.79 -0.21
C LEU B 374 30.42 -33.40 -0.04
N GLN B 375 30.37 -34.64 0.45
CA GLN B 375 29.11 -35.38 0.42
C GLN B 375 28.06 -34.77 1.35
N ASN B 376 28.48 -34.09 2.42
CA ASN B 376 27.51 -33.57 3.38
C ASN B 376 27.03 -32.15 3.04
N LEU B 377 27.44 -31.60 1.90
CA LEU B 377 27.12 -30.22 1.59
C LEU B 377 25.61 -30.05 1.42
N GLU B 378 25.02 -29.20 2.26
CA GLU B 378 23.59 -28.98 2.21
C GLU B 378 23.17 -27.65 1.59
N VAL B 379 23.96 -26.58 1.76
CA VAL B 379 23.58 -25.24 1.34
C VAL B 379 24.74 -24.59 0.59
N LEU B 380 24.48 -24.09 -0.61
CA LEU B 380 25.45 -23.29 -1.34
C LEU B 380 24.81 -21.95 -1.68
N ASP B 381 25.36 -20.88 -1.10
CA ASP B 381 24.80 -19.54 -1.16
C ASP B 381 25.75 -18.66 -1.97
N LEU B 382 25.38 -18.37 -3.21
CA LEU B 382 26.18 -17.51 -4.06
C LEU B 382 25.45 -16.21 -4.39
N GLY B 383 24.62 -15.73 -3.46
CA GLY B 383 23.83 -14.56 -3.70
C GLY B 383 24.63 -13.27 -3.71
N THR B 384 23.98 -12.21 -4.17
CA THR B 384 24.55 -10.87 -4.29
C THR B 384 25.97 -10.95 -4.85
N ASN B 385 26.05 -11.52 -6.05
CA ASN B 385 27.32 -11.62 -6.73
C ASN B 385 27.30 -10.98 -8.10
N PHE B 386 26.16 -10.43 -8.54
CA PHE B 386 26.04 -9.77 -9.84
C PHE B 386 26.44 -10.71 -10.97
N ILE B 387 26.12 -11.99 -10.79
CA ILE B 387 26.36 -13.00 -11.82
C ILE B 387 25.44 -12.74 -13.00
N LYS B 388 26.03 -12.67 -14.21
CA LYS B 388 25.29 -12.42 -15.44
C LYS B 388 25.01 -13.69 -16.25
N ILE B 389 25.81 -14.74 -16.08
CA ILE B 389 25.73 -15.93 -16.94
C ILE B 389 25.91 -17.16 -16.07
N ALA B 390 24.96 -18.08 -16.12
CA ALA B 390 25.09 -19.33 -15.36
C ALA B 390 24.26 -20.40 -16.06
N ASN B 391 24.91 -21.43 -16.59
CA ASN B 391 24.15 -22.55 -17.12
C ASN B 391 23.62 -23.33 -15.92
N LEU B 392 22.32 -23.22 -15.67
CA LEU B 392 21.73 -23.87 -14.50
C LEU B 392 21.89 -25.39 -14.51
N SER B 393 22.21 -26.00 -15.64
CA SER B 393 22.35 -27.44 -15.65
C SER B 393 23.58 -27.90 -14.88
N MET B 394 24.52 -26.99 -14.59
CA MET B 394 25.69 -27.37 -13.82
C MET B 394 25.32 -27.95 -12.45
N PHE B 395 24.12 -27.65 -11.95
CA PHE B 395 23.73 -28.13 -10.64
C PHE B 395 23.18 -29.53 -10.68
N LYS B 396 23.24 -30.20 -11.83
CA LYS B 396 22.95 -31.63 -11.89
C LYS B 396 23.92 -32.41 -11.01
N GLN B 397 25.12 -31.88 -10.81
CA GLN B 397 26.11 -32.46 -9.92
C GLN B 397 25.90 -32.09 -8.46
N PHE B 398 24.73 -31.56 -8.09
CA PHE B 398 24.49 -31.20 -6.70
C PHE B 398 23.10 -31.61 -6.25
N LYS B 399 22.58 -32.74 -6.75
CA LYS B 399 21.26 -33.18 -6.30
C LYS B 399 21.18 -33.40 -4.80
N ARG B 400 22.31 -33.62 -4.14
CA ARG B 400 22.30 -33.90 -2.70
C ARG B 400 22.00 -32.67 -1.86
N LEU B 401 22.22 -31.48 -2.41
CA LEU B 401 22.04 -30.22 -1.69
C LEU B 401 20.57 -29.96 -1.39
N LYS B 402 20.32 -29.27 -0.28
CA LYS B 402 18.98 -28.83 0.08
C LYS B 402 18.61 -27.47 -0.50
N VAL B 403 19.56 -26.54 -0.62
CA VAL B 403 19.31 -25.19 -1.15
C VAL B 403 20.49 -24.74 -2.00
N ILE B 404 20.21 -24.35 -3.24
CA ILE B 404 21.20 -23.69 -4.08
C ILE B 404 20.70 -22.26 -4.25
N ASP B 405 21.43 -21.30 -3.69
CA ASP B 405 20.94 -19.93 -3.54
C ASP B 405 21.67 -19.00 -4.49
N LEU B 406 20.99 -18.60 -5.56
CA LEU B 406 21.51 -17.59 -6.48
C LEU B 406 20.71 -16.30 -6.41
N SER B 407 20.04 -16.07 -5.28
CA SER B 407 19.20 -14.89 -5.11
C SER B 407 19.98 -13.59 -5.31
N VAL B 408 19.33 -12.61 -5.92
CA VAL B 408 19.89 -11.27 -6.08
C VAL B 408 21.13 -11.35 -6.97
N ASN B 409 20.92 -11.62 -8.25
CA ASN B 409 22.01 -11.58 -9.21
C ASN B 409 21.44 -10.95 -10.47
N LYS B 410 22.21 -11.00 -11.57
CA LYS B 410 21.78 -10.44 -12.84
C LYS B 410 21.62 -11.51 -13.92
N ILE B 411 21.25 -12.73 -13.53
CA ILE B 411 21.20 -13.85 -14.46
C ILE B 411 20.12 -13.63 -15.53
N SER B 412 20.45 -13.94 -16.78
CA SER B 412 19.48 -13.83 -17.87
C SER B 412 19.94 -14.71 -19.03
N PRO B 413 19.04 -15.08 -19.97
CA PRO B 413 19.48 -15.80 -21.17
C PRO B 413 19.91 -14.87 -22.30
N VAL B 437 16.58 -19.38 6.14
CA VAL B 437 16.68 -18.08 5.48
C VAL B 437 17.40 -17.10 6.40
N LEU B 438 18.15 -16.17 5.81
CA LEU B 438 18.77 -15.10 6.57
C LEU B 438 17.96 -13.81 6.41
N GLU B 439 18.02 -12.95 7.43
CA GLU B 439 17.25 -11.71 7.43
C GLU B 439 17.65 -10.85 6.22
N GLN B 440 16.70 -10.02 5.77
CA GLN B 440 16.94 -9.12 4.64
C GLN B 440 18.22 -8.30 4.83
N LEU B 441 18.47 -7.82 6.05
CA LEU B 441 19.72 -7.16 6.37
C LEU B 441 20.41 -8.06 7.39
N TYR B 442 21.60 -8.56 7.04
CA TYR B 442 22.21 -9.66 7.76
C TYR B 442 23.71 -9.45 7.81
N TYR B 443 24.37 -9.45 6.65
CA TYR B 443 25.79 -9.23 6.58
C TYR B 443 26.16 -7.79 6.89
N PHE B 444 25.19 -6.89 6.82
CA PHE B 444 25.47 -5.46 6.96
C PHE B 444 24.82 -4.84 8.17
N ARG B 445 24.48 -5.59 9.19
CA ARG B 445 24.02 -4.85 10.35
C ARG B 445 25.10 -4.81 11.42
N TYR B 446 24.93 -3.86 12.33
CA TYR B 446 25.92 -3.62 13.37
C TYR B 446 25.99 -4.81 14.31
N ASP B 447 24.90 -5.12 14.99
CA ASP B 447 24.88 -6.26 15.93
C ASP B 447 23.64 -7.11 15.66
N LYS B 448 23.78 -8.11 14.79
CA LYS B 448 22.68 -9.00 14.45
C LYS B 448 22.18 -9.79 15.65
N TYR B 449 22.95 -9.87 16.75
CA TYR B 449 22.56 -10.66 17.91
C TYR B 449 22.07 -9.80 19.06
N ALA B 450 21.75 -8.55 18.80
CA ALA B 450 21.32 -7.68 19.87
C ALA B 450 19.96 -8.12 20.41
N ARG B 451 19.84 -8.09 21.73
CA ARG B 451 18.60 -8.38 22.43
C ARG B 451 17.66 -7.19 22.38
N SER B 452 16.36 -7.46 22.40
CA SER B 452 15.33 -6.43 22.41
C SER B 452 14.78 -6.24 23.81
N CYS B 453 14.08 -5.13 24.02
CA CYS B 453 13.54 -4.87 25.36
C CYS B 453 12.53 -5.93 25.80
N ARG B 454 11.86 -6.60 24.86
CA ARG B 454 10.99 -7.74 25.23
C ARG B 454 11.76 -9.08 25.24
N SER B 468 8.42 -19.91 3.40
CA SER B 468 9.56 -20.56 2.74
C SER B 468 9.17 -21.91 2.13
N CYS B 469 9.95 -22.36 1.14
CA CYS B 469 9.67 -23.61 0.43
C CYS B 469 10.74 -24.67 0.65
N TYR B 470 11.72 -24.42 1.51
CA TYR B 470 12.77 -25.39 1.74
C TYR B 470 12.21 -26.75 2.16
N LYS B 471 11.13 -26.76 2.96
CA LYS B 471 10.55 -28.00 3.48
C LYS B 471 10.27 -29.01 2.38
N TYR B 472 10.00 -28.56 1.16
CA TYR B 472 9.55 -29.47 0.10
C TYR B 472 10.68 -30.26 -0.55
N GLY B 473 11.96 -29.97 -0.26
CA GLY B 473 13.06 -30.70 -0.87
C GLY B 473 14.05 -29.77 -1.54
N GLN B 474 14.79 -30.31 -2.52
CA GLN B 474 15.81 -29.53 -3.22
C GLN B 474 15.22 -28.24 -3.79
N THR B 475 15.86 -27.12 -3.46
CA THR B 475 15.38 -25.79 -3.81
C THR B 475 16.43 -25.03 -4.61
N LEU B 476 16.04 -24.55 -5.78
CA LEU B 476 16.86 -23.66 -6.58
C LEU B 476 16.23 -22.28 -6.43
N ASP B 477 16.93 -21.40 -5.71
CA ASP B 477 16.46 -20.04 -5.50
C ASP B 477 17.06 -19.15 -6.58
N LEU B 478 16.25 -18.77 -7.57
CA LEU B 478 16.65 -17.81 -8.59
C LEU B 478 15.98 -16.45 -8.38
N SER B 479 15.40 -16.22 -7.21
CA SER B 479 14.63 -15.00 -7.01
C SER B 479 15.52 -13.76 -7.18
N LYS B 480 14.88 -12.67 -7.60
CA LYS B 480 15.51 -11.36 -7.75
C LYS B 480 16.68 -11.45 -8.72
N ASN B 481 16.40 -11.91 -9.91
CA ASN B 481 17.37 -11.92 -11.00
C ASN B 481 16.79 -11.17 -12.21
N SER B 482 17.46 -11.31 -13.36
CA SER B 482 17.06 -10.61 -14.59
C SER B 482 16.56 -11.57 -15.68
N ILE B 483 15.96 -12.71 -15.29
CA ILE B 483 15.45 -13.67 -16.27
C ILE B 483 14.18 -13.10 -16.93
N PHE B 484 14.22 -12.88 -18.24
CA PHE B 484 13.05 -12.36 -18.91
C PHE B 484 12.34 -13.34 -19.83
N PHE B 485 12.94 -14.49 -20.16
CA PHE B 485 12.27 -15.49 -20.98
C PHE B 485 12.67 -16.87 -20.51
N ILE B 486 11.69 -17.78 -20.45
CA ILE B 486 11.91 -19.15 -20.01
C ILE B 486 11.67 -20.08 -21.20
N LYS B 487 12.58 -21.01 -21.40
CA LYS B 487 12.41 -22.10 -22.35
C LYS B 487 12.75 -23.39 -21.62
N SER B 488 12.14 -24.50 -22.05
CA SER B 488 12.33 -25.79 -21.37
C SER B 488 13.80 -26.15 -21.24
N SER B 489 14.60 -25.85 -22.28
CA SER B 489 16.01 -26.17 -22.27
C SER B 489 16.76 -25.61 -21.06
N ASP B 490 16.28 -24.49 -20.50
CA ASP B 490 16.96 -23.83 -19.39
C ASP B 490 17.06 -24.72 -18.16
N PHE B 491 16.18 -25.72 -18.03
CA PHE B 491 16.15 -26.61 -16.88
C PHE B 491 16.60 -28.02 -17.22
N GLN B 492 17.33 -28.20 -18.33
CA GLN B 492 17.79 -29.53 -18.68
C GLN B 492 18.62 -30.09 -17.53
N HIS B 493 18.38 -31.36 -17.23
CA HIS B 493 19.09 -32.12 -16.21
C HIS B 493 18.74 -31.70 -14.80
N LEU B 494 17.67 -30.96 -14.58
CA LEU B 494 17.31 -30.59 -13.21
C LEU B 494 15.95 -31.15 -12.77
N SER B 495 15.66 -32.39 -13.18
CA SER B 495 14.41 -33.05 -12.83
C SER B 495 14.23 -33.26 -11.33
N PHE B 496 15.34 -33.28 -10.58
CA PHE B 496 15.28 -33.56 -9.16
C PHE B 496 14.65 -32.44 -8.33
N LEU B 497 14.52 -31.24 -8.90
CA LEU B 497 14.10 -30.09 -8.12
C LEU B 497 12.69 -30.25 -7.56
N LYS B 498 12.52 -29.88 -6.29
CA LYS B 498 11.23 -29.89 -5.62
C LYS B 498 10.61 -28.50 -5.52
N CYS B 499 11.43 -27.46 -5.30
CA CYS B 499 10.99 -26.06 -5.24
C CYS B 499 11.90 -25.21 -6.12
N LEU B 500 11.29 -24.38 -6.96
CA LEU B 500 11.99 -23.47 -7.85
C LEU B 500 11.47 -22.06 -7.56
N ASN B 501 12.37 -21.15 -7.18
CA ASN B 501 11.97 -19.79 -6.83
C ASN B 501 12.33 -18.85 -7.97
N LEU B 502 11.31 -18.42 -8.72
CA LEU B 502 11.51 -17.43 -9.76
C LEU B 502 10.99 -16.04 -9.38
N SER B 503 10.65 -15.83 -8.11
CA SER B 503 10.06 -14.57 -7.70
C SER B 503 10.94 -13.39 -8.04
N GLY B 504 10.31 -12.29 -8.45
CA GLY B 504 11.05 -11.06 -8.62
C GLY B 504 11.99 -11.06 -9.79
N ASN B 505 11.64 -11.75 -10.85
CA ASN B 505 12.38 -11.66 -12.09
C ASN B 505 11.60 -10.72 -13.02
N LEU B 506 11.83 -10.85 -14.34
CA LEU B 506 11.18 -9.98 -15.30
C LEU B 506 10.44 -10.78 -16.38
N ILE B 507 9.92 -11.95 -16.00
CA ILE B 507 9.29 -12.84 -16.95
C ILE B 507 7.96 -12.25 -17.39
N SER B 508 7.84 -11.96 -18.68
CA SER B 508 6.72 -11.22 -19.26
C SER B 508 6.25 -12.01 -20.47
N GLN B 509 5.63 -13.15 -20.22
CA GLN B 509 5.54 -14.21 -21.20
C GLN B 509 4.20 -14.90 -21.05
N THR B 510 3.66 -15.39 -22.16
CA THR B 510 2.54 -16.32 -22.11
C THR B 510 3.10 -17.73 -22.02
N LEU B 511 2.83 -18.42 -20.92
CA LEU B 511 3.18 -19.81 -20.75
C LEU B 511 2.09 -20.71 -21.31
N ASN B 512 2.46 -21.62 -22.21
CA ASN B 512 1.52 -22.57 -22.81
C ASN B 512 1.76 -23.98 -22.29
N GLY B 513 2.47 -24.13 -21.19
CA GLY B 513 2.75 -25.44 -20.66
C GLY B 513 4.01 -26.09 -21.20
N SER B 514 4.77 -25.41 -22.05
CA SER B 514 5.97 -25.99 -22.65
C SER B 514 7.25 -25.49 -22.01
N GLU B 515 7.16 -24.69 -20.95
CA GLU B 515 8.34 -23.98 -20.47
C GLU B 515 9.08 -24.73 -19.36
N PHE B 516 8.41 -25.62 -18.64
CA PHE B 516 9.01 -26.28 -17.48
C PHE B 516 9.12 -27.80 -17.66
N GLN B 517 9.22 -28.30 -18.90
CA GLN B 517 9.15 -29.75 -19.12
C GLN B 517 10.08 -30.56 -18.24
N PRO B 518 11.36 -30.19 -18.05
CA PRO B 518 12.26 -31.08 -17.30
C PRO B 518 11.92 -31.21 -15.81
N LEU B 519 11.10 -30.33 -15.25
CA LEU B 519 10.92 -30.27 -13.80
C LEU B 519 9.79 -31.22 -13.38
N ALA B 520 10.03 -32.51 -13.65
CA ALA B 520 8.98 -33.50 -13.48
C ALA B 520 8.58 -33.72 -12.03
N GLU B 521 9.39 -33.30 -11.07
CA GLU B 521 9.07 -33.56 -9.66
C GLU B 521 8.78 -32.29 -8.87
N LEU B 522 8.74 -31.13 -9.53
CA LEU B 522 8.61 -29.85 -8.84
C LEU B 522 7.30 -29.77 -8.06
N ARG B 523 7.41 -29.44 -6.78
CA ARG B 523 6.24 -29.33 -5.92
C ARG B 523 5.87 -27.90 -5.58
N TYR B 524 6.85 -26.98 -5.58
CA TYR B 524 6.65 -25.59 -5.18
C TYR B 524 7.26 -24.71 -6.27
N LEU B 525 6.42 -23.89 -6.89
CA LEU B 525 6.87 -22.90 -7.85
C LEU B 525 6.48 -21.53 -7.35
N ASP B 526 7.47 -20.70 -7.05
CA ASP B 526 7.26 -19.31 -6.70
C ASP B 526 7.51 -18.48 -7.95
N PHE B 527 6.43 -17.93 -8.51
CA PHE B 527 6.44 -17.12 -9.72
C PHE B 527 5.92 -15.72 -9.43
N SER B 528 5.97 -15.30 -8.16
CA SER B 528 5.45 -14.00 -7.78
C SER B 528 6.37 -12.88 -8.27
N ASN B 529 5.80 -11.67 -8.37
CA ASN B 529 6.55 -10.50 -8.86
C ASN B 529 7.18 -10.74 -10.21
N ASN B 530 6.34 -11.12 -11.16
CA ASN B 530 6.75 -11.21 -12.56
C ASN B 530 5.66 -10.55 -13.38
N ARG B 531 5.61 -10.84 -14.67
CA ARG B 531 4.56 -10.30 -15.53
C ARG B 531 3.89 -11.45 -16.28
N LEU B 532 3.40 -12.43 -15.52
CA LEU B 532 2.79 -13.59 -16.16
C LEU B 532 1.60 -13.17 -17.03
N ASP B 533 1.52 -13.73 -18.23
CA ASP B 533 0.41 -13.45 -19.13
C ASP B 533 -0.39 -14.73 -19.31
N LEU B 534 -1.50 -14.84 -18.57
CA LEU B 534 -2.36 -16.02 -18.61
C LEU B 534 -3.25 -16.02 -19.86
N LEU B 535 -2.61 -15.97 -21.03
CA LEU B 535 -3.34 -16.13 -22.28
C LEU B 535 -3.86 -17.54 -22.45
N HIS B 536 -3.04 -18.53 -22.08
CA HIS B 536 -3.33 -19.93 -22.36
C HIS B 536 -3.73 -20.62 -21.07
N SER B 537 -4.85 -21.33 -21.10
CA SER B 537 -5.27 -22.09 -19.94
C SER B 537 -4.47 -23.37 -19.76
N THR B 538 -3.48 -23.61 -20.62
CA THR B 538 -2.50 -24.68 -20.46
C THR B 538 -1.22 -24.19 -19.78
N ALA B 539 -1.24 -23.01 -19.18
CA ALA B 539 -0.09 -22.57 -18.40
C ALA B 539 0.15 -23.53 -17.23
N PHE B 540 1.42 -23.83 -16.97
CA PHE B 540 1.87 -24.65 -15.85
C PHE B 540 1.43 -26.12 -15.91
N GLU B 541 0.66 -26.54 -16.92
CA GLU B 541 0.11 -27.89 -16.86
C GLU B 541 1.18 -28.96 -16.96
N GLU B 542 2.39 -28.63 -17.43
CA GLU B 542 3.47 -29.61 -17.49
C GLU B 542 4.01 -29.97 -16.11
N LEU B 543 3.74 -29.16 -15.09
CA LEU B 543 4.27 -29.43 -13.75
C LEU B 543 3.28 -30.33 -13.01
N ARG B 544 3.28 -31.60 -13.42
CA ARG B 544 2.19 -32.45 -12.96
C ARG B 544 2.37 -32.89 -11.50
N LYS B 545 3.41 -32.45 -10.81
CA LYS B 545 3.56 -32.71 -9.38
C LYS B 545 3.38 -31.44 -8.55
N LEU B 546 2.94 -30.35 -9.16
CA LEU B 546 2.89 -29.06 -8.49
C LEU B 546 1.83 -29.07 -7.40
N GLU B 547 2.24 -28.84 -6.14
CA GLU B 547 1.30 -28.74 -5.03
C GLU B 547 0.99 -27.31 -4.59
N VAL B 548 1.91 -26.35 -4.74
CA VAL B 548 1.67 -24.95 -4.41
C VAL B 548 2.25 -24.10 -5.52
N LEU B 549 1.48 -23.10 -5.98
CA LEU B 549 1.87 -22.17 -7.04
C LEU B 549 1.60 -20.75 -6.55
N ASP B 550 2.63 -19.91 -6.53
CA ASP B 550 2.44 -18.50 -6.21
C ASP B 550 2.58 -17.70 -7.49
N ILE B 551 1.48 -17.14 -7.97
CA ILE B 551 1.57 -16.21 -9.09
C ILE B 551 1.11 -14.83 -8.63
N SER B 552 1.40 -14.49 -7.37
CA SER B 552 1.04 -13.19 -6.83
C SER B 552 1.91 -12.08 -7.41
N SER B 553 1.36 -10.87 -7.42
CA SER B 553 2.05 -9.70 -7.95
C SER B 553 2.51 -9.93 -9.38
N ASN B 554 1.57 -10.45 -10.18
CA ASN B 554 1.74 -10.51 -11.63
C ASN B 554 0.62 -9.67 -12.23
N SER B 555 0.49 -8.43 -11.75
CA SER B 555 -0.65 -7.61 -12.10
C SER B 555 -0.51 -6.97 -13.46
N HIS B 556 0.71 -6.86 -14.00
CA HIS B 556 0.95 -6.10 -15.21
C HIS B 556 -0.12 -6.30 -16.26
N TYR B 557 -0.24 -7.52 -16.77
CA TYR B 557 -1.17 -7.74 -17.86
C TYR B 557 -2.62 -7.65 -17.41
N PHE B 558 -2.90 -7.81 -16.12
CA PHE B 558 -4.27 -7.65 -15.68
C PHE B 558 -4.70 -6.20 -15.60
N GLN B 559 -3.75 -5.25 -15.68
CA GLN B 559 -4.06 -3.85 -15.50
C GLN B 559 -4.50 -3.17 -16.77
N SER B 560 -4.45 -3.85 -17.91
CA SER B 560 -4.72 -3.19 -19.18
C SER B 560 -5.96 -3.80 -19.82
N GLU B 561 -6.91 -2.93 -20.17
CA GLU B 561 -8.23 -3.36 -20.62
C GLU B 561 -8.16 -4.14 -21.93
N GLY B 562 -9.07 -5.10 -22.07
CA GLY B 562 -9.30 -5.79 -23.33
C GLY B 562 -8.44 -7.02 -23.58
N ILE B 563 -7.58 -7.39 -22.65
CA ILE B 563 -6.64 -8.49 -22.79
C ILE B 563 -7.27 -9.78 -22.26
N THR B 564 -7.00 -10.92 -22.93
CA THR B 564 -7.59 -12.19 -22.53
C THR B 564 -6.83 -12.78 -21.34
N HIS B 565 -7.57 -13.21 -20.32
CA HIS B 565 -7.01 -13.92 -19.18
C HIS B 565 -7.79 -15.21 -18.97
N MET B 566 -7.10 -16.34 -18.93
CA MET B 566 -7.73 -17.64 -18.69
C MET B 566 -7.45 -18.02 -17.24
N LEU B 567 -8.43 -17.77 -16.37
CA LEU B 567 -8.28 -18.15 -14.97
C LEU B 567 -8.62 -19.60 -14.70
N ASN B 568 -9.15 -20.33 -15.70
CA ASN B 568 -9.42 -21.74 -15.53
C ASN B 568 -8.21 -22.60 -15.83
N PHE B 569 -7.00 -22.04 -15.77
CA PHE B 569 -5.82 -22.86 -15.98
C PHE B 569 -5.61 -23.91 -14.89
N THR B 570 -6.34 -23.83 -13.77
CA THR B 570 -6.13 -24.76 -12.65
C THR B 570 -6.58 -26.18 -12.96
N LYS B 571 -7.41 -26.36 -14.00
CA LYS B 571 -8.01 -27.67 -14.25
C LYS B 571 -6.97 -28.74 -14.50
N ASN B 572 -5.84 -28.39 -15.13
CA ASN B 572 -4.89 -29.41 -15.55
C ASN B 572 -3.98 -29.88 -14.43
N LEU B 573 -3.89 -29.14 -13.33
CA LEU B 573 -2.95 -29.45 -12.25
C LEU B 573 -3.66 -30.28 -11.21
N LYS B 574 -3.46 -31.58 -11.29
CA LYS B 574 -4.30 -32.53 -10.58
C LYS B 574 -3.88 -32.71 -9.12
N VAL B 575 -2.73 -32.19 -8.71
CA VAL B 575 -2.28 -32.30 -7.33
C VAL B 575 -2.06 -30.94 -6.68
N LEU B 576 -2.56 -29.87 -7.28
CA LEU B 576 -2.36 -28.52 -6.76
C LEU B 576 -3.14 -28.35 -5.46
N GLN B 577 -2.43 -28.01 -4.38
CA GLN B 577 -3.08 -27.77 -3.09
C GLN B 577 -3.35 -26.30 -2.84
N LYS B 578 -2.35 -25.45 -3.10
CA LYS B 578 -2.38 -24.06 -2.68
C LYS B 578 -2.04 -23.16 -3.87
N LEU B 579 -2.92 -22.21 -4.16
CA LEU B 579 -2.71 -21.27 -5.23
C LEU B 579 -2.78 -19.87 -4.65
N MET B 580 -1.71 -19.09 -4.82
CA MET B 580 -1.70 -17.71 -4.38
C MET B 580 -1.70 -16.81 -5.60
N MET B 581 -2.77 -16.03 -5.75
CA MET B 581 -2.80 -15.02 -6.78
C MET B 581 -3.17 -13.68 -6.16
N ASN B 582 -2.42 -13.35 -5.11
CA ASN B 582 -2.62 -12.09 -4.41
C ASN B 582 -2.10 -10.90 -5.22
N ASP B 583 -2.77 -9.76 -5.03
CA ASP B 583 -2.28 -8.46 -5.50
C ASP B 583 -2.12 -8.45 -7.01
N ASN B 584 -3.06 -9.07 -7.71
CA ASN B 584 -2.92 -9.12 -9.16
C ASN B 584 -3.81 -8.11 -9.88
N ASP B 585 -4.70 -7.43 -9.18
CA ASP B 585 -5.53 -6.40 -9.78
C ASP B 585 -6.52 -6.99 -10.77
N ILE B 586 -6.83 -8.29 -10.62
CA ILE B 586 -7.73 -8.97 -11.55
C ILE B 586 -9.11 -8.34 -11.48
N SER B 587 -9.57 -7.83 -12.61
CA SER B 587 -10.89 -7.24 -12.69
C SER B 587 -11.74 -7.84 -13.80
N SER B 588 -11.19 -8.75 -14.58
CA SER B 588 -11.83 -9.29 -15.76
C SER B 588 -11.30 -10.70 -15.97
N SER B 589 -12.10 -11.53 -16.63
CA SER B 589 -11.65 -12.88 -16.90
C SER B 589 -12.44 -13.41 -18.08
N THR B 590 -11.73 -13.93 -19.07
CA THR B 590 -12.39 -14.55 -20.22
C THR B 590 -13.17 -15.78 -19.79
N SER B 591 -12.59 -16.60 -18.92
CA SER B 591 -13.29 -17.76 -18.39
C SER B 591 -14.10 -17.37 -17.17
N ARG B 592 -15.24 -18.04 -17.00
CA ARG B 592 -16.19 -17.68 -15.97
C ARG B 592 -16.14 -18.60 -14.76
N THR B 593 -15.42 -19.73 -14.83
CA THR B 593 -15.28 -20.62 -13.69
C THR B 593 -13.81 -21.02 -13.53
N MET B 594 -13.37 -21.11 -12.28
CA MET B 594 -12.11 -21.79 -11.95
C MET B 594 -12.41 -23.21 -11.52
N GLU B 595 -11.57 -24.14 -11.97
CA GLU B 595 -11.84 -25.56 -11.83
C GLU B 595 -10.67 -26.26 -11.15
N SER B 596 -10.94 -26.99 -10.08
CA SER B 596 -9.95 -27.88 -9.51
C SER B 596 -10.67 -28.90 -8.65
N GLU B 597 -10.22 -30.14 -8.72
CA GLU B 597 -10.69 -31.16 -7.81
C GLU B 597 -9.72 -31.41 -6.66
N SER B 598 -8.60 -30.69 -6.63
CA SER B 598 -7.59 -30.88 -5.61
C SER B 598 -7.38 -29.68 -4.71
N LEU B 599 -7.57 -28.47 -5.24
CA LEU B 599 -7.15 -27.25 -4.54
C LEU B 599 -7.90 -27.05 -3.22
N ARG B 600 -7.16 -26.85 -2.13
CA ARG B 600 -7.79 -26.62 -0.83
C ARG B 600 -7.67 -25.18 -0.35
N THR B 601 -6.68 -24.44 -0.82
CA THR B 601 -6.44 -23.09 -0.36
C THR B 601 -6.25 -22.17 -1.55
N LEU B 602 -7.00 -21.07 -1.58
CA LEU B 602 -6.88 -20.07 -2.63
C LEU B 602 -6.73 -18.68 -2.02
N GLU B 603 -5.60 -18.04 -2.28
CA GLU B 603 -5.38 -16.65 -1.87
C GLU B 603 -5.66 -15.74 -3.07
N PHE B 604 -6.70 -14.93 -2.96
CA PHE B 604 -7.22 -14.07 -4.03
C PHE B 604 -7.35 -12.62 -3.55
N ARG B 605 -6.40 -12.17 -2.74
CA ARG B 605 -6.49 -10.89 -2.08
C ARG B 605 -5.85 -9.80 -2.93
N GLY B 606 -6.34 -8.58 -2.82
CA GLY B 606 -5.77 -7.50 -3.62
C GLY B 606 -6.16 -7.59 -5.08
N ASN B 607 -7.42 -7.91 -5.36
CA ASN B 607 -7.92 -8.02 -6.73
C ASN B 607 -9.17 -7.15 -6.82
N HIS B 608 -9.99 -7.37 -7.82
CA HIS B 608 -11.15 -6.50 -8.01
C HIS B 608 -12.41 -7.31 -8.20
N LEU B 609 -12.69 -8.21 -7.25
CA LEU B 609 -13.96 -8.91 -7.29
C LEU B 609 -15.13 -7.95 -7.26
N ASP B 610 -14.92 -6.73 -6.76
CA ASP B 610 -15.98 -5.75 -6.85
C ASP B 610 -16.37 -5.46 -8.30
N VAL B 611 -15.41 -5.49 -9.21
CA VAL B 611 -15.71 -5.27 -10.63
C VAL B 611 -16.31 -6.53 -11.26
N LEU B 612 -15.75 -7.71 -10.97
CA LEU B 612 -16.28 -8.94 -11.55
C LEU B 612 -17.70 -9.21 -11.10
N TRP B 613 -18.02 -8.82 -9.87
CA TRP B 613 -19.34 -9.02 -9.27
C TRP B 613 -20.15 -7.74 -9.24
N ARG B 614 -19.86 -6.79 -10.14
CA ARG B 614 -20.63 -5.56 -10.25
C ARG B 614 -22.13 -5.89 -10.29
N ASP B 615 -22.90 -5.26 -9.43
CA ASP B 615 -24.32 -5.56 -9.33
C ASP B 615 -24.97 -5.48 -10.71
N GLY B 616 -25.69 -6.52 -11.07
CA GLY B 616 -26.29 -6.63 -12.39
C GLY B 616 -25.59 -7.59 -13.33
N ASP B 617 -24.30 -7.87 -13.11
CA ASP B 617 -23.53 -8.83 -13.90
C ASP B 617 -23.39 -10.13 -13.11
N ASN B 618 -24.14 -11.16 -13.50
CA ASN B 618 -24.22 -12.42 -12.81
C ASN B 618 -23.17 -13.44 -13.24
N ARG B 619 -22.31 -13.12 -14.22
CA ARG B 619 -21.54 -14.16 -14.90
C ARG B 619 -20.39 -14.73 -14.08
N TYR B 620 -19.95 -14.04 -13.03
CA TYR B 620 -18.82 -14.54 -12.24
C TYR B 620 -19.21 -14.94 -10.82
N LEU B 621 -20.51 -15.04 -10.53
CA LEU B 621 -20.96 -15.38 -9.18
C LEU B 621 -20.63 -16.81 -8.80
N GLN B 622 -20.20 -17.66 -9.74
CA GLN B 622 -19.74 -19.00 -9.43
C GLN B 622 -18.28 -19.19 -9.83
N LEU B 623 -17.50 -18.11 -9.77
CA LEU B 623 -16.09 -18.20 -10.14
C LEU B 623 -15.36 -19.31 -9.38
N PHE B 624 -15.64 -19.46 -8.09
CA PHE B 624 -14.95 -20.42 -7.24
C PHE B 624 -15.76 -21.69 -6.96
N LYS B 625 -16.98 -21.81 -7.49
CA LYS B 625 -17.89 -22.89 -7.08
C LYS B 625 -17.30 -24.28 -7.37
N ASN B 626 -16.59 -24.44 -8.48
CA ASN B 626 -16.09 -25.75 -8.86
C ASN B 626 -14.67 -26.03 -8.35
N LEU B 627 -14.21 -25.25 -7.37
CA LEU B 627 -13.05 -25.64 -6.57
C LEU B 627 -13.61 -26.53 -5.48
N LEU B 628 -13.90 -27.79 -5.85
CA LEU B 628 -14.77 -28.64 -5.03
C LEU B 628 -14.19 -28.94 -3.66
N LYS B 629 -12.87 -29.05 -3.54
CA LYS B 629 -12.22 -29.37 -2.28
C LYS B 629 -11.70 -28.14 -1.54
N LEU B 630 -11.98 -26.94 -2.04
CA LEU B 630 -11.45 -25.70 -1.46
C LEU B 630 -11.97 -25.50 -0.06
N GLU B 631 -11.05 -25.27 0.88
CA GLU B 631 -11.41 -25.06 2.27
C GLU B 631 -11.08 -23.66 2.79
N GLU B 632 -10.09 -22.97 2.21
CA GLU B 632 -9.66 -21.67 2.69
C GLU B 632 -9.66 -20.71 1.51
N LEU B 633 -10.42 -19.63 1.63
CA LEU B 633 -10.56 -18.64 0.57
C LEU B 633 -10.28 -17.27 1.16
N ASP B 634 -9.32 -16.56 0.59
CA ASP B 634 -8.99 -15.22 1.04
C ASP B 634 -9.41 -14.21 -0.01
N ILE B 635 -10.52 -13.49 0.23
CA ILE B 635 -10.90 -12.43 -0.72
C ILE B 635 -11.00 -11.10 0.01
N SER B 636 -10.09 -10.89 0.96
CA SER B 636 -9.86 -9.58 1.54
C SER B 636 -9.26 -8.63 0.49
N LYS B 637 -9.29 -7.34 0.81
CA LYS B 637 -8.72 -6.29 -0.06
C LYS B 637 -9.22 -6.44 -1.49
N ASN B 638 -10.56 -6.51 -1.62
CA ASN B 638 -11.15 -6.64 -2.95
C ASN B 638 -12.19 -5.55 -3.20
N SER B 639 -12.19 -4.49 -2.40
CA SER B 639 -13.06 -3.32 -2.59
C SER B 639 -14.54 -3.70 -2.59
N LEU B 640 -14.89 -4.76 -1.88
CA LEU B 640 -16.26 -5.26 -1.84
C LEU B 640 -17.03 -4.46 -0.80
N SER B 641 -17.57 -3.32 -1.22
CA SER B 641 -18.37 -2.54 -0.29
C SER B 641 -19.69 -3.22 0.01
N PHE B 642 -20.08 -4.17 -0.82
CA PHE B 642 -21.23 -5.04 -0.53
C PHE B 642 -21.00 -6.37 -1.24
N LEU B 643 -21.78 -7.37 -0.84
CA LEU B 643 -21.73 -8.65 -1.54
C LEU B 643 -23.02 -8.85 -2.29
N PRO B 644 -23.01 -8.88 -3.61
CA PRO B 644 -24.26 -9.10 -4.36
C PRO B 644 -24.87 -10.43 -3.97
N SER B 645 -26.20 -10.48 -3.98
CA SER B 645 -26.88 -11.76 -3.78
C SER B 645 -26.41 -12.75 -4.83
N GLY B 646 -26.12 -13.97 -4.38
CA GLY B 646 -25.57 -15.00 -5.22
C GLY B 646 -24.14 -15.33 -4.92
N VAL B 647 -23.42 -14.43 -4.24
CA VAL B 647 -22.01 -14.66 -3.96
C VAL B 647 -21.86 -15.87 -3.03
N PHE B 648 -22.73 -15.96 -2.01
CA PHE B 648 -22.59 -17.04 -1.04
C PHE B 648 -23.04 -18.38 -1.62
N ASP B 649 -24.20 -18.39 -2.30
CA ASP B 649 -24.62 -19.58 -3.02
C ASP B 649 -23.54 -20.05 -3.98
N GLY B 650 -22.79 -19.13 -4.56
CA GLY B 650 -21.74 -19.52 -5.47
C GLY B 650 -20.49 -20.10 -4.83
N MET B 651 -20.43 -20.15 -3.49
CA MET B 651 -19.19 -20.67 -2.89
C MET B 651 -19.11 -22.19 -3.01
N PRO B 652 -17.90 -22.73 -3.08
CA PRO B 652 -17.75 -24.19 -3.11
C PRO B 652 -18.24 -24.81 -1.81
N PRO B 653 -18.61 -26.08 -1.82
CA PRO B 653 -19.36 -26.65 -0.69
C PRO B 653 -18.53 -26.87 0.57
N ASN B 654 -17.20 -26.92 0.51
CA ASN B 654 -16.43 -27.31 1.69
C ASN B 654 -15.69 -26.15 2.36
N LEU B 655 -16.09 -24.91 2.08
CA LEU B 655 -15.40 -23.73 2.59
C LEU B 655 -15.40 -23.67 4.12
N LYS B 656 -14.20 -23.63 4.72
CA LYS B 656 -14.03 -23.61 6.17
C LYS B 656 -13.64 -22.26 6.73
N ASN B 657 -12.72 -21.55 6.07
CA ASN B 657 -12.11 -20.32 6.59
C ASN B 657 -12.20 -19.31 5.46
N LEU B 658 -12.99 -18.26 5.65
CA LEU B 658 -13.28 -17.27 4.60
C LEU B 658 -12.92 -15.88 5.13
N SER B 659 -11.97 -15.22 4.48
CA SER B 659 -11.61 -13.85 4.85
C SER B 659 -12.21 -12.85 3.86
N LEU B 660 -13.00 -11.92 4.42
CA LEU B 660 -13.54 -10.77 3.73
C LEU B 660 -13.00 -9.47 4.34
N ALA B 661 -11.83 -9.55 4.96
CA ALA B 661 -11.24 -8.40 5.64
C ALA B 661 -10.88 -7.28 4.67
N LYS B 662 -10.76 -6.08 5.21
CA LYS B 662 -10.20 -4.93 4.48
C LYS B 662 -10.95 -4.68 3.17
N ASN B 663 -12.27 -4.72 3.24
CA ASN B 663 -13.08 -4.58 2.05
C ASN B 663 -13.95 -3.34 2.00
N GLY B 664 -13.99 -2.54 3.08
CA GLY B 664 -14.97 -1.47 3.19
C GLY B 664 -16.41 -1.97 3.12
N LEU B 665 -16.66 -3.19 3.58
CA LEU B 665 -18.02 -3.73 3.66
C LEU B 665 -18.87 -2.81 4.52
N LYS B 666 -19.89 -2.20 3.92
CA LYS B 666 -20.83 -1.38 4.68
C LYS B 666 -22.05 -2.16 5.13
N SER B 667 -22.30 -3.32 4.54
CA SER B 667 -23.55 -4.03 4.81
C SER B 667 -23.33 -5.50 4.51
N PHE B 668 -24.09 -6.34 5.20
CA PHE B 668 -23.83 -7.77 5.16
C PHE B 668 -25.14 -8.48 5.50
N ILE B 669 -25.67 -9.27 4.57
CA ILE B 669 -26.86 -10.05 4.85
C ILE B 669 -26.41 -11.33 5.55
N TRP B 670 -26.48 -11.32 6.88
CA TRP B 670 -25.97 -12.43 7.68
C TRP B 670 -26.69 -13.73 7.39
N GLU B 671 -27.96 -13.66 7.00
CA GLU B 671 -28.75 -14.87 6.72
C GLU B 671 -28.09 -15.73 5.66
N LYS B 672 -27.48 -15.08 4.66
CA LYS B 672 -26.88 -15.80 3.55
C LYS B 672 -25.72 -16.67 3.98
N LEU B 673 -25.27 -16.55 5.24
CA LEU B 673 -24.28 -17.49 5.75
C LEU B 673 -24.85 -18.92 5.84
N ARG B 674 -26.17 -19.09 5.74
CA ARG B 674 -26.73 -20.44 5.76
C ARG B 674 -26.17 -21.30 4.63
N TYR B 675 -25.92 -20.70 3.45
CA TYR B 675 -25.38 -21.45 2.31
C TYR B 675 -24.03 -22.10 2.62
N LEU B 676 -23.25 -21.49 3.52
CA LEU B 676 -21.88 -21.94 3.77
C LEU B 676 -21.91 -22.94 4.92
N LYS B 677 -22.22 -24.19 4.57
CA LYS B 677 -22.56 -25.21 5.56
C LYS B 677 -21.35 -25.76 6.30
N ASN B 678 -20.13 -25.45 5.87
CA ASN B 678 -18.95 -25.91 6.57
C ASN B 678 -18.10 -24.76 7.11
N LEU B 679 -18.69 -23.58 7.21
CA LEU B 679 -17.95 -22.39 7.63
C LEU B 679 -17.52 -22.51 9.09
N GLU B 680 -16.22 -22.47 9.33
CA GLU B 680 -15.67 -22.45 10.69
C GLU B 680 -15.08 -21.11 11.07
N THR B 681 -14.41 -20.43 10.15
CA THR B 681 -13.80 -19.13 10.41
C THR B 681 -14.37 -18.08 9.46
N LEU B 682 -14.87 -16.98 10.01
CA LEU B 682 -15.34 -15.85 9.22
C LEU B 682 -14.58 -14.61 9.65
N ASP B 683 -13.71 -14.10 8.78
CA ASP B 683 -12.93 -12.91 9.08
C ASP B 683 -13.60 -11.72 8.39
N LEU B 684 -14.20 -10.84 9.18
CA LEU B 684 -14.77 -9.60 8.69
C LEU B 684 -14.04 -8.39 9.28
N SER B 685 -12.78 -8.56 9.67
CA SER B 685 -12.05 -7.48 10.31
C SER B 685 -11.82 -6.32 9.35
N HIS B 686 -11.69 -5.11 9.92
CA HIS B 686 -11.35 -3.90 9.16
C HIS B 686 -12.35 -3.63 8.03
N ASN B 687 -13.60 -3.44 8.42
CA ASN B 687 -14.67 -3.12 7.48
C ASN B 687 -15.48 -1.97 8.08
N GLN B 688 -16.69 -1.77 7.56
CA GLN B 688 -17.56 -0.69 8.01
C GLN B 688 -18.92 -1.22 8.47
N LEU B 689 -18.94 -2.44 8.98
CA LEU B 689 -20.20 -3.01 9.47
C LEU B 689 -20.66 -2.27 10.71
N THR B 690 -21.97 -2.04 10.80
CA THR B 690 -22.55 -1.39 11.96
C THR B 690 -23.44 -2.30 12.79
N THR B 691 -23.75 -3.51 12.31
CA THR B 691 -24.63 -4.41 13.04
C THR B 691 -24.13 -5.84 12.98
N VAL B 692 -24.57 -6.64 13.95
CA VAL B 692 -24.34 -8.09 13.99
C VAL B 692 -25.68 -8.77 13.74
N PRO B 693 -25.74 -10.09 13.52
CA PRO B 693 -27.04 -10.72 13.22
C PRO B 693 -27.96 -10.76 14.43
N GLU B 694 -29.27 -10.78 14.16
CA GLU B 694 -30.27 -10.86 15.24
C GLU B 694 -30.12 -12.14 16.03
N ARG B 695 -29.85 -13.26 15.36
CA ARG B 695 -29.47 -14.51 16.03
C ARG B 695 -28.40 -15.20 15.19
N LEU B 696 -27.16 -15.19 15.70
CA LEU B 696 -26.08 -15.85 14.97
C LEU B 696 -26.34 -17.34 14.84
N SER B 697 -27.11 -17.91 15.77
CA SER B 697 -27.55 -19.30 15.63
C SER B 697 -28.26 -19.52 14.29
N ASN B 698 -29.18 -18.63 13.93
CA ASN B 698 -30.01 -18.74 12.72
C ASN B 698 -29.24 -18.39 11.45
N CYS B 699 -27.95 -18.07 11.53
CA CYS B 699 -27.16 -17.63 10.39
C CYS B 699 -26.13 -18.65 9.95
N SER B 700 -25.45 -19.23 10.89
CA SER B 700 -24.44 -20.22 10.61
C SER B 700 -24.42 -21.04 11.86
N ARG B 701 -24.71 -22.29 11.69
CA ARG B 701 -24.84 -23.19 12.83
C ARG B 701 -23.63 -24.15 12.91
N SER B 702 -22.57 -23.80 12.18
CA SER B 702 -21.25 -24.39 12.32
C SER B 702 -20.18 -23.42 12.79
N LEU B 703 -20.44 -22.12 12.69
CA LEU B 703 -19.40 -21.11 12.79
C LEU B 703 -18.71 -21.17 14.15
N LYS B 704 -17.39 -21.31 14.14
CA LYS B 704 -16.59 -21.38 15.37
C LYS B 704 -15.87 -20.08 15.71
N ASN B 705 -15.30 -19.39 14.72
CA ASN B 705 -14.47 -18.21 14.96
C ASN B 705 -15.02 -17.05 14.15
N LEU B 706 -15.55 -16.04 14.82
CA LEU B 706 -16.11 -14.86 14.18
C LEU B 706 -15.22 -13.68 14.53
N ILE B 707 -14.63 -13.07 13.52
CA ILE B 707 -13.71 -11.95 13.71
C ILE B 707 -14.37 -10.69 13.17
N LEU B 708 -14.70 -9.76 14.07
CA LEU B 708 -15.39 -8.53 13.73
C LEU B 708 -14.63 -7.29 14.18
N LYS B 709 -13.32 -7.41 14.42
CA LYS B 709 -12.54 -6.27 14.90
C LYS B 709 -12.42 -5.18 13.85
N ASN B 710 -12.25 -3.93 14.32
CA ASN B 710 -12.21 -2.72 13.51
C ASN B 710 -13.40 -2.63 12.55
N ASN B 711 -14.56 -2.46 13.16
CA ASN B 711 -15.77 -2.10 12.43
C ASN B 711 -16.41 -0.93 13.17
N GLN B 712 -17.68 -0.69 12.89
CA GLN B 712 -18.39 0.45 13.41
C GLN B 712 -19.58 0.01 14.25
N ILE B 713 -19.48 -1.18 14.85
CA ILE B 713 -20.61 -1.76 15.56
C ILE B 713 -20.79 -0.98 16.86
N ARG B 714 -21.98 -0.42 17.05
CA ARG B 714 -22.27 0.42 18.20
C ARG B 714 -23.15 -0.24 19.25
N SER B 715 -23.78 -1.38 18.94
CA SER B 715 -24.62 -2.08 19.91
C SER B 715 -24.86 -3.50 19.40
N LEU B 716 -25.15 -4.38 20.33
CA LEU B 716 -25.43 -5.76 19.96
C LEU B 716 -26.93 -6.03 19.94
N THR B 717 -27.33 -6.90 19.02
CA THR B 717 -28.73 -7.30 18.96
C THR B 717 -29.13 -8.01 20.24
N LYS B 718 -30.41 -7.90 20.59
CA LYS B 718 -30.90 -8.34 21.90
C LYS B 718 -30.55 -9.79 22.17
N TYR B 719 -30.68 -10.67 21.18
CA TYR B 719 -30.44 -12.09 21.43
C TYR B 719 -29.26 -12.65 20.64
N PHE B 720 -28.30 -11.79 20.26
CA PHE B 720 -27.15 -12.09 19.42
C PHE B 720 -26.62 -13.53 19.48
N LEU B 721 -25.98 -13.93 20.57
CA LEU B 721 -25.27 -15.20 20.60
C LEU B 721 -26.09 -16.35 21.16
N GLN B 722 -27.40 -16.16 21.30
CA GLN B 722 -28.25 -17.12 21.99
C GLN B 722 -28.30 -18.44 21.23
N ASP B 723 -27.94 -19.53 21.93
CA ASP B 723 -27.84 -20.89 21.40
C ASP B 723 -26.77 -21.04 20.31
N ALA B 724 -25.80 -20.13 20.23
CA ALA B 724 -24.69 -20.30 19.29
C ALA B 724 -23.60 -21.19 19.89
N PHE B 725 -23.98 -22.43 20.19
CA PHE B 725 -23.17 -23.25 21.09
C PHE B 725 -21.80 -23.66 20.52
N GLN B 726 -21.58 -23.63 19.19
CA GLN B 726 -20.28 -24.04 18.68
C GLN B 726 -19.25 -22.92 18.68
N LEU B 727 -19.71 -21.68 18.86
CA LEU B 727 -18.81 -20.53 18.82
C LEU B 727 -17.71 -20.65 19.87
N ARG B 728 -16.46 -20.47 19.45
CA ARG B 728 -15.34 -20.62 20.37
C ARG B 728 -14.40 -19.44 20.41
N TYR B 729 -14.46 -18.51 19.44
CA TYR B 729 -13.56 -17.37 19.38
C TYR B 729 -14.37 -16.18 18.84
N LEU B 730 -14.37 -15.06 19.56
CA LEU B 730 -15.16 -13.92 19.13
C LEU B 730 -14.38 -12.63 19.35
N ASP B 731 -14.04 -11.93 18.27
CA ASP B 731 -13.30 -10.68 18.36
C ASP B 731 -14.23 -9.52 17.97
N LEU B 732 -14.55 -8.68 18.95
CA LEU B 732 -15.28 -7.43 18.73
C LEU B 732 -14.43 -6.22 19.08
N SER B 733 -13.11 -6.38 19.09
CA SER B 733 -12.28 -5.27 19.52
C SER B 733 -12.26 -4.16 18.46
N SER B 734 -11.95 -2.95 18.90
CA SER B 734 -11.87 -1.79 18.01
C SER B 734 -13.21 -1.60 17.27
N ASN B 735 -14.26 -1.50 18.06
CA ASN B 735 -15.56 -1.09 17.57
C ASN B 735 -15.98 0.09 18.42
N LYS B 736 -17.27 0.38 18.50
CA LYS B 736 -17.75 1.52 19.28
C LYS B 736 -18.90 1.08 20.19
N ILE B 737 -18.79 -0.11 20.77
CA ILE B 737 -19.86 -0.64 21.61
C ILE B 737 -19.90 0.13 22.92
N GLN B 738 -21.12 0.47 23.37
CA GLN B 738 -21.34 1.14 24.64
C GLN B 738 -21.82 0.22 25.75
N MET B 739 -22.64 -0.79 25.41
CA MET B 739 -23.36 -1.63 26.35
C MET B 739 -23.36 -3.06 25.86
N ILE B 740 -23.27 -4.02 26.76
CA ILE B 740 -23.51 -5.42 26.44
C ILE B 740 -24.36 -6.00 27.55
N GLN B 741 -25.53 -6.52 27.21
CA GLN B 741 -26.43 -7.10 28.19
C GLN B 741 -26.37 -8.61 28.12
N LYS B 742 -26.89 -9.26 29.17
CA LYS B 742 -26.80 -10.72 29.27
C LYS B 742 -27.60 -11.40 28.15
N THR B 743 -28.70 -10.79 27.70
CA THR B 743 -29.46 -11.33 26.58
C THR B 743 -28.57 -11.62 25.36
N SER B 744 -27.69 -10.67 25.01
CA SER B 744 -26.84 -10.86 23.86
C SER B 744 -25.74 -11.87 24.14
N PHE B 745 -25.34 -11.98 25.41
CA PHE B 745 -24.22 -12.82 25.82
C PHE B 745 -24.67 -13.82 26.88
N PRO B 746 -25.50 -14.79 26.52
CA PRO B 746 -25.85 -15.83 27.51
C PRO B 746 -24.60 -16.60 27.93
N GLU B 747 -24.52 -16.87 29.24
CA GLU B 747 -23.28 -17.40 29.83
C GLU B 747 -23.04 -18.86 29.48
N ASN B 748 -24.07 -19.59 29.03
CA ASN B 748 -23.83 -20.92 28.48
C ASN B 748 -23.08 -20.85 27.17
N VAL B 749 -23.11 -19.67 26.53
CA VAL B 749 -22.32 -19.44 25.33
C VAL B 749 -20.97 -18.82 25.65
N LEU B 750 -20.84 -17.95 26.66
CA LEU B 750 -19.50 -17.37 26.79
C LEU B 750 -18.49 -18.30 27.45
N ASN B 751 -18.93 -19.26 28.24
CA ASN B 751 -17.94 -20.14 28.81
C ASN B 751 -17.38 -21.11 27.77
N ASN B 752 -18.04 -21.22 26.62
CA ASN B 752 -17.49 -21.91 25.45
C ASN B 752 -16.15 -21.32 25.03
N LEU B 753 -15.99 -20.00 25.16
CA LEU B 753 -15.04 -19.25 24.34
C LEU B 753 -13.60 -19.49 24.79
N LYS B 754 -12.76 -19.91 23.84
CA LYS B 754 -11.32 -19.95 24.07
C LYS B 754 -10.77 -18.55 24.30
N MET B 755 -11.35 -17.56 23.60
CA MET B 755 -10.94 -16.17 23.74
C MET B 755 -12.12 -15.28 23.38
N LEU B 756 -12.16 -14.11 23.99
CA LEU B 756 -13.22 -13.12 23.73
C LEU B 756 -12.57 -11.75 23.77
N LEU B 757 -12.53 -11.07 22.63
CA LEU B 757 -11.83 -9.79 22.52
C LEU B 757 -12.82 -8.64 22.54
N LEU B 758 -12.59 -7.68 23.46
CA LEU B 758 -13.50 -6.55 23.61
C LEU B 758 -12.78 -5.22 23.72
N HIS B 759 -11.47 -5.18 23.58
CA HIS B 759 -10.75 -3.96 23.90
C HIS B 759 -11.01 -2.90 22.84
N HIS B 760 -10.78 -1.65 23.24
CA HIS B 760 -10.92 -0.49 22.38
C HIS B 760 -12.36 -0.35 21.87
N ASN B 761 -13.28 -0.28 22.83
CA ASN B 761 -14.68 0.01 22.56
C ASN B 761 -15.05 1.30 23.28
N ARG B 762 -16.35 1.60 23.34
CA ARG B 762 -16.79 2.85 23.96
C ARG B 762 -17.67 2.58 25.18
N PHE B 763 -17.21 1.69 26.06
CA PHE B 763 -18.05 1.16 27.15
C PHE B 763 -18.51 2.24 28.13
N LEU B 764 -19.78 2.19 28.50
CA LEU B 764 -20.35 3.19 29.38
C LEU B 764 -20.66 2.50 30.69
N CYS B 765 -20.04 2.96 31.76
CA CYS B 765 -20.01 2.24 33.03
C CYS B 765 -21.02 2.84 34.01
N THR B 766 -22.27 2.88 33.57
CA THR B 766 -23.40 3.22 34.41
C THR B 766 -23.94 1.97 35.10
N CYS B 767 -24.96 2.18 35.91
CA CYS B 767 -25.60 1.05 36.56
C CYS B 767 -26.28 0.13 35.56
N ASP B 768 -26.57 0.61 34.35
CA ASP B 768 -27.09 -0.31 33.34
C ASP B 768 -26.07 -1.39 32.99
N ALA B 769 -24.79 -1.13 33.27
CA ALA B 769 -23.69 -1.96 32.84
C ALA B 769 -23.29 -2.97 33.89
N VAL B 770 -24.17 -3.20 34.87
CA VAL B 770 -23.77 -3.89 36.08
C VAL B 770 -23.43 -5.35 35.80
N TRP B 771 -24.21 -6.03 34.95
CA TRP B 771 -23.94 -7.43 34.65
C TRP B 771 -22.64 -7.60 33.87
N PHE B 772 -22.42 -6.78 32.84
CA PHE B 772 -21.21 -6.91 32.02
C PHE B 772 -19.95 -6.70 32.86
N VAL B 773 -19.94 -5.65 33.68
CA VAL B 773 -18.79 -5.36 34.53
C VAL B 773 -18.54 -6.51 35.49
N TRP B 774 -19.60 -7.03 36.11
CA TRP B 774 -19.46 -8.15 37.01
C TRP B 774 -18.89 -9.36 36.29
N TRP B 775 -19.40 -9.65 35.10
CA TRP B 775 -18.96 -10.85 34.40
C TRP B 775 -17.51 -10.70 33.96
N VAL B 776 -17.14 -9.54 33.43
CA VAL B 776 -15.74 -9.31 33.00
C VAL B 776 -14.80 -9.52 34.18
N GLN B 777 -15.20 -9.09 35.36
CA GLN B 777 -14.32 -9.19 36.53
C GLN B 777 -14.18 -10.62 37.03
N HIS B 778 -15.21 -11.44 36.87
CA HIS B 778 -15.23 -12.76 37.46
C HIS B 778 -15.04 -13.89 36.46
N THR B 779 -14.84 -13.59 35.18
CA THR B 779 -14.86 -14.65 34.20
C THR B 779 -13.52 -15.37 34.09
N GLU B 780 -13.61 -16.64 33.73
CA GLU B 780 -12.44 -17.44 33.39
C GLU B 780 -12.02 -17.23 31.94
N VAL B 781 -12.96 -16.80 31.08
CA VAL B 781 -12.68 -16.63 29.67
C VAL B 781 -11.56 -15.63 29.47
N THR B 782 -10.68 -15.92 28.54
CA THR B 782 -9.53 -15.08 28.29
C THR B 782 -9.95 -13.81 27.55
N ILE B 783 -9.60 -12.66 28.11
CA ILE B 783 -9.94 -11.37 27.52
C ILE B 783 -8.65 -10.57 27.50
N PRO B 784 -7.94 -10.50 26.38
CA PRO B 784 -6.67 -9.78 26.37
C PRO B 784 -6.86 -8.30 26.65
N TYR B 785 -5.82 -7.67 27.17
CA TYR B 785 -5.75 -6.23 27.39
C TYR B 785 -6.73 -5.72 28.44
N LEU B 786 -7.20 -6.60 29.34
CA LEU B 786 -8.00 -6.11 30.48
C LEU B 786 -7.22 -5.10 31.32
N ALA B 787 -5.91 -5.26 31.42
CA ALA B 787 -5.15 -4.30 32.22
C ALA B 787 -5.04 -2.94 31.56
N THR B 788 -5.10 -2.89 30.23
CA THR B 788 -4.60 -1.72 29.52
C THR B 788 -5.58 -1.03 28.56
N ASP B 789 -6.60 -1.74 28.01
CA ASP B 789 -7.47 -1.11 27.02
C ASP B 789 -8.91 -1.60 27.07
N VAL B 790 -9.39 -2.05 28.22
CA VAL B 790 -10.81 -2.36 28.40
C VAL B 790 -11.33 -1.37 29.42
N THR B 791 -11.98 -0.34 28.92
CA THR B 791 -12.01 0.95 29.58
C THR B 791 -13.39 1.57 29.47
N CYS B 792 -13.76 2.29 30.52
CA CYS B 792 -14.94 3.12 30.46
C CYS B 792 -14.58 4.43 29.76
N VAL B 793 -15.41 4.85 28.82
CA VAL B 793 -15.29 6.20 28.28
C VAL B 793 -16.05 7.19 29.16
N GLY B 794 -17.03 6.71 29.91
CA GLY B 794 -17.82 7.52 30.81
C GLY B 794 -18.55 6.60 31.77
N PRO B 795 -19.40 7.16 32.64
CA PRO B 795 -19.71 8.59 32.68
C PRO B 795 -18.72 9.40 33.50
N GLY B 796 -18.23 10.51 32.94
CA GLY B 796 -17.39 11.48 33.63
C GLY B 796 -16.51 11.00 34.77
N ALA B 797 -17.14 10.57 35.87
CA ALA B 797 -16.41 10.06 37.02
C ALA B 797 -15.48 8.91 36.63
N HIS B 798 -16.00 7.95 35.85
CA HIS B 798 -15.26 6.76 35.51
C HIS B 798 -14.47 6.87 34.21
N LYS B 799 -14.36 8.07 33.61
CA LYS B 799 -13.73 8.16 32.30
C LYS B 799 -12.26 7.72 32.37
N GLY B 800 -11.83 6.98 31.36
CA GLY B 800 -10.51 6.39 31.31
C GLY B 800 -10.23 5.31 32.32
N GLN B 801 -11.21 4.89 33.09
CA GLN B 801 -11.00 3.87 34.10
C GLN B 801 -11.18 2.47 33.52
N SER B 802 -10.41 1.53 34.06
CA SER B 802 -10.47 0.14 33.62
C SER B 802 -11.73 -0.54 34.13
N VAL B 803 -12.38 -1.33 33.28
CA VAL B 803 -13.58 -2.06 33.69
C VAL B 803 -13.25 -3.06 34.78
N ILE B 804 -12.05 -3.64 34.74
CA ILE B 804 -11.69 -4.66 35.73
C ILE B 804 -11.62 -4.08 37.15
N SER B 805 -11.24 -2.81 37.30
CA SER B 805 -11.14 -2.18 38.61
C SER B 805 -12.43 -1.47 39.06
N LEU B 806 -13.48 -1.49 38.25
CA LEU B 806 -14.66 -0.66 38.51
C LEU B 806 -15.44 -1.10 39.75
N ASP B 807 -15.84 -0.13 40.56
CA ASP B 807 -16.65 -0.36 41.75
C ASP B 807 -18.03 0.23 41.51
N LEU B 808 -19.03 -0.64 41.40
CA LEU B 808 -20.39 -0.20 41.13
C LEU B 808 -21.30 -0.47 42.32
N TYR B 809 -20.75 -0.38 43.54
CA TYR B 809 -21.53 -0.69 44.73
C TYR B 809 -22.70 0.28 44.92
N THR B 810 -22.53 1.55 44.51
CA THR B 810 -23.62 2.51 44.64
C THR B 810 -24.86 2.10 43.87
N CYS B 811 -24.75 1.15 42.94
CA CYS B 811 -25.93 0.66 42.25
C CYS B 811 -26.73 -0.35 43.09
N GLU B 812 -26.25 -0.72 44.28
CA GLU B 812 -26.91 -1.74 45.08
C GLU B 812 -27.33 -1.22 46.45
N LEU B 813 -27.41 0.10 46.63
CA LEU B 813 -27.78 0.64 47.93
C LEU B 813 -29.28 0.48 48.19
#